data_4D0D
#
_entry.id   4D0D
#
_cell.length_a   88.080
_cell.length_b   92.540
_cell.length_c   223.630
_cell.angle_alpha   90.00
_cell.angle_beta   90.00
_cell.angle_gamma   90.00
#
_symmetry.space_group_name_H-M   'P 21 21 21'
#
loop_
_entity.id
_entity.type
_entity.pdbx_description
1 polymer 'MAJOR HISTOCOMPATIBILITY COMPLEX CLASS I GLYCOPROTEIN HAPLOTYPE B2'
2 polymer BETA-2-MICROGLOBULIN
3 polymer 'SLP-76 ADAPTOR PROTEIN'
4 water water
#
loop_
_entity_poly.entity_id
_entity_poly.type
_entity_poly.pdbx_seq_one_letter_code
_entity_poly.pdbx_strand_id
1 'polypeptide(L)'
;ELHTLRYIRTAMTDPGPGLPWYVDVGYVDGELFVHYNSTARRYVPRTEWIAAKADQQYWDGQTQIGQGNEQIDRENLGIL
QRRYNQTGGSHTVQWMYGCDILEGGPIRGYYQMAYDGRDFTAFDKGTMTFTAAVPEAVPTKRKWEEGDYAEGLKQYLEET
CVEWLRRYVEYGKAELGRRERPEVRVWGKEADGILTLSCRAHGFYPRPIVVSWLKDGAVRGQDAHSGGIVPNGDGTYHTW
VTIDAQPGDGDKYQCRVEHASLPQPGLYSWEPRSGGGLNDIFEAQKIEWHENSSSVDKLAAALEHHHHHH
;
A,D,G,J
2 'polypeptide(L)'
;DLTPKVQVYSRFPASAGTKNVLNCFAAGFHPPKISITLMKDGVPMEGAQYSDMSFNDDWTFQRLVHADFTPSSGSTYACK
VEHETLKEPQVYKWDPEF
;
B,E,H,K
3 'polypeptide(L)' VIFPAKSL C,F,I,L
#
# COMPACT_ATOMS: atom_id res chain seq x y z
N GLU A 1 -9.41 28.14 -5.38
CA GLU A 1 -9.25 26.96 -4.52
C GLU A 1 -8.38 27.28 -3.28
N LEU A 2 -7.03 27.16 -3.38
CA LEU A 2 -6.13 27.43 -2.27
C LEU A 2 -5.54 28.83 -2.35
N HIS A 3 -5.65 29.58 -1.24
CA HIS A 3 -5.12 30.94 -1.11
C HIS A 3 -4.40 31.07 0.22
N THR A 4 -3.13 31.50 0.18
CA THR A 4 -2.30 31.62 1.38
C THR A 4 -1.86 33.05 1.67
N LEU A 5 -1.84 33.41 2.97
CA LEU A 5 -1.40 34.69 3.51
C LEU A 5 -0.25 34.42 4.47
N ARG A 6 0.84 35.21 4.36
CA ARG A 6 2.02 35.06 5.21
C ARG A 6 2.69 36.41 5.45
N TYR A 7 3.03 36.69 6.71
CA TYR A 7 3.70 37.93 7.11
C TYR A 7 5.08 37.65 7.69
N ILE A 8 6.12 37.81 6.85
CA ILE A 8 7.52 37.61 7.20
C ILE A 8 8.03 38.89 7.88
N ARG A 9 8.60 38.74 9.09
CA ARG A 9 9.11 39.87 9.88
C ARG A 9 10.52 39.57 10.41
N THR A 10 11.42 40.55 10.32
CA THR A 10 12.81 40.42 10.76
C THR A 10 13.26 41.63 11.59
N ALA A 11 13.90 41.35 12.75
CA ALA A 11 14.46 42.34 13.66
C ALA A 11 15.95 42.03 13.79
N MET A 12 16.81 42.96 13.31
CA MET A 12 18.26 42.76 13.28
C MET A 12 19.05 43.74 14.16
N THR A 13 20.21 43.28 14.66
CA THR A 13 21.15 44.07 15.47
C THR A 13 22.21 44.64 14.51
N ASP A 14 22.67 43.82 13.54
CA ASP A 14 23.67 44.17 12.53
C ASP A 14 23.04 44.08 11.12
N PRO A 15 22.37 45.17 10.64
CA PRO A 15 21.72 45.11 9.31
C PRO A 15 22.60 44.86 8.06
N GLY A 16 23.79 45.48 7.87
CA GLY A 16 24.52 46.39 8.74
C GLY A 16 24.62 47.82 8.24
N PRO A 17 25.53 48.12 7.28
CA PRO A 17 25.67 49.52 6.82
C PRO A 17 24.65 49.96 5.77
N GLY A 18 23.97 51.06 6.07
CA GLY A 18 22.94 51.67 5.21
C GLY A 18 21.74 50.81 4.92
N LEU A 19 21.39 49.91 5.85
CA LEU A 19 20.27 48.97 5.71
C LEU A 19 19.30 49.06 6.90
N PRO A 20 17.97 48.83 6.70
CA PRO A 20 17.03 48.91 7.83
C PRO A 20 17.13 47.69 8.75
N TRP A 21 17.02 47.93 10.08
CA TRP A 21 17.10 46.88 11.09
C TRP A 21 15.78 46.10 11.24
N TYR A 22 14.64 46.77 11.02
CA TYR A 22 13.30 46.20 11.13
C TYR A 22 12.62 46.19 9.76
N VAL A 23 12.21 44.99 9.30
CA VAL A 23 11.54 44.79 8.01
C VAL A 23 10.34 43.85 8.13
N ASP A 24 9.17 44.29 7.62
CA ASP A 24 7.93 43.52 7.61
C ASP A 24 7.46 43.37 6.16
N VAL A 25 7.51 42.14 5.65
CA VAL A 25 7.15 41.78 4.27
C VAL A 25 5.89 40.88 4.26
N GLY A 26 4.90 41.25 3.46
CA GLY A 26 3.65 40.53 3.31
C GLY A 26 3.55 39.72 2.04
N TYR A 27 2.77 38.62 2.07
CA TYR A 27 2.60 37.73 0.92
C TYR A 27 1.16 37.23 0.73
N VAL A 28 0.68 37.23 -0.53
CA VAL A 28 -0.64 36.73 -0.95
C VAL A 28 -0.39 35.73 -2.09
N ASP A 29 -0.68 34.44 -1.84
CA ASP A 29 -0.50 33.31 -2.76
C ASP A 29 0.97 33.18 -3.24
N GLY A 30 1.91 33.46 -2.34
CA GLY A 30 3.34 33.42 -2.60
C GLY A 30 3.89 34.62 -3.35
N GLU A 31 3.10 35.71 -3.42
CA GLU A 31 3.48 36.94 -4.11
C GLU A 31 3.48 38.15 -3.18
N LEU A 32 4.58 38.91 -3.20
CA LEU A 32 4.81 40.12 -2.40
C LEU A 32 3.79 41.21 -2.75
N PHE A 33 3.13 41.78 -1.74
CA PHE A 33 2.10 42.81 -1.92
C PHE A 33 2.29 44.04 -1.02
N VAL A 34 2.77 43.84 0.22
CA VAL A 34 2.97 44.92 1.18
C VAL A 34 4.38 44.87 1.82
N HIS A 35 4.92 46.05 2.20
CA HIS A 35 6.25 46.17 2.81
C HIS A 35 6.34 47.32 3.82
N TYR A 36 7.09 47.10 4.91
CA TYR A 36 7.36 48.07 5.98
C TYR A 36 8.85 48.01 6.34
N ASN A 37 9.46 49.18 6.57
CA ASN A 37 10.87 49.30 6.96
C ASN A 37 11.08 50.38 8.02
N SER A 38 12.09 50.18 8.89
CA SER A 38 12.45 51.07 10.00
C SER A 38 12.90 52.48 9.61
N THR A 39 13.33 52.68 8.34
CA THR A 39 13.79 53.99 7.86
C THR A 39 12.63 54.85 7.34
N ALA A 40 11.74 54.26 6.50
CA ALA A 40 10.58 54.94 5.94
C ALA A 40 9.45 55.11 6.96
N ARG A 41 9.28 54.12 7.86
CA ARG A 41 8.28 54.05 8.95
C ARG A 41 6.82 54.15 8.43
N ARG A 42 6.55 53.57 7.25
CA ARG A 42 5.22 53.56 6.63
C ARG A 42 5.02 52.33 5.75
N TYR A 43 3.80 51.76 5.77
CA TYR A 43 3.43 50.59 4.97
C TYR A 43 3.19 51.04 3.53
N VAL A 44 3.97 50.48 2.59
CA VAL A 44 3.91 50.85 1.16
C VAL A 44 3.45 49.69 0.26
N PRO A 45 2.64 49.96 -0.80
CA PRO A 45 2.21 48.87 -1.69
C PRO A 45 3.32 48.38 -2.63
N ARG A 46 3.21 47.11 -3.07
CA ARG A 46 4.18 46.49 -3.98
C ARG A 46 3.50 45.99 -5.27
N THR A 47 2.16 45.81 -5.25
CA THR A 47 1.36 45.39 -6.40
C THR A 47 0.29 46.46 -6.73
N GLU A 48 -0.20 46.46 -7.97
CA GLU A 48 -1.20 47.42 -8.46
C GLU A 48 -2.57 47.27 -7.81
N TRP A 49 -3.02 46.02 -7.59
CA TRP A 49 -4.33 45.72 -7.00
C TRP A 49 -4.49 46.19 -5.55
N ILE A 50 -3.41 46.14 -4.74
CA ILE A 50 -3.45 46.59 -3.35
C ILE A 50 -3.34 48.13 -3.25
N ALA A 51 -2.66 48.77 -4.21
CA ALA A 51 -2.47 50.23 -4.24
C ALA A 51 -3.75 51.01 -4.57
N ALA A 52 -4.57 50.49 -5.49
CA ALA A 52 -5.79 51.16 -5.96
C ALA A 52 -7.08 50.80 -5.23
N LYS A 53 -7.36 49.49 -5.07
CA LYS A 53 -8.60 49.00 -4.45
C LYS A 53 -8.66 49.18 -2.93
N ALA A 54 -7.52 49.35 -2.24
CA ALA A 54 -7.50 49.56 -0.79
C ALA A 54 -7.55 51.04 -0.44
N ASP A 55 -8.41 51.38 0.54
CA ASP A 55 -8.64 52.74 1.04
C ASP A 55 -7.41 53.33 1.75
N GLN A 56 -7.37 54.68 1.89
CA GLN A 56 -6.31 55.44 2.55
C GLN A 56 -6.30 55.15 4.07
N GLN A 57 -7.47 54.81 4.64
CA GLN A 57 -7.68 54.47 6.05
C GLN A 57 -6.91 53.20 6.40
N TYR A 58 -6.86 52.24 5.45
CA TYR A 58 -6.17 50.96 5.56
C TYR A 58 -4.65 51.17 5.69
N TRP A 59 -4.10 52.10 4.87
CA TRP A 59 -2.67 52.43 4.87
C TRP A 59 -2.23 53.12 6.16
N ASP A 60 -3.05 54.08 6.64
CA ASP A 60 -2.78 54.80 7.89
C ASP A 60 -2.98 53.90 9.11
N GLY A 61 -3.92 52.96 9.00
CA GLY A 61 -4.24 51.98 10.03
C GLY A 61 -3.15 50.96 10.24
N GLN A 62 -2.61 50.40 9.13
CA GLN A 62 -1.53 49.40 9.14
C GLN A 62 -0.22 50.01 9.65
N THR A 63 0.03 51.30 9.30
CA THR A 63 1.22 52.07 9.72
C THR A 63 1.19 52.30 11.24
N GLN A 64 -0.01 52.55 11.81
CA GLN A 64 -0.21 52.77 13.25
C GLN A 64 0.23 51.54 14.05
N ILE A 65 -0.18 50.34 13.60
CA ILE A 65 0.18 49.05 14.21
C ILE A 65 1.65 48.72 13.90
N GLY A 66 2.08 49.03 12.68
CA GLY A 66 3.44 48.83 12.18
C GLY A 66 4.50 49.57 12.97
N GLN A 67 4.21 50.85 13.32
CA GLN A 67 5.09 51.71 14.12
C GLN A 67 5.13 51.22 15.56
N GLY A 68 3.97 50.76 16.06
CA GLY A 68 3.81 50.21 17.41
C GLY A 68 4.59 48.93 17.59
N ASN A 69 4.51 48.02 16.60
CA ASN A 69 5.22 46.74 16.58
C ASN A 69 6.74 46.93 16.51
N GLU A 70 7.19 47.97 15.77
CA GLU A 70 8.60 48.34 15.62
C GLU A 70 9.23 48.69 16.97
N GLN A 71 8.50 49.47 17.79
CA GLN A 71 8.94 49.90 19.13
C GLN A 71 8.92 48.75 20.14
N ILE A 72 7.95 47.82 20.00
CA ILE A 72 7.82 46.64 20.85
C ILE A 72 8.93 45.63 20.53
N ASP A 73 9.20 45.40 19.23
CA ASP A 73 10.24 44.47 18.77
C ASP A 73 11.66 45.04 18.94
N ARG A 74 11.80 46.36 19.18
CA ARG A 74 13.08 47.04 19.41
C ARG A 74 13.66 46.58 20.76
N GLU A 75 12.80 46.55 21.80
CA GLU A 75 13.14 46.13 23.15
C GLU A 75 13.33 44.61 23.21
N ASN A 76 12.63 43.86 22.32
CA ASN A 76 12.68 42.41 22.20
C ASN A 76 14.09 41.88 21.90
N LEU A 77 14.93 42.68 21.19
CA LEU A 77 16.32 42.36 20.88
C LEU A 77 17.13 42.26 22.18
N GLY A 78 16.95 43.28 23.04
CA GLY A 78 17.61 43.37 24.34
C GLY A 78 17.11 42.35 25.34
N ILE A 79 15.79 42.04 25.29
CA ILE A 79 15.13 41.07 26.18
C ILE A 79 15.81 39.69 26.04
N LEU A 80 16.01 39.25 24.78
CA LEU A 80 16.64 37.98 24.45
C LEU A 80 18.13 37.98 24.81
N GLN A 81 18.85 39.09 24.50
CA GLN A 81 20.27 39.25 24.80
C GLN A 81 20.57 39.16 26.29
N ARG A 82 19.71 39.78 27.13
CA ARG A 82 19.85 39.75 28.60
C ARG A 82 19.50 38.38 29.18
N ARG A 83 18.58 37.66 28.53
CA ARG A 83 18.13 36.32 28.93
C ARG A 83 19.17 35.26 28.57
N TYR A 84 19.79 35.36 27.37
CA TYR A 84 20.81 34.45 26.87
C TYR A 84 22.22 34.78 27.43
N ASN A 85 22.32 35.87 28.23
CA ASN A 85 23.54 36.40 28.85
C ASN A 85 24.58 36.81 27.78
N GLN A 86 24.10 37.65 26.85
CA GLN A 86 24.84 38.17 25.71
C GLN A 86 25.04 39.68 25.83
N THR A 87 26.30 40.14 25.66
CA THR A 87 26.67 41.55 25.71
C THR A 87 26.36 42.28 24.37
N GLY A 88 26.47 41.55 23.26
CA GLY A 88 26.22 42.06 21.92
C GLY A 88 26.53 41.05 20.82
N GLY A 89 26.78 41.58 19.63
CA GLY A 89 27.09 40.79 18.43
C GLY A 89 25.96 40.72 17.43
N SER A 90 26.13 39.88 16.39
CA SER A 90 25.13 39.72 15.33
C SER A 90 24.04 38.75 15.77
N HIS A 91 22.85 39.29 16.10
CA HIS A 91 21.68 38.54 16.55
C HIS A 91 20.43 38.99 15.82
N THR A 92 19.60 38.04 15.37
CA THR A 92 18.37 38.33 14.62
C THR A 92 17.15 37.58 15.16
N VAL A 93 15.97 38.22 15.08
CA VAL A 93 14.68 37.67 15.51
C VAL A 93 13.79 37.55 14.27
N GLN A 94 13.21 36.36 14.05
CA GLN A 94 12.34 36.09 12.90
C GLN A 94 10.91 35.75 13.31
N TRP A 95 9.93 36.25 12.53
CA TRP A 95 8.50 36.03 12.74
C TRP A 95 7.86 35.47 11.46
N MET A 96 7.01 34.44 11.62
CA MET A 96 6.28 33.84 10.50
C MET A 96 4.86 33.50 10.94
N TYR A 97 3.88 34.29 10.48
CA TYR A 97 2.46 34.10 10.81
C TYR A 97 1.55 34.36 9.62
N GLY A 98 0.46 33.59 9.54
CA GLY A 98 -0.51 33.71 8.46
C GLY A 98 -1.52 32.58 8.41
N CYS A 99 -2.37 32.59 7.36
CA CYS A 99 -3.43 31.59 7.17
C CYS A 99 -3.46 31.04 5.76
N ASP A 100 -3.90 29.77 5.64
CA ASP A 100 -4.09 29.08 4.37
C ASP A 100 -5.59 28.73 4.27
N ILE A 101 -6.27 29.26 3.25
CA ILE A 101 -7.71 29.01 3.05
C ILE A 101 -7.94 28.16 1.80
N LEU A 102 -8.82 27.17 1.92
CA LEU A 102 -9.20 26.27 0.84
C LEU A 102 -10.70 26.41 0.61
N GLU A 103 -11.10 26.81 -0.61
CA GLU A 103 -12.49 27.03 -1.05
C GLU A 103 -13.32 27.88 -0.07
N GLY A 104 -12.70 28.92 0.49
CA GLY A 104 -13.32 29.83 1.44
C GLY A 104 -12.91 29.59 2.88
N GLY A 105 -13.16 28.37 3.36
CA GLY A 105 -12.87 27.96 4.73
C GLY A 105 -11.39 27.80 5.05
N PRO A 106 -10.95 28.16 6.28
CA PRO A 106 -9.52 28.01 6.62
C PRO A 106 -9.12 26.58 6.97
N ILE A 107 -7.89 26.19 6.58
CA ILE A 107 -7.34 24.86 6.83
C ILE A 107 -6.07 24.91 7.71
N ARG A 108 -5.39 26.08 7.75
CA ARG A 108 -4.17 26.27 8.53
C ARG A 108 -4.13 27.64 9.23
N GLY A 109 -3.67 27.62 10.48
CA GLY A 109 -3.52 28.79 11.32
C GLY A 109 -2.24 28.70 12.14
N TYR A 110 -1.16 29.31 11.63
CA TYR A 110 0.17 29.25 12.25
C TYR A 110 0.72 30.60 12.75
N TYR A 111 1.57 30.53 13.78
CA TYR A 111 2.27 31.64 14.42
C TYR A 111 3.60 31.07 14.96
N GLN A 112 4.69 31.31 14.22
CA GLN A 112 6.02 30.80 14.55
C GLN A 112 7.04 31.92 14.77
N MET A 113 8.01 31.66 15.67
CA MET A 113 9.08 32.61 16.01
C MET A 113 10.42 31.89 16.16
N ALA A 114 11.52 32.57 15.77
CA ALA A 114 12.88 32.03 15.84
C ALA A 114 13.93 33.07 16.21
N TYR A 115 14.96 32.64 16.96
CA TYR A 115 16.09 33.48 17.39
C TYR A 115 17.40 32.80 16.98
N ASP A 116 18.23 33.52 16.20
CA ASP A 116 19.53 33.08 15.65
C ASP A 116 19.39 31.84 14.74
N GLY A 117 18.31 31.82 13.94
CA GLY A 117 18.01 30.76 13.00
C GLY A 117 17.53 29.45 13.59
N ARG A 118 17.17 29.47 14.90
CA ARG A 118 16.68 28.30 15.63
C ARG A 118 15.30 28.58 16.23
N ASP A 119 14.36 27.61 16.08
CA ASP A 119 12.98 27.70 16.57
C ASP A 119 12.89 28.04 18.06
N PHE A 120 12.15 29.12 18.39
CA PHE A 120 11.98 29.61 19.75
C PHE A 120 10.59 29.30 20.31
N THR A 121 9.53 29.85 19.68
CA THR A 121 8.13 29.65 20.09
C THR A 121 7.21 29.41 18.91
N ALA A 122 6.24 28.49 19.09
CA ALA A 122 5.24 28.15 18.08
C ALA A 122 3.87 27.98 18.73
N PHE A 123 2.85 28.69 18.21
CA PHE A 123 1.49 28.66 18.75
C PHE A 123 0.68 27.48 18.23
N ASP A 124 -0.04 26.81 19.15
CA ASP A 124 -0.92 25.68 18.85
C ASP A 124 -2.36 26.17 18.98
N LYS A 125 -3.10 26.20 17.85
CA LYS A 125 -4.48 26.68 17.77
C LYS A 125 -5.48 25.80 18.54
N GLY A 126 -5.24 24.50 18.58
CA GLY A 126 -6.08 23.52 19.25
C GLY A 126 -6.08 23.62 20.76
N THR A 127 -4.88 23.61 21.37
CA THR A 127 -4.69 23.66 22.83
C THR A 127 -4.64 25.10 23.39
N MET A 128 -4.53 26.12 22.50
CA MET A 128 -4.44 27.55 22.80
C MET A 128 -3.22 27.89 23.70
N THR A 129 -2.12 27.14 23.51
CA THR A 129 -0.86 27.30 24.27
C THR A 129 0.33 27.48 23.34
N PHE A 130 1.37 28.19 23.83
CA PHE A 130 2.61 28.45 23.09
C PHE A 130 3.67 27.40 23.44
N THR A 131 4.13 26.65 22.42
CA THR A 131 5.13 25.58 22.58
C THR A 131 6.54 26.17 22.68
N ALA A 132 7.31 25.71 23.69
CA ALA A 132 8.69 26.14 23.94
C ALA A 132 9.67 25.08 23.46
N ALA A 133 10.62 25.47 22.58
CA ALA A 133 11.63 24.58 22.02
C ALA A 133 12.97 24.72 22.74
N VAL A 134 13.37 25.97 23.04
CA VAL A 134 14.61 26.32 23.74
C VAL A 134 14.26 26.60 25.23
N PRO A 135 15.06 26.12 26.23
CA PRO A 135 14.72 26.39 27.65
C PRO A 135 14.62 27.88 28.04
N GLU A 136 14.97 28.80 27.12
CA GLU A 136 14.90 30.25 27.31
C GLU A 136 13.54 30.82 26.85
N ALA A 137 12.64 29.94 26.37
CA ALA A 137 11.30 30.31 25.88
C ALA A 137 10.19 30.15 26.94
N VAL A 138 10.53 29.64 28.14
CA VAL A 138 9.58 29.46 29.24
C VAL A 138 9.07 30.82 29.81
N PRO A 139 9.86 31.93 29.95
CA PRO A 139 9.27 33.19 30.46
C PRO A 139 8.25 33.80 29.50
N THR A 140 8.45 33.61 28.18
CA THR A 140 7.55 34.10 27.13
C THR A 140 6.25 33.28 27.16
N LYS A 141 6.37 31.96 27.40
CA LYS A 141 5.28 31.00 27.50
C LYS A 141 4.33 31.36 28.65
N ARG A 142 4.89 31.72 29.83
CA ARG A 142 4.14 32.09 31.03
C ARG A 142 3.49 33.47 30.89
N LYS A 143 4.13 34.39 30.13
CA LYS A 143 3.66 35.76 29.90
C LYS A 143 2.40 35.85 29.04
N TRP A 144 2.39 35.15 27.89
CA TRP A 144 1.31 35.19 26.90
C TRP A 144 0.11 34.31 27.23
N GLU A 145 0.32 33.21 27.97
CA GLU A 145 -0.76 32.31 28.39
C GLU A 145 -1.50 32.86 29.62
N GLU A 146 -0.96 33.94 30.21
CA GLU A 146 -1.48 34.62 31.40
C GLU A 146 -2.65 35.55 31.08
N GLY A 147 -2.46 36.42 30.08
CA GLY A 147 -3.46 37.41 29.67
C GLY A 147 -4.41 36.94 28.58
N ASP A 148 -4.87 37.90 27.76
CA ASP A 148 -5.82 37.67 26.65
C ASP A 148 -5.13 37.64 25.27
N TYR A 149 -3.79 37.45 25.25
CA TYR A 149 -2.99 37.41 24.03
C TYR A 149 -3.22 36.13 23.22
N ALA A 150 -3.42 34.99 23.90
CA ALA A 150 -3.68 33.68 23.30
C ALA A 150 -5.07 33.64 22.65
N GLU A 151 -6.05 34.30 23.29
CA GLU A 151 -7.44 34.40 22.82
C GLU A 151 -7.55 35.32 21.62
N GLY A 152 -6.78 36.42 21.64
CA GLY A 152 -6.72 37.41 20.59
C GLY A 152 -6.09 36.92 19.30
N LEU A 153 -5.03 36.08 19.44
CA LEU A 153 -4.31 35.47 18.31
C LEU A 153 -5.17 34.40 17.63
N LYS A 154 -5.95 33.64 18.43
CA LYS A 154 -6.88 32.61 17.94
C LYS A 154 -8.03 33.26 17.16
N GLN A 155 -8.50 34.43 17.65
CA GLN A 155 -9.57 35.22 17.03
C GLN A 155 -9.08 35.83 15.71
N TYR A 156 -7.78 36.20 15.65
CA TYR A 156 -7.14 36.79 14.47
C TYR A 156 -7.02 35.76 13.35
N LEU A 157 -6.33 34.62 13.62
CA LEU A 157 -6.08 33.53 12.67
C LEU A 157 -7.35 32.85 12.12
N GLU A 158 -8.48 32.95 12.85
CA GLU A 158 -9.76 32.34 12.45
C GLU A 158 -10.77 33.32 11.85
N GLU A 159 -10.65 34.64 12.16
CA GLU A 159 -11.59 35.65 11.66
C GLU A 159 -10.92 36.77 10.85
N THR A 160 -10.11 37.64 11.52
CA THR A 160 -9.44 38.81 10.94
C THR A 160 -8.55 38.44 9.72
N CYS A 161 -7.70 37.41 9.88
CA CYS A 161 -6.78 36.91 8.85
C CYS A 161 -7.54 36.28 7.68
N VAL A 162 -8.62 35.52 7.98
CA VAL A 162 -9.47 34.83 7.00
C VAL A 162 -10.31 35.82 6.16
N GLU A 163 -11.02 36.76 6.83
CA GLU A 163 -11.87 37.77 6.20
C GLU A 163 -11.11 38.70 5.26
N TRP A 164 -9.91 39.16 5.68
CA TRP A 164 -9.08 40.06 4.88
C TRP A 164 -8.42 39.38 3.68
N LEU A 165 -8.03 38.09 3.81
CA LEU A 165 -7.44 37.31 2.73
C LEU A 165 -8.43 37.11 1.58
N ARG A 166 -9.73 36.94 1.90
CA ARG A 166 -10.83 36.80 0.93
C ARG A 166 -10.96 38.07 0.09
N ARG A 167 -10.73 39.24 0.73
CA ARG A 167 -10.77 40.55 0.07
C ARG A 167 -9.56 40.75 -0.85
N TYR A 168 -8.34 40.40 -0.36
CA TYR A 168 -7.08 40.51 -1.11
C TYR A 168 -7.10 39.70 -2.41
N VAL A 169 -7.72 38.50 -2.39
CA VAL A 169 -7.87 37.62 -3.54
C VAL A 169 -8.84 38.26 -4.53
N GLU A 170 -9.97 38.81 -4.03
CA GLU A 170 -10.99 39.49 -4.83
C GLU A 170 -10.42 40.76 -5.49
N TYR A 171 -9.48 41.45 -4.82
CA TYR A 171 -8.82 42.65 -5.34
C TYR A 171 -7.87 42.33 -6.49
N GLY A 172 -7.11 41.24 -6.35
CA GLY A 172 -6.14 40.81 -7.35
C GLY A 172 -6.42 39.46 -7.97
N LYS A 173 -7.66 39.25 -8.44
CA LYS A 173 -8.11 38.01 -9.08
C LYS A 173 -7.47 37.84 -10.48
N ALA A 174 -7.19 38.97 -11.17
CA ALA A 174 -6.58 39.00 -12.49
C ALA A 174 -5.05 38.83 -12.45
N GLU A 175 -4.38 39.48 -11.47
CA GLU A 175 -2.92 39.43 -11.33
C GLU A 175 -2.41 38.10 -10.77
N LEU A 176 -3.22 37.41 -9.93
CA LEU A 176 -2.85 36.12 -9.35
C LEU A 176 -3.26 34.94 -10.23
N GLY A 177 -4.37 35.08 -10.94
CA GLY A 177 -4.92 34.06 -11.83
C GLY A 177 -4.34 34.03 -13.23
N ARG A 178 -3.40 34.95 -13.54
CA ARG A 178 -2.75 35.05 -14.84
C ARG A 178 -1.73 33.92 -15.07
N ARG A 179 -1.38 33.66 -16.36
CA ARG A 179 -0.42 32.63 -16.76
C ARG A 179 0.53 33.16 -17.83
N GLU A 180 1.85 33.01 -17.60
CA GLU A 180 2.90 33.48 -18.52
C GLU A 180 3.80 32.33 -18.99
N ARG A 181 4.11 32.30 -20.30
CA ARG A 181 4.97 31.26 -20.89
C ARG A 181 6.45 31.48 -20.55
N PRO A 182 7.16 30.41 -20.12
CA PRO A 182 8.55 30.57 -19.65
C PRO A 182 9.63 30.98 -20.65
N GLU A 183 9.51 30.60 -21.95
CA GLU A 183 10.51 30.83 -23.01
C GLU A 183 11.78 30.00 -22.69
N VAL A 184 11.80 28.73 -23.14
CA VAL A 184 12.85 27.76 -22.85
C VAL A 184 14.01 27.83 -23.88
N ARG A 185 15.25 27.81 -23.36
CA ARG A 185 16.50 27.82 -24.13
C ARG A 185 17.42 26.69 -23.66
N VAL A 186 17.95 25.88 -24.60
CA VAL A 186 18.82 24.75 -24.31
C VAL A 186 20.25 25.01 -24.82
N TRP A 187 21.26 24.78 -23.97
CA TRP A 187 22.68 24.94 -24.29
C TRP A 187 23.54 23.86 -23.64
N GLY A 188 24.55 23.40 -24.39
CA GLY A 188 25.48 22.36 -23.94
C GLY A 188 26.93 22.81 -23.94
N LYS A 189 27.73 22.30 -22.99
CA LYS A 189 29.15 22.62 -22.84
C LYS A 189 30.01 21.36 -22.74
N GLU A 190 31.21 21.39 -23.36
CA GLU A 190 32.17 20.29 -23.35
C GLU A 190 33.30 20.62 -22.37
N ALA A 191 33.46 19.78 -21.34
CA ALA A 191 34.47 19.93 -20.29
C ALA A 191 35.61 18.90 -20.46
N ASP A 192 36.00 18.21 -19.37
CA ASP A 192 37.06 17.19 -19.36
C ASP A 192 36.48 15.82 -19.75
N GLY A 193 36.01 15.72 -20.98
CA GLY A 193 35.42 14.50 -21.54
C GLY A 193 34.00 14.23 -21.09
N ILE A 194 33.31 15.27 -20.57
CA ILE A 194 31.93 15.18 -20.10
C ILE A 194 31.09 16.36 -20.65
N LEU A 195 29.94 16.04 -21.25
CA LEU A 195 29.02 17.01 -21.83
C LEU A 195 27.97 17.41 -20.79
N THR A 196 27.90 18.72 -20.48
CA THR A 196 26.95 19.27 -19.52
C THR A 196 25.82 19.98 -20.27
N LEU A 197 24.62 19.36 -20.28
CA LEU A 197 23.43 19.89 -20.95
C LEU A 197 22.62 20.74 -19.97
N SER A 198 22.28 21.98 -20.36
CA SER A 198 21.52 22.92 -19.54
C SER A 198 20.16 23.26 -20.15
N CYS A 199 19.14 23.34 -19.28
CA CYS A 199 17.76 23.69 -19.65
C CYS A 199 17.32 24.87 -18.77
N ARG A 200 16.97 26.01 -19.41
CA ARG A 200 16.58 27.22 -18.68
C ARG A 200 15.23 27.82 -19.11
N ALA A 201 14.34 28.04 -18.12
CA ALA A 201 13.04 28.68 -18.27
C ALA A 201 13.18 30.07 -17.65
N HIS A 202 13.00 31.12 -18.46
CA HIS A 202 13.25 32.50 -18.07
C HIS A 202 12.13 33.21 -17.29
N GLY A 203 10.93 33.35 -17.88
CA GLY A 203 9.83 34.06 -17.22
C GLY A 203 8.48 33.39 -17.24
N PHE A 204 8.17 32.64 -16.17
CA PHE A 204 6.90 31.92 -16.01
C PHE A 204 6.14 32.30 -14.74
N TYR A 205 4.80 32.22 -14.80
CA TYR A 205 3.89 32.50 -13.69
C TYR A 205 2.70 31.52 -13.74
N PRO A 206 2.32 30.82 -12.64
CA PRO A 206 2.86 30.89 -11.26
C PRO A 206 4.22 30.19 -11.06
N ARG A 207 4.74 30.25 -9.82
CA ARG A 207 6.01 29.68 -9.35
C ARG A 207 6.19 28.16 -9.65
N PRO A 208 5.23 27.24 -9.36
CA PRO A 208 5.48 25.81 -9.63
C PRO A 208 5.69 25.44 -11.10
N ILE A 209 6.73 24.63 -11.36
CA ILE A 209 7.13 24.15 -12.68
C ILE A 209 7.82 22.76 -12.58
N VAL A 210 7.71 21.94 -13.64
CA VAL A 210 8.33 20.61 -13.70
C VAL A 210 9.27 20.58 -14.91
N VAL A 211 10.57 20.82 -14.66
CA VAL A 211 11.61 20.80 -15.69
C VAL A 211 12.54 19.62 -15.40
N SER A 212 12.47 18.58 -16.25
CA SER A 212 13.27 17.36 -16.09
C SER A 212 13.83 16.86 -17.42
N TRP A 213 15.05 16.31 -17.39
CA TRP A 213 15.73 15.74 -18.55
C TRP A 213 15.27 14.32 -18.82
N LEU A 214 15.02 14.00 -20.10
CA LEU A 214 14.55 12.69 -20.54
C LEU A 214 15.51 12.05 -21.54
N LYS A 215 15.92 10.80 -21.23
CA LYS A 215 16.84 10.00 -22.07
C LYS A 215 16.07 8.82 -22.68
N ASP A 216 15.89 8.84 -24.02
CA ASP A 216 15.19 7.83 -24.82
C ASP A 216 13.73 7.57 -24.34
N GLY A 217 13.04 8.65 -23.97
CA GLY A 217 11.67 8.60 -23.48
C GLY A 217 11.53 8.47 -21.98
N ALA A 218 12.53 7.86 -21.31
CA ALA A 218 12.55 7.66 -19.86
C ALA A 218 13.11 8.88 -19.12
N VAL A 219 12.45 9.26 -18.00
CA VAL A 219 12.83 10.40 -17.17
C VAL A 219 14.01 10.02 -16.27
N ARG A 220 15.09 10.84 -16.28
CA ARG A 220 16.28 10.61 -15.47
C ARG A 220 16.52 11.76 -14.48
N GLY A 221 16.16 11.51 -13.22
CA GLY A 221 16.32 12.46 -12.13
C GLY A 221 17.43 12.11 -11.17
N GLN A 222 18.17 11.02 -11.48
CA GLN A 222 19.28 10.51 -10.66
C GLN A 222 20.55 11.36 -10.86
N ASP A 223 20.91 11.63 -12.14
CA ASP A 223 22.09 12.40 -12.51
C ASP A 223 21.79 13.90 -12.71
N ALA A 224 20.49 14.25 -12.90
CA ALA A 224 20.06 15.63 -13.12
C ALA A 224 20.17 16.51 -11.87
N HIS A 225 20.77 17.70 -12.05
CA HIS A 225 20.97 18.72 -11.02
C HIS A 225 19.96 19.86 -11.20
N SER A 226 19.41 20.37 -10.07
CA SER A 226 18.43 21.46 -10.10
C SER A 226 18.70 22.50 -9.01
N GLY A 227 18.58 23.77 -9.39
CA GLY A 227 18.77 24.90 -8.49
C GLY A 227 17.48 25.50 -7.97
N GLY A 228 16.39 24.74 -8.09
CA GLY A 228 15.05 25.12 -7.67
C GLY A 228 14.44 26.25 -8.48
N ILE A 229 13.37 26.87 -7.94
CA ILE A 229 12.67 27.98 -8.59
C ILE A 229 13.09 29.28 -7.92
N VAL A 230 13.74 30.16 -8.70
CA VAL A 230 14.26 31.46 -8.27
C VAL A 230 13.39 32.64 -8.80
N PRO A 231 13.07 33.65 -7.97
CA PRO A 231 12.20 34.74 -8.46
C PRO A 231 12.90 35.86 -9.24
N ASN A 232 12.11 36.63 -10.02
CA ASN A 232 12.58 37.77 -10.81
C ASN A 232 12.06 39.10 -10.23
N GLY A 233 12.69 40.20 -10.62
CA GLY A 233 12.37 41.56 -10.16
C GLY A 233 10.98 42.06 -10.50
N ASP A 234 10.49 41.77 -11.72
CA ASP A 234 9.18 42.19 -12.21
C ASP A 234 8.00 41.49 -11.51
N GLY A 235 8.21 40.23 -11.12
CA GLY A 235 7.19 39.42 -10.44
C GLY A 235 7.05 38.00 -10.96
N THR A 236 7.81 37.67 -12.02
CA THR A 236 7.80 36.34 -12.64
C THR A 236 8.86 35.41 -11.98
N TYR A 237 8.97 34.15 -12.46
CA TYR A 237 9.91 33.18 -11.91
C TYR A 237 10.84 32.56 -12.96
N HIS A 238 12.00 32.04 -12.50
CA HIS A 238 13.08 31.42 -13.29
C HIS A 238 13.49 30.08 -12.64
N THR A 239 14.04 29.14 -13.45
CA THR A 239 14.52 27.84 -12.97
C THR A 239 15.76 27.37 -13.75
N TRP A 240 16.65 26.61 -13.08
CA TRP A 240 17.90 26.09 -13.65
C TRP A 240 18.03 24.57 -13.44
N VAL A 241 18.01 23.80 -14.55
CA VAL A 241 18.12 22.34 -14.54
C VAL A 241 19.23 21.90 -15.50
N THR A 242 20.23 21.16 -14.97
CA THR A 242 21.38 20.63 -15.71
C THR A 242 21.51 19.11 -15.61
N ILE A 243 22.30 18.49 -16.52
CA ILE A 243 22.57 17.06 -16.54
C ILE A 243 23.96 16.76 -17.14
N ASP A 244 24.69 15.79 -16.55
CA ASP A 244 26.02 15.38 -17.00
C ASP A 244 25.91 14.09 -17.81
N ALA A 245 26.37 14.12 -19.08
CA ALA A 245 26.29 12.98 -19.99
C ALA A 245 27.56 12.82 -20.84
N GLN A 246 27.74 11.62 -21.44
CA GLN A 246 28.88 11.29 -22.30
C GLN A 246 28.76 12.01 -23.66
N PRO A 247 29.88 12.49 -24.27
CA PRO A 247 29.76 13.18 -25.56
C PRO A 247 29.38 12.26 -26.72
N GLY A 248 28.47 12.73 -27.56
CA GLY A 248 27.96 12.01 -28.72
C GLY A 248 26.51 11.59 -28.59
N ASP A 249 26.00 11.54 -27.35
CA ASP A 249 24.62 11.15 -27.02
C ASP A 249 23.67 12.36 -26.85
N GLY A 250 23.91 13.41 -27.63
CA GLY A 250 23.12 14.64 -27.60
C GLY A 250 21.71 14.51 -28.16
N ASP A 251 21.52 13.57 -29.11
CA ASP A 251 20.24 13.31 -29.76
C ASP A 251 19.26 12.58 -28.84
N LYS A 252 19.79 11.71 -27.96
CA LYS A 252 19.02 10.91 -27.00
C LYS A 252 18.34 11.75 -25.90
N TYR A 253 18.97 12.88 -25.51
CA TYR A 253 18.47 13.77 -24.47
C TYR A 253 17.46 14.80 -24.97
N GLN A 254 16.36 14.97 -24.21
CA GLN A 254 15.26 15.90 -24.48
C GLN A 254 14.76 16.51 -23.17
N CYS A 255 14.60 17.85 -23.13
CA CYS A 255 14.13 18.56 -21.94
C CYS A 255 12.62 18.80 -22.00
N ARG A 256 11.87 18.25 -21.02
CA ARG A 256 10.42 18.40 -20.93
C ARG A 256 10.07 19.45 -19.87
N VAL A 257 9.24 20.43 -20.24
CA VAL A 257 8.79 21.52 -19.37
C VAL A 257 7.27 21.42 -19.17
N GLU A 258 6.84 21.25 -17.92
CA GLU A 258 5.43 21.15 -17.54
C GLU A 258 5.03 22.38 -16.73
N HIS A 259 4.06 23.15 -17.24
CA HIS A 259 3.59 24.39 -16.61
C HIS A 259 2.09 24.60 -16.85
N ALA A 260 1.43 25.39 -15.97
CA ALA A 260 0.00 25.72 -16.05
C ALA A 260 -0.37 26.52 -17.30
N SER A 261 0.56 27.36 -17.79
CA SER A 261 0.38 28.20 -18.98
C SER A 261 0.31 27.36 -20.26
N LEU A 262 1.08 26.27 -20.34
CA LEU A 262 1.12 25.36 -21.49
C LEU A 262 0.04 24.28 -21.38
N PRO A 263 -0.79 24.06 -22.43
CA PRO A 263 -1.82 22.99 -22.33
C PRO A 263 -1.23 21.58 -22.41
N GLN A 264 -0.11 21.43 -23.12
CA GLN A 264 0.63 20.17 -23.28
C GLN A 264 2.12 20.38 -22.93
N PRO A 265 2.82 19.39 -22.33
CA PRO A 265 4.24 19.59 -21.97
C PRO A 265 5.15 19.84 -23.18
N GLY A 266 5.93 20.92 -23.10
CA GLY A 266 6.85 21.33 -24.16
C GLY A 266 8.17 20.61 -24.15
N LEU A 267 8.47 19.89 -25.26
CA LEU A 267 9.72 19.14 -25.44
C LEU A 267 10.75 20.02 -26.15
N TYR A 268 12.00 20.00 -25.66
CA TYR A 268 13.09 20.80 -26.21
C TYR A 268 14.37 19.97 -26.38
N SER A 269 14.67 19.58 -27.63
CA SER A 269 15.84 18.77 -27.99
C SER A 269 17.07 19.67 -28.15
N TRP A 270 18.26 19.15 -27.81
CA TRP A 270 19.50 19.90 -27.94
C TRP A 270 20.10 19.77 -29.34
N GLU A 271 19.76 20.73 -30.22
CA GLU A 271 20.28 20.81 -31.59
C GLU A 271 21.49 21.76 -31.54
N PRO A 272 22.74 21.25 -31.72
CA PRO A 272 23.90 22.16 -31.64
C PRO A 272 24.14 22.98 -32.91
N ARG A 273 25.23 23.76 -32.92
CA ARG A 273 25.63 24.61 -34.03
C ARG A 273 26.83 24.00 -34.78
N SER A 274 27.94 23.71 -34.05
CA SER A 274 29.20 23.13 -34.56
C SER A 274 29.77 23.90 -35.77
N GLY A 275 29.82 25.22 -35.64
CA GLY A 275 30.33 26.13 -36.66
C GLY A 275 31.40 27.07 -36.16
N LEU B 2 25.29 26.77 6.70
CA LEU B 2 24.58 28.03 6.54
C LEU B 2 25.23 28.94 5.47
N THR B 3 26.00 28.34 4.55
CA THR B 3 26.68 29.05 3.45
C THR B 3 25.68 29.45 2.36
N PRO B 4 25.75 30.70 1.83
CA PRO B 4 24.78 31.12 0.79
C PRO B 4 24.95 30.43 -0.55
N LYS B 5 23.84 29.87 -1.09
CA LYS B 5 23.80 29.20 -2.38
C LYS B 5 23.44 30.25 -3.43
N VAL B 6 24.46 30.74 -4.15
CA VAL B 6 24.33 31.82 -5.14
C VAL B 6 24.16 31.28 -6.57
N GLN B 7 23.17 31.82 -7.29
CA GLN B 7 22.86 31.48 -8.68
C GLN B 7 22.73 32.77 -9.51
N VAL B 8 23.63 32.94 -10.50
CA VAL B 8 23.64 34.10 -11.39
C VAL B 8 22.99 33.72 -12.74
N TYR B 9 22.01 34.53 -13.18
CA TYR B 9 21.22 34.30 -14.40
C TYR B 9 20.65 35.59 -14.99
N SER B 10 20.06 35.50 -16.21
CA SER B 10 19.45 36.63 -16.91
C SER B 10 17.93 36.49 -16.96
N ARG B 11 17.21 37.63 -17.00
CA ARG B 11 15.75 37.71 -17.05
C ARG B 11 15.18 37.12 -18.36
N PHE B 12 15.81 37.44 -19.49
CA PHE B 12 15.42 36.97 -20.83
C PHE B 12 16.58 36.18 -21.47
N PRO B 13 16.35 35.32 -22.52
CA PRO B 13 17.48 34.61 -23.15
C PRO B 13 18.49 35.61 -23.73
N ALA B 14 19.73 35.56 -23.23
CA ALA B 14 20.82 36.47 -23.59
C ALA B 14 21.18 36.49 -25.07
N SER B 15 21.22 37.71 -25.63
CA SER B 15 21.55 37.99 -27.03
C SER B 15 22.39 39.26 -27.09
N ALA B 16 23.22 39.40 -28.15
CA ALA B 16 24.09 40.56 -28.31
C ALA B 16 23.30 41.80 -28.74
N GLY B 17 23.48 42.90 -28.00
CA GLY B 17 22.82 44.17 -28.27
C GLY B 17 21.33 44.21 -27.99
N THR B 18 20.88 43.48 -26.96
CA THR B 18 19.48 43.41 -26.54
C THR B 18 19.32 43.83 -25.08
N LYS B 19 18.20 44.50 -24.75
CA LYS B 19 17.90 44.96 -23.38
C LYS B 19 17.54 43.76 -22.50
N ASN B 20 18.35 43.51 -21.46
CA ASN B 20 18.16 42.39 -20.53
C ASN B 20 18.43 42.82 -19.08
N VAL B 21 18.04 41.98 -18.10
CA VAL B 21 18.24 42.25 -16.67
C VAL B 21 19.09 41.11 -16.07
N LEU B 22 20.22 41.46 -15.44
CA LEU B 22 21.11 40.49 -14.80
C LEU B 22 20.70 40.30 -13.35
N ASN B 23 20.30 39.06 -13.01
CA ASN B 23 19.84 38.71 -11.66
C ASN B 23 20.85 37.85 -10.90
N CYS B 24 21.02 38.15 -9.61
CA CYS B 24 21.92 37.43 -8.71
C CYS B 24 21.14 37.08 -7.44
N PHE B 25 20.81 35.79 -7.27
CA PHE B 25 20.03 35.31 -6.13
C PHE B 25 20.83 34.39 -5.21
N ALA B 26 20.83 34.73 -3.91
CA ALA B 26 21.50 33.96 -2.86
C ALA B 26 20.45 33.43 -1.88
N ALA B 27 20.51 32.12 -1.58
CA ALA B 27 19.56 31.46 -0.69
C ALA B 27 20.22 30.52 0.33
N GLY B 28 19.59 30.39 1.49
CA GLY B 28 20.05 29.53 2.57
C GLY B 28 21.25 30.07 3.32
N PHE B 29 21.12 31.29 3.89
CA PHE B 29 22.21 31.93 4.63
C PHE B 29 21.78 32.54 5.96
N HIS B 30 22.71 32.54 6.93
CA HIS B 30 22.57 33.07 8.29
C HIS B 30 23.97 33.42 8.83
N PRO B 31 24.24 34.63 9.38
CA PRO B 31 23.36 35.80 9.63
C PRO B 31 22.79 36.45 8.36
N PRO B 32 21.68 37.25 8.46
CA PRO B 32 21.11 37.87 7.25
C PRO B 32 21.97 38.93 6.56
N LYS B 33 23.03 39.44 7.23
CA LYS B 33 23.94 40.43 6.67
C LYS B 33 24.75 39.82 5.52
N ILE B 34 24.55 40.35 4.30
CA ILE B 34 25.19 39.89 3.08
C ILE B 34 25.50 41.07 2.13
N SER B 35 26.67 41.00 1.45
CA SER B 35 27.09 42.02 0.50
C SER B 35 27.18 41.44 -0.92
N ILE B 36 26.07 41.56 -1.67
CA ILE B 36 25.96 41.05 -3.04
C ILE B 36 26.07 42.23 -4.02
N THR B 37 27.03 42.17 -4.95
CA THR B 37 27.27 43.22 -5.95
C THR B 37 27.44 42.63 -7.35
N LEU B 38 26.70 43.19 -8.33
CA LEU B 38 26.78 42.78 -9.73
C LEU B 38 27.98 43.47 -10.37
N MET B 39 28.90 42.68 -10.97
CA MET B 39 30.13 43.21 -11.57
C MET B 39 30.24 42.97 -13.07
N LYS B 40 30.87 43.94 -13.78
CA LYS B 40 31.15 43.90 -15.21
C LYS B 40 32.66 44.12 -15.38
N ASP B 41 33.41 43.02 -15.67
CA ASP B 41 34.87 42.97 -15.85
C ASP B 41 35.65 43.43 -14.59
N GLY B 42 35.10 43.11 -13.41
CA GLY B 42 35.71 43.44 -12.13
C GLY B 42 35.21 44.72 -11.47
N VAL B 43 34.53 45.58 -12.24
CA VAL B 43 33.99 46.86 -11.75
C VAL B 43 32.46 46.77 -11.52
N PRO B 44 31.93 47.27 -10.36
CA PRO B 44 30.48 47.17 -10.12
C PRO B 44 29.60 47.85 -11.17
N MET B 45 28.41 47.25 -11.43
CA MET B 45 27.45 47.73 -12.42
C MET B 45 26.65 48.94 -11.93
N GLU B 46 26.22 49.79 -12.87
CA GLU B 46 25.45 51.01 -12.60
C GLU B 46 23.95 50.73 -12.63
N GLY B 47 23.23 51.29 -11.66
CA GLY B 47 21.79 51.15 -11.51
C GLY B 47 21.34 49.81 -10.95
N ALA B 48 21.98 49.34 -9.87
CA ALA B 48 21.66 48.06 -9.22
C ALA B 48 20.54 48.22 -8.21
N GLN B 49 19.47 47.43 -8.38
CA GLN B 49 18.30 47.41 -7.50
C GLN B 49 18.33 46.19 -6.59
N TYR B 50 18.08 46.40 -5.28
CA TYR B 50 18.12 45.36 -4.25
C TYR B 50 16.71 44.96 -3.78
N SER B 51 16.23 43.78 -4.20
CA SER B 51 14.90 43.27 -3.82
C SER B 51 14.80 43.06 -2.31
N ASP B 52 13.58 43.30 -1.75
CA ASP B 52 13.27 43.16 -0.32
C ASP B 52 13.66 41.78 0.22
N MET B 53 14.32 41.77 1.39
CA MET B 53 14.80 40.55 2.06
C MET B 53 13.67 39.72 2.64
N SER B 54 13.73 38.39 2.44
CA SER B 54 12.76 37.41 2.92
C SER B 54 13.45 36.12 3.39
N PHE B 55 12.69 35.21 4.02
CA PHE B 55 13.20 33.92 4.49
C PHE B 55 12.21 32.77 4.28
N ASN B 56 12.76 31.56 4.03
CA ASN B 56 12.00 30.33 3.79
C ASN B 56 11.48 29.71 5.11
N ASP B 57 10.71 28.61 5.03
CA ASP B 57 10.11 27.88 6.17
C ASP B 57 11.14 27.39 7.19
N ASP B 58 12.37 27.07 6.74
CA ASP B 58 13.46 26.60 7.59
C ASP B 58 14.32 27.75 8.18
N TRP B 59 13.73 28.98 8.22
CA TRP B 59 14.29 30.23 8.76
C TRP B 59 15.55 30.73 8.03
N THR B 60 15.85 30.16 6.83
CA THR B 60 17.02 30.55 6.04
C THR B 60 16.70 31.73 5.12
N PHE B 61 17.50 32.80 5.23
CA PHE B 61 17.34 34.05 4.48
C PHE B 61 17.62 33.93 2.98
N GLN B 62 16.99 34.83 2.19
CA GLN B 62 17.12 34.91 0.73
C GLN B 62 17.04 36.35 0.23
N ARG B 63 17.86 36.70 -0.79
CA ARG B 63 17.90 38.05 -1.36
C ARG B 63 18.24 38.05 -2.86
N LEU B 64 17.62 38.98 -3.61
CA LEU B 64 17.80 39.13 -5.07
C LEU B 64 18.35 40.52 -5.42
N VAL B 65 19.33 40.56 -6.34
CA VAL B 65 19.96 41.79 -6.85
C VAL B 65 19.81 41.80 -8.38
N HIS B 66 19.10 42.80 -8.92
CA HIS B 66 18.84 42.94 -10.36
C HIS B 66 19.13 44.34 -10.88
N ALA B 67 19.62 44.42 -12.14
CA ALA B 67 19.97 45.66 -12.83
C ALA B 67 19.81 45.55 -14.35
N ASP B 68 19.30 46.62 -15.00
CA ASP B 68 19.10 46.68 -16.45
C ASP B 68 20.45 46.85 -17.15
N PHE B 69 20.73 45.99 -18.16
CA PHE B 69 22.01 46.00 -18.90
C PHE B 69 21.89 45.54 -20.37
N THR B 70 23.01 45.58 -21.09
CA THR B 70 23.14 45.13 -22.48
C THR B 70 24.40 44.24 -22.59
N PRO B 71 24.28 42.93 -22.90
CA PRO B 71 25.48 42.08 -22.96
C PRO B 71 26.31 42.30 -24.22
N SER B 72 27.61 42.54 -24.03
CA SER B 72 28.59 42.78 -25.10
C SER B 72 29.57 41.62 -25.19
N SER B 73 29.97 41.26 -26.43
CA SER B 73 30.92 40.17 -26.70
C SER B 73 32.32 40.54 -26.20
N GLY B 74 32.87 39.67 -25.36
CA GLY B 74 34.19 39.85 -24.76
C GLY B 74 34.14 40.25 -23.29
N SER B 75 33.19 41.15 -22.94
CA SER B 75 32.99 41.64 -21.57
C SER B 75 32.44 40.53 -20.67
N THR B 76 33.13 40.24 -19.56
CA THR B 76 32.73 39.19 -18.62
C THR B 76 31.83 39.75 -17.50
N TYR B 77 30.74 39.04 -17.20
CA TYR B 77 29.77 39.41 -16.17
C TYR B 77 29.84 38.43 -15.00
N ALA B 78 30.09 38.94 -13.80
CA ALA B 78 30.24 38.15 -12.58
C ALA B 78 29.50 38.75 -11.38
N CYS B 79 29.31 37.96 -10.31
CA CYS B 79 28.63 38.39 -9.10
C CYS B 79 29.50 38.16 -7.85
N LYS B 80 29.82 39.26 -7.14
CA LYS B 80 30.64 39.23 -5.92
C LYS B 80 29.75 39.14 -4.69
N VAL B 81 29.92 38.08 -3.88
CA VAL B 81 29.13 37.82 -2.67
C VAL B 81 30.05 37.74 -1.45
N GLU B 82 29.76 38.55 -0.41
CA GLU B 82 30.50 38.59 0.85
C GLU B 82 29.60 38.20 2.02
N HIS B 83 30.04 37.19 2.79
CA HIS B 83 29.30 36.67 3.95
C HIS B 83 30.25 36.22 5.07
N GLU B 84 29.74 36.22 6.32
CA GLU B 84 30.47 35.83 7.54
C GLU B 84 30.94 34.37 7.54
N THR B 85 30.18 33.46 6.89
CA THR B 85 30.48 32.03 6.81
C THR B 85 31.46 31.67 5.70
N LEU B 86 31.46 32.43 4.59
CA LEU B 86 32.32 32.20 3.43
C LEU B 86 33.82 32.43 3.69
N LYS B 87 34.16 33.34 4.64
CA LYS B 87 35.50 33.77 5.07
C LYS B 87 36.32 34.50 3.99
N GLU B 88 36.03 34.22 2.69
CA GLU B 88 36.68 34.82 1.53
C GLU B 88 35.60 35.22 0.51
N PRO B 89 35.72 36.38 -0.20
CA PRO B 89 34.65 36.77 -1.14
C PRO B 89 34.55 35.86 -2.36
N GLN B 90 33.40 35.18 -2.51
CA GLN B 90 33.13 34.26 -3.60
C GLN B 90 32.61 34.99 -4.84
N VAL B 91 33.22 34.69 -6.01
CA VAL B 91 32.87 35.29 -7.30
C VAL B 91 32.16 34.24 -8.17
N TYR B 92 30.93 34.56 -8.62
CA TYR B 92 30.12 33.67 -9.45
C TYR B 92 29.97 34.21 -10.88
N LYS B 93 30.67 33.55 -11.82
CA LYS B 93 30.71 33.90 -13.24
C LYS B 93 29.39 33.54 -13.95
N TRP B 94 28.95 34.40 -14.89
CA TRP B 94 27.72 34.20 -15.66
C TRP B 94 28.01 33.91 -17.14
N ASP B 95 27.32 32.92 -17.72
CA ASP B 95 27.45 32.53 -19.13
C ASP B 95 26.24 33.01 -19.95
N PRO B 96 26.45 33.69 -21.09
CA PRO B 96 25.30 34.18 -21.87
C PRO B 96 24.59 33.10 -22.68
N GLU B 97 25.32 32.18 -23.32
CA GLU B 97 24.71 31.12 -24.13
C GLU B 97 24.42 29.86 -23.34
N VAL C 1 -3.94 42.14 6.87
CA VAL C 1 -3.82 42.96 8.07
C VAL C 1 -2.86 42.30 9.08
N ILE C 2 -1.83 43.04 9.51
CA ILE C 2 -0.82 42.59 10.47
C ILE C 2 -1.38 42.49 11.89
N PHE C 3 -0.87 41.52 12.67
CA PHE C 3 -1.27 41.28 14.06
C PHE C 3 -0.35 42.06 15.01
N PRO C 4 -0.90 42.76 16.04
CA PRO C 4 -0.02 43.52 16.97
C PRO C 4 0.85 42.62 17.85
N ALA C 5 2.15 42.95 17.92
CA ALA C 5 3.15 42.21 18.69
C ALA C 5 3.11 42.54 20.19
N LYS C 6 3.60 41.60 21.03
CA LYS C 6 3.67 41.73 22.48
C LYS C 6 5.12 41.50 22.96
N SER C 7 5.47 42.07 24.13
CA SER C 7 6.79 41.95 24.74
C SER C 7 7.08 40.50 25.16
N LEU C 8 8.33 40.05 24.92
CA LEU C 8 8.77 38.68 25.24
C LEU C 8 9.00 38.50 26.73
N GLU D 1 -6.84 25.14 -8.12
CA GLU D 1 -5.39 25.12 -8.31
C GLU D 1 -4.69 23.99 -7.53
N LEU D 2 -5.17 23.69 -6.31
CA LEU D 2 -4.61 22.63 -5.46
C LEU D 2 -5.39 21.32 -5.61
N HIS D 3 -4.66 20.21 -5.87
CA HIS D 3 -5.23 18.87 -6.02
C HIS D 3 -4.36 17.88 -5.25
N THR D 4 -4.98 17.13 -4.31
CA THR D 4 -4.27 16.18 -3.45
C THR D 4 -4.69 14.72 -3.70
N LEU D 5 -3.70 13.82 -3.65
CA LEU D 5 -3.86 12.37 -3.78
C LEU D 5 -3.31 11.73 -2.50
N ARG D 6 -4.06 10.77 -1.92
CA ARG D 6 -3.66 10.07 -0.70
C ARG D 6 -4.18 8.64 -0.70
N TYR D 7 -3.30 7.67 -0.36
CA TYR D 7 -3.65 6.26 -0.28
C TYR D 7 -3.50 5.72 1.14
N ILE D 8 -4.63 5.65 1.85
CA ILE D 8 -4.72 5.15 3.23
C ILE D 8 -4.77 3.61 3.18
N ARG D 9 -3.86 2.95 3.93
CA ARG D 9 -3.76 1.49 3.96
C ARG D 9 -3.66 0.99 5.41
N THR D 10 -4.40 -0.08 5.72
CA THR D 10 -4.43 -0.67 7.06
C THR D 10 -4.31 -2.20 7.02
N ALA D 11 -3.42 -2.75 7.86
CA ALA D 11 -3.19 -4.18 8.03
C ALA D 11 -3.46 -4.51 9.50
N MET D 12 -4.50 -5.33 9.76
CA MET D 12 -4.94 -5.66 11.12
C MET D 12 -4.81 -7.14 11.49
N THR D 13 -4.61 -7.41 12.78
CA THR D 13 -4.53 -8.75 13.36
C THR D 13 -5.91 -9.14 13.90
N ASP D 14 -6.60 -8.17 14.54
CA ASP D 14 -7.93 -8.31 15.10
C ASP D 14 -8.92 -7.35 14.39
N PRO D 15 -9.51 -7.76 13.24
CA PRO D 15 -10.41 -6.86 12.49
C PRO D 15 -11.70 -6.38 13.19
N GLY D 16 -12.49 -7.20 13.92
CA GLY D 16 -12.32 -8.61 14.27
C GLY D 16 -13.30 -9.56 13.62
N PRO D 17 -14.56 -9.66 14.13
CA PRO D 17 -15.51 -10.63 13.54
C PRO D 17 -16.24 -10.14 12.30
N GLY D 18 -16.15 -10.93 11.23
CA GLY D 18 -16.77 -10.67 9.94
C GLY D 18 -16.31 -9.39 9.24
N LEU D 19 -15.06 -8.99 9.48
CA LEU D 19 -14.47 -7.78 8.92
C LEU D 19 -13.14 -8.07 8.19
N PRO D 20 -12.80 -7.32 7.11
CA PRO D 20 -11.52 -7.60 6.42
C PRO D 20 -10.30 -7.09 7.19
N TRP D 21 -9.21 -7.88 7.19
CA TRP D 21 -7.96 -7.54 7.89
C TRP D 21 -7.11 -6.52 7.12
N TYR D 22 -7.17 -6.56 5.77
CA TYR D 22 -6.42 -5.68 4.88
C TYR D 22 -7.37 -4.78 4.10
N VAL D 23 -7.19 -3.45 4.23
CA VAL D 23 -8.01 -2.44 3.55
C VAL D 23 -7.16 -1.32 2.95
N ASP D 24 -7.38 -1.02 1.66
CA ASP D 24 -6.69 0.05 0.93
C ASP D 24 -7.73 1.01 0.38
N VAL D 25 -7.75 2.25 0.92
CA VAL D 25 -8.69 3.32 0.58
C VAL D 25 -7.94 4.48 -0.10
N GLY D 26 -8.44 4.91 -1.26
CA GLY D 26 -7.87 6.00 -2.05
C GLY D 26 -8.65 7.30 -1.95
N TYR D 27 -7.96 8.44 -2.12
CA TYR D 27 -8.57 9.77 -2.04
C TYR D 27 -8.06 10.76 -3.11
N VAL D 28 -9.00 11.52 -3.70
CA VAL D 28 -8.73 12.58 -4.69
C VAL D 28 -9.43 13.84 -4.19
N ASP D 29 -8.64 14.88 -3.82
CA ASP D 29 -9.08 16.16 -3.27
C ASP D 29 -9.95 16.00 -2.00
N GLY D 30 -9.58 15.02 -1.17
CA GLY D 30 -10.27 14.68 0.07
C GLY D 30 -11.54 13.88 -0.11
N GLU D 31 -11.74 13.31 -1.32
CA GLU D 31 -12.92 12.52 -1.65
C GLU D 31 -12.57 11.09 -2.05
N LEU D 32 -13.24 10.10 -1.43
CA LEU D 32 -13.06 8.66 -1.66
C LEU D 32 -13.44 8.30 -3.10
N PHE D 33 -12.54 7.59 -3.81
CA PHE D 33 -12.76 7.20 -5.20
C PHE D 33 -12.49 5.71 -5.47
N VAL D 34 -11.51 5.10 -4.78
CA VAL D 34 -11.13 3.70 -4.96
C VAL D 34 -11.03 2.95 -3.61
N HIS D 35 -11.32 1.63 -3.62
CA HIS D 35 -11.28 0.77 -2.43
C HIS D 35 -10.87 -0.67 -2.74
N TYR D 36 -10.10 -1.28 -1.82
CA TYR D 36 -9.63 -2.67 -1.89
C TYR D 36 -9.72 -3.31 -0.50
N ASN D 37 -10.16 -4.58 -0.45
CA ASN D 37 -10.26 -5.36 0.79
C ASN D 37 -9.83 -6.82 0.60
N SER D 38 -9.39 -7.46 1.69
CA SER D 38 -8.88 -8.83 1.73
C SER D 38 -9.92 -9.93 1.41
N THR D 39 -11.22 -9.62 1.51
CA THR D 39 -12.29 -10.60 1.25
C THR D 39 -12.66 -10.64 -0.24
N ALA D 40 -12.88 -9.47 -0.86
CA ALA D 40 -13.24 -9.36 -2.28
C ALA D 40 -12.04 -9.59 -3.20
N ARG D 41 -10.83 -9.14 -2.77
CA ARG D 41 -9.53 -9.25 -3.46
C ARG D 41 -9.54 -8.59 -4.86
N ARG D 42 -10.29 -7.47 -4.99
CA ARG D 42 -10.44 -6.69 -6.23
C ARG D 42 -10.58 -5.20 -5.92
N TYR D 43 -10.00 -4.33 -6.78
CA TYR D 43 -10.12 -2.87 -6.64
C TYR D 43 -11.46 -2.45 -7.25
N VAL D 44 -12.32 -1.81 -6.44
CA VAL D 44 -13.67 -1.40 -6.86
C VAL D 44 -13.87 0.13 -6.86
N PRO D 45 -14.63 0.70 -7.84
CA PRO D 45 -14.84 2.16 -7.84
C PRO D 45 -15.84 2.61 -6.77
N ARG D 46 -15.72 3.88 -6.34
CA ARG D 46 -16.59 4.49 -5.34
C ARG D 46 -17.30 5.74 -5.87
N THR D 47 -16.72 6.37 -6.90
CA THR D 47 -17.28 7.55 -7.56
C THR D 47 -17.68 7.24 -9.01
N GLU D 48 -18.64 8.01 -9.55
CA GLU D 48 -19.18 7.85 -10.90
C GLU D 48 -18.17 8.08 -12.03
N TRP D 49 -17.25 9.05 -11.85
CA TRP D 49 -16.23 9.41 -12.85
C TRP D 49 -15.13 8.36 -13.04
N ILE D 50 -14.64 7.75 -11.95
CA ILE D 50 -13.57 6.73 -12.00
C ILE D 50 -14.08 5.41 -12.59
N ALA D 51 -15.39 5.11 -12.43
CA ALA D 51 -16.00 3.88 -12.93
C ALA D 51 -16.15 3.83 -14.45
N ALA D 52 -16.49 4.97 -15.08
CA ALA D 52 -16.72 5.05 -16.53
C ALA D 52 -15.53 5.45 -17.38
N LYS D 53 -14.82 6.54 -17.00
CA LYS D 53 -13.70 7.08 -17.78
C LYS D 53 -12.42 6.23 -17.71
N ALA D 54 -12.27 5.38 -16.67
CA ALA D 54 -11.10 4.51 -16.55
C ALA D 54 -11.32 3.17 -17.24
N ASP D 55 -10.32 2.71 -18.02
CA ASP D 55 -10.34 1.45 -18.76
C ASP D 55 -10.35 0.22 -17.83
N GLN D 56 -10.75 -0.95 -18.34
CA GLN D 56 -10.77 -2.18 -17.55
C GLN D 56 -9.35 -2.75 -17.33
N GLN D 57 -8.37 -2.31 -18.15
CA GLN D 57 -6.94 -2.66 -18.02
C GLN D 57 -6.41 -2.05 -16.71
N TYR D 58 -6.90 -0.85 -16.36
CA TYR D 58 -6.55 -0.10 -15.15
C TYR D 58 -7.02 -0.85 -13.90
N TRP D 59 -8.26 -1.41 -13.94
CA TRP D 59 -8.85 -2.16 -12.84
C TRP D 59 -8.13 -3.50 -12.60
N ASP D 60 -7.78 -4.22 -13.68
CA ASP D 60 -7.06 -5.49 -13.61
C ASP D 60 -5.59 -5.26 -13.20
N GLY D 61 -5.05 -4.12 -13.61
CA GLY D 61 -3.67 -3.70 -13.30
C GLY D 61 -3.48 -3.35 -11.84
N GLN D 62 -4.43 -2.56 -11.27
CA GLN D 62 -4.41 -2.15 -9.86
C GLN D 62 -4.63 -3.33 -8.93
N THR D 63 -5.48 -4.30 -9.34
CA THR D 63 -5.79 -5.53 -8.60
C THR D 63 -4.54 -6.42 -8.52
N GLN D 64 -3.74 -6.49 -9.61
CA GLN D 64 -2.50 -7.26 -9.70
C GLN D 64 -1.50 -6.80 -8.61
N ILE D 65 -1.32 -5.47 -8.48
CA ILE D 65 -0.44 -4.85 -7.49
C ILE D 65 -1.08 -4.96 -6.10
N GLY D 66 -2.39 -4.78 -6.03
CA GLY D 66 -3.19 -4.86 -4.82
C GLY D 66 -3.14 -6.22 -4.13
N GLN D 67 -3.21 -7.30 -4.92
CA GLN D 67 -3.12 -8.68 -4.44
C GLN D 67 -1.70 -8.98 -3.98
N GLY D 68 -0.72 -8.45 -4.71
CA GLY D 68 0.70 -8.59 -4.42
C GLY D 68 1.09 -7.92 -3.11
N ASN D 69 0.58 -6.69 -2.90
CA ASN D 69 0.80 -5.89 -1.68
C ASN D 69 0.17 -6.55 -0.46
N GLU D 70 -1.01 -7.19 -0.64
CA GLU D 70 -1.75 -7.91 0.41
C GLU D 70 -0.91 -9.07 0.97
N GLN D 71 -0.23 -9.83 0.09
CA GLN D 71 0.61 -10.97 0.45
C GLN D 71 1.91 -10.52 1.10
N ILE D 72 2.46 -9.35 0.68
CA ILE D 72 3.69 -8.76 1.22
C ILE D 72 3.40 -8.20 2.62
N ASP D 73 2.27 -7.48 2.77
CA ASP D 73 1.87 -6.88 4.05
C ASP D 73 1.33 -7.92 5.06
N ARG D 74 1.01 -9.15 4.60
CA ARG D 74 0.54 -10.26 5.44
C ARG D 74 1.69 -10.74 6.34
N GLU D 75 2.89 -10.90 5.74
CA GLU D 75 4.12 -11.32 6.43
C GLU D 75 4.64 -10.18 7.31
N ASN D 76 4.38 -8.91 6.91
CA ASN D 76 4.79 -7.69 7.62
C ASN D 76 4.24 -7.61 9.04
N LEU D 77 3.03 -8.17 9.27
CA LEU D 77 2.40 -8.21 10.59
C LEU D 77 3.16 -9.16 11.52
N GLY D 78 3.73 -10.22 10.95
CA GLY D 78 4.53 -11.22 11.65
C GLY D 78 5.95 -10.74 11.90
N ILE D 79 6.54 -10.00 10.93
CA ILE D 79 7.88 -9.41 10.96
C ILE D 79 8.03 -8.48 12.17
N LEU D 80 7.03 -7.60 12.38
CA LEU D 80 6.99 -6.64 13.49
C LEU D 80 6.79 -7.33 14.84
N GLN D 81 5.87 -8.32 14.91
CA GLN D 81 5.58 -9.10 16.12
C GLN D 81 6.80 -9.88 16.63
N ARG D 82 7.62 -10.43 15.71
CA ARG D 82 8.83 -11.17 16.05
C ARG D 82 9.97 -10.24 16.44
N ARG D 83 9.99 -9.01 15.88
CA ARG D 83 10.99 -7.98 16.16
C ARG D 83 10.74 -7.31 17.51
N TYR D 84 9.46 -7.02 17.83
CA TYR D 84 9.03 -6.40 19.08
C TYR D 84 8.93 -7.41 20.25
N ASN D 85 9.16 -8.73 19.95
CA ASN D 85 9.10 -9.86 20.89
C ASN D 85 7.71 -10.00 21.52
N GLN D 86 6.67 -10.01 20.66
CA GLN D 86 5.26 -10.10 21.05
C GLN D 86 4.68 -11.45 20.63
N THR D 87 3.98 -12.13 21.56
CA THR D 87 3.36 -13.43 21.32
C THR D 87 2.08 -13.30 20.46
N GLY D 88 1.37 -12.18 20.62
CA GLY D 88 0.13 -11.90 19.89
C GLY D 88 -0.58 -10.66 20.39
N GLY D 89 -1.89 -10.61 20.15
CA GLY D 89 -2.75 -9.50 20.56
C GLY D 89 -3.21 -8.61 19.43
N SER D 90 -3.87 -7.50 19.79
CA SER D 90 -4.39 -6.52 18.83
C SER D 90 -3.27 -5.57 18.38
N HIS D 91 -2.78 -5.77 17.15
CA HIS D 91 -1.71 -4.98 16.55
C HIS D 91 -2.09 -4.57 15.12
N THR D 92 -1.85 -3.29 14.77
CA THR D 92 -2.19 -2.77 13.44
C THR D 92 -1.03 -1.99 12.80
N VAL D 93 -0.94 -2.07 11.46
CA VAL D 93 0.06 -1.39 10.65
C VAL D 93 -0.66 -0.38 9.74
N GLN D 94 -0.21 0.88 9.74
CA GLN D 94 -0.82 1.95 8.95
C GLN D 94 0.14 2.52 7.92
N TRP D 95 -0.38 2.83 6.71
CA TRP D 95 0.39 3.41 5.60
C TRP D 95 -0.31 4.66 5.07
N MET D 96 0.46 5.74 4.88
CA MET D 96 -0.04 7.02 4.34
C MET D 96 0.94 7.58 3.32
N TYR D 97 0.57 7.51 2.02
CA TYR D 97 1.40 7.99 0.92
C TYR D 97 0.58 8.68 -0.18
N GLY D 98 1.21 9.65 -0.83
CA GLY D 98 0.61 10.42 -1.91
C GLY D 98 1.37 11.68 -2.24
N CYS D 99 0.92 12.41 -3.28
CA CYS D 99 1.54 13.65 -3.72
C CYS D 99 0.55 14.79 -3.92
N ASP D 100 0.97 16.02 -3.57
CA ASP D 100 0.15 17.23 -3.68
C ASP D 100 0.54 18.04 -4.91
N ILE D 101 -0.45 18.43 -5.71
CA ILE D 101 -0.28 19.23 -6.94
C ILE D 101 -0.84 20.64 -6.71
N LEU D 102 -0.06 21.66 -7.11
CA LEU D 102 -0.46 23.07 -7.05
C LEU D 102 -0.12 23.69 -8.40
N GLU D 103 -1.16 24.07 -9.17
CA GLU D 103 -1.08 24.65 -10.52
C GLU D 103 -0.30 23.76 -11.52
N GLY D 104 -0.50 22.44 -11.39
CA GLY D 104 0.15 21.43 -12.22
C GLY D 104 1.35 20.77 -11.56
N GLY D 105 2.31 21.59 -11.13
CA GLY D 105 3.54 21.17 -10.48
C GLY D 105 3.36 20.63 -9.07
N PRO D 106 4.14 19.59 -8.67
CA PRO D 106 4.01 19.05 -7.30
C PRO D 106 4.70 19.90 -6.24
N ILE D 107 4.10 19.96 -5.04
CA ILE D 107 4.62 20.74 -3.90
C ILE D 107 4.97 19.85 -2.69
N ARG D 108 4.36 18.65 -2.61
CA ARG D 108 4.59 17.70 -1.52
C ARG D 108 4.66 16.26 -2.02
N GLY D 109 5.61 15.49 -1.48
CA GLY D 109 5.84 14.09 -1.78
C GLY D 109 6.14 13.33 -0.50
N TYR D 110 5.11 12.70 0.08
CA TYR D 110 5.22 11.99 1.36
C TYR D 110 4.97 10.48 1.28
N TYR D 111 5.62 9.74 2.20
CA TYR D 111 5.51 8.29 2.39
C TYR D 111 5.74 8.02 3.89
N GLN D 112 4.65 7.81 4.63
CA GLN D 112 4.68 7.59 6.09
C GLN D 112 4.12 6.23 6.49
N MET D 113 4.67 5.66 7.57
CA MET D 113 4.27 4.37 8.12
C MET D 113 4.21 4.42 9.66
N ALA D 114 3.26 3.67 10.25
CA ALA D 114 3.07 3.61 11.71
C ALA D 114 2.64 2.23 12.20
N TYR D 115 3.11 1.86 13.40
CA TYR D 115 2.78 0.60 14.06
C TYR D 115 2.25 0.89 15.47
N ASP D 116 1.02 0.42 15.75
CA ASP D 116 0.27 0.58 17.01
C ASP D 116 -0.02 2.08 17.33
N GLY D 117 -0.33 2.84 16.28
CA GLY D 117 -0.64 4.26 16.37
C GLY D 117 0.54 5.18 16.64
N ARG D 118 1.78 4.66 16.50
CA ARG D 118 3.02 5.42 16.72
C ARG D 118 3.88 5.37 15.47
N ASP D 119 4.44 6.54 15.07
CA ASP D 119 5.30 6.71 13.88
C ASP D 119 6.48 5.74 13.85
N PHE D 120 6.61 4.97 12.76
CA PHE D 120 7.65 3.98 12.58
C PHE D 120 8.72 4.44 11.58
N THR D 121 8.33 4.66 10.31
CA THR D 121 9.22 5.10 9.23
C THR D 121 8.59 6.19 8.36
N ALA D 122 9.41 7.17 7.96
CA ALA D 122 8.99 8.30 7.11
C ALA D 122 10.08 8.59 6.07
N PHE D 123 9.71 8.62 4.79
CA PHE D 123 10.63 8.86 3.68
C PHE D 123 10.89 10.35 3.45
N ASP D 124 12.18 10.69 3.26
CA ASP D 124 12.64 12.06 2.97
C ASP D 124 13.04 12.10 1.50
N LYS D 125 12.31 12.89 0.70
CA LYS D 125 12.52 13.02 -0.75
C LYS D 125 13.85 13.70 -1.12
N GLY D 126 14.29 14.65 -0.29
CA GLY D 126 15.52 15.40 -0.49
C GLY D 126 16.79 14.60 -0.32
N THR D 127 16.92 13.89 0.83
CA THR D 127 18.08 13.07 1.16
C THR D 127 18.02 11.64 0.61
N MET D 128 16.83 11.22 0.12
CA MET D 128 16.53 9.88 -0.44
C MET D 128 16.77 8.75 0.59
N THR D 129 16.52 9.05 1.88
CA THR D 129 16.70 8.12 3.01
C THR D 129 15.43 8.00 3.85
N PHE D 130 15.24 6.83 4.49
CA PHE D 130 14.09 6.55 5.36
C PHE D 130 14.43 6.86 6.82
N THR D 131 13.69 7.78 7.44
CA THR D 131 13.90 8.21 8.82
C THR D 131 13.29 7.21 9.80
N ALA D 132 14.08 6.81 10.82
CA ALA D 132 13.68 5.88 11.86
C ALA D 132 13.33 6.63 13.15
N ALA D 133 12.11 6.40 13.68
CA ALA D 133 11.62 7.05 14.90
C ALA D 133 11.74 6.12 16.11
N VAL D 134 11.41 4.83 15.93
CA VAL D 134 11.46 3.78 16.95
C VAL D 134 12.76 2.96 16.72
N PRO D 135 13.53 2.59 17.79
CA PRO D 135 14.76 1.80 17.56
C PRO D 135 14.59 0.45 16.84
N GLU D 136 13.33 0.04 16.60
CA GLU D 136 12.98 -1.20 15.90
C GLU D 136 12.82 -0.96 14.37
N ALA D 137 13.03 0.29 13.92
CA ALA D 137 12.91 0.67 12.51
C ALA D 137 14.26 0.65 11.74
N VAL D 138 15.38 0.42 12.45
CA VAL D 138 16.73 0.35 11.87
C VAL D 138 16.87 -0.84 10.86
N PRO D 139 16.31 -2.07 11.07
CA PRO D 139 16.48 -3.12 10.05
C PRO D 139 15.75 -2.81 8.73
N THR D 140 14.61 -2.09 8.81
CA THR D 140 13.82 -1.65 7.66
C THR D 140 14.58 -0.57 6.89
N LYS D 141 15.25 0.33 7.63
CA LYS D 141 16.06 1.43 7.12
C LYS D 141 17.24 0.91 6.28
N ARG D 142 17.93 -0.13 6.76
CA ARG D 142 19.07 -0.74 6.07
C ARG D 142 18.65 -1.59 4.87
N LYS D 143 17.43 -2.15 4.90
CA LYS D 143 16.87 -3.00 3.85
C LYS D 143 16.41 -2.21 2.62
N TRP D 144 15.71 -1.09 2.84
CA TRP D 144 15.14 -0.26 1.77
C TRP D 144 16.13 0.73 1.12
N GLU D 145 17.18 1.16 1.86
CA GLU D 145 18.20 2.10 1.35
C GLU D 145 19.07 1.50 0.24
N GLU D 146 19.11 0.15 0.13
CA GLU D 146 19.86 -0.58 -0.89
C GLU D 146 18.92 -1.07 -2.00
N GLY D 147 19.41 -1.03 -3.23
CA GLY D 147 18.68 -1.46 -4.41
C GLY D 147 18.07 -0.33 -5.21
N ASP D 148 16.80 -0.51 -5.61
CA ASP D 148 16.04 0.47 -6.40
C ASP D 148 14.72 0.88 -5.74
N TYR D 149 14.55 0.58 -4.43
CA TYR D 149 13.34 0.93 -3.69
C TYR D 149 13.25 2.43 -3.38
N ALA D 150 14.35 3.02 -2.86
CA ALA D 150 14.42 4.46 -2.55
C ALA D 150 14.34 5.29 -3.84
N GLU D 151 14.98 4.80 -4.92
CA GLU D 151 15.00 5.44 -6.24
C GLU D 151 13.63 5.30 -6.92
N GLY D 152 13.00 4.15 -6.75
CA GLY D 152 11.69 3.83 -7.31
C GLY D 152 10.56 4.62 -6.69
N LEU D 153 10.63 4.86 -5.37
CA LEU D 153 9.65 5.63 -4.60
C LEU D 153 9.74 7.13 -4.97
N LYS D 154 10.97 7.64 -5.18
CA LYS D 154 11.24 9.02 -5.57
C LYS D 154 10.70 9.26 -6.99
N GLN D 155 10.86 8.27 -7.89
CA GLN D 155 10.38 8.30 -9.27
C GLN D 155 8.84 8.27 -9.30
N TYR D 156 8.22 7.54 -8.34
CA TYR D 156 6.78 7.41 -8.22
C TYR D 156 6.14 8.74 -7.79
N LEU D 157 6.56 9.28 -6.63
CA LEU D 157 6.07 10.53 -6.03
C LEU D 157 6.27 11.78 -6.90
N GLU D 158 7.23 11.75 -7.85
CA GLU D 158 7.54 12.86 -8.74
C GLU D 158 7.00 12.72 -10.16
N GLU D 159 6.74 11.47 -10.62
CA GLU D 159 6.24 11.23 -11.97
C GLU D 159 4.91 10.47 -12.02
N THR D 160 4.90 9.17 -11.63
CA THR D 160 3.73 8.27 -11.65
C THR D 160 2.52 8.83 -10.87
N CYS D 161 2.75 9.29 -9.64
CA CYS D 161 1.74 9.88 -8.74
C CYS D 161 1.21 11.20 -9.29
N VAL D 162 2.10 12.04 -9.84
CA VAL D 162 1.80 13.36 -10.40
C VAL D 162 0.99 13.26 -11.71
N GLU D 163 1.46 12.43 -12.68
CA GLU D 163 0.82 12.21 -13.98
C GLU D 163 -0.59 11.64 -13.88
N TRP D 164 -0.80 10.66 -12.98
CA TRP D 164 -2.11 10.02 -12.78
C TRP D 164 -3.12 10.91 -12.07
N LEU D 165 -2.66 11.76 -11.11
CA LEU D 165 -3.51 12.70 -10.38
C LEU D 165 -4.09 13.76 -11.33
N ARG D 166 -3.31 14.18 -12.35
CA ARG D 166 -3.74 15.14 -13.38
C ARG D 166 -4.88 14.55 -14.22
N ARG D 167 -4.85 13.22 -14.46
CA ARG D 167 -5.88 12.49 -15.18
C ARG D 167 -7.16 12.36 -14.35
N TYR D 168 -7.02 11.98 -13.04
CA TYR D 168 -8.13 11.82 -12.10
C TYR D 168 -8.96 13.10 -11.94
N VAL D 169 -8.28 14.27 -11.93
CA VAL D 169 -8.89 15.60 -11.82
C VAL D 169 -9.67 15.88 -13.12
N GLU D 170 -9.05 15.58 -14.28
CA GLU D 170 -9.66 15.76 -15.61
C GLU D 170 -10.89 14.86 -15.80
N TYR D 171 -10.88 13.65 -15.18
CA TYR D 171 -11.99 12.70 -15.23
C TYR D 171 -13.20 13.19 -14.42
N GLY D 172 -12.93 13.73 -13.22
CA GLY D 172 -13.97 14.22 -12.32
C GLY D 172 -13.91 15.71 -12.06
N LYS D 173 -13.79 16.53 -13.12
CA LYS D 173 -13.76 17.99 -13.05
C LYS D 173 -15.13 18.55 -12.63
N ALA D 174 -16.22 17.85 -13.01
CA ALA D 174 -17.60 18.21 -12.69
C ALA D 174 -18.00 17.80 -11.27
N GLU D 175 -17.61 16.59 -10.83
CA GLU D 175 -17.95 16.06 -9.51
C GLU D 175 -17.15 16.71 -8.36
N LEU D 176 -15.92 17.18 -8.63
CA LEU D 176 -15.07 17.83 -7.63
C LEU D 176 -15.29 19.35 -7.58
N GLY D 177 -15.58 19.94 -8.74
CA GLY D 177 -15.82 21.38 -8.88
C GLY D 177 -17.22 21.85 -8.58
N ARG D 178 -18.13 20.91 -8.24
CA ARG D 178 -19.53 21.21 -7.91
C ARG D 178 -19.68 21.89 -6.55
N ARG D 179 -20.83 22.57 -6.33
CA ARG D 179 -21.15 23.27 -5.08
C ARG D 179 -22.59 22.98 -4.66
N GLU D 180 -22.78 22.54 -3.40
CA GLU D 180 -24.11 22.20 -2.84
C GLU D 180 -24.42 23.05 -1.60
N ARG D 181 -25.67 23.56 -1.51
CA ARG D 181 -26.13 24.37 -0.39
C ARG D 181 -26.38 23.53 0.87
N PRO D 182 -25.88 23.97 2.05
CA PRO D 182 -25.99 23.14 3.27
C PRO D 182 -27.37 22.87 3.87
N GLU D 183 -28.35 23.80 3.72
CA GLU D 183 -29.69 23.74 4.32
C GLU D 183 -29.55 23.83 5.85
N VAL D 184 -29.51 25.07 6.36
CA VAL D 184 -29.28 25.37 7.77
C VAL D 184 -30.58 25.38 8.58
N ARG D 185 -30.55 24.72 9.77
CA ARG D 185 -31.66 24.60 10.70
C ARG D 185 -31.18 24.97 12.11
N VAL D 186 -31.93 25.85 12.80
CA VAL D 186 -31.60 26.32 14.15
C VAL D 186 -32.63 25.78 15.16
N TRP D 187 -32.14 25.17 16.26
CA TRP D 187 -32.98 24.60 17.32
C TRP D 187 -32.38 24.86 18.71
N GLY D 188 -33.25 25.26 19.64
CA GLY D 188 -32.87 25.56 21.03
C GLY D 188 -33.46 24.62 22.06
N LYS D 189 -32.74 24.41 23.18
CA LYS D 189 -33.15 23.53 24.27
C LYS D 189 -32.96 24.20 25.64
N GLU D 190 -33.93 24.01 26.54
CA GLU D 190 -33.92 24.54 27.91
C GLU D 190 -33.63 23.42 28.91
N ALA D 191 -32.49 23.53 29.64
CA ALA D 191 -32.07 22.55 30.63
C ALA D 191 -31.24 23.19 31.76
N ASP D 192 -31.70 22.99 33.02
CA ASP D 192 -31.10 23.49 34.27
C ASP D 192 -30.79 25.01 34.24
N GLY D 193 -31.74 25.79 33.73
CA GLY D 193 -31.63 27.23 33.61
C GLY D 193 -30.68 27.73 32.54
N ILE D 194 -30.27 26.83 31.61
CA ILE D 194 -29.34 27.15 30.51
C ILE D 194 -30.04 26.90 29.15
N LEU D 195 -30.04 27.92 28.28
CA LEU D 195 -30.64 27.84 26.94
C LEU D 195 -29.53 27.58 25.91
N THR D 196 -29.43 26.33 25.44
CA THR D 196 -28.42 25.90 24.47
C THR D 196 -28.95 26.02 23.04
N LEU D 197 -28.35 26.92 22.24
CA LEU D 197 -28.73 27.15 20.84
C LEU D 197 -27.81 26.37 19.91
N SER D 198 -28.42 25.57 19.00
CA SER D 198 -27.69 24.72 18.06
C SER D 198 -27.88 25.17 16.61
N CYS D 199 -26.78 25.17 15.83
CA CYS D 199 -26.75 25.54 14.42
C CYS D 199 -26.26 24.33 13.63
N ARG D 200 -27.09 23.83 12.71
CA ARG D 200 -26.83 22.63 11.91
C ARG D 200 -26.85 22.85 10.40
N ALA D 201 -25.75 22.46 9.72
CA ALA D 201 -25.61 22.49 8.26
C ALA D 201 -25.58 21.02 7.84
N HIS D 202 -26.62 20.59 7.10
CA HIS D 202 -26.82 19.19 6.74
C HIS D 202 -26.01 18.66 5.55
N GLY D 203 -26.16 19.22 4.35
CA GLY D 203 -25.47 18.73 3.17
C GLY D 203 -24.80 19.76 2.29
N PHE D 204 -23.50 19.99 2.51
CA PHE D 204 -22.69 20.96 1.76
C PHE D 204 -21.45 20.34 1.12
N TYR D 205 -21.04 20.90 -0.03
CA TYR D 205 -19.84 20.49 -0.78
C TYR D 205 -19.16 21.73 -1.38
N PRO D 206 -17.82 21.93 -1.22
CA PRO D 206 -16.82 21.08 -0.56
C PRO D 206 -16.85 21.08 0.97
N ARG D 207 -15.95 20.29 1.60
CA ARG D 207 -15.78 20.11 3.03
C ARG D 207 -15.59 21.42 3.85
N PRO D 208 -14.69 22.39 3.46
CA PRO D 208 -14.52 23.59 4.30
C PRO D 208 -15.76 24.49 4.42
N ILE D 209 -16.06 24.90 5.67
CA ILE D 209 -17.20 25.76 6.04
C ILE D 209 -16.86 26.61 7.28
N VAL D 210 -17.48 27.80 7.39
CA VAL D 210 -17.30 28.70 8.54
C VAL D 210 -18.67 28.94 9.19
N VAL D 211 -18.97 28.18 10.26
CA VAL D 211 -20.22 28.29 11.00
C VAL D 211 -19.88 28.80 12.41
N SER D 212 -20.25 30.05 12.70
CA SER D 212 -19.99 30.70 13.98
C SER D 212 -21.16 31.52 14.48
N TRP D 213 -21.36 31.52 15.81
CA TRP D 213 -22.44 32.27 16.48
C TRP D 213 -22.04 33.72 16.69
N LEU D 214 -22.97 34.65 16.42
CA LEU D 214 -22.76 36.08 16.54
C LEU D 214 -23.73 36.72 17.53
N LYS D 215 -23.20 37.46 18.51
CA LYS D 215 -23.97 38.15 19.54
C LYS D 215 -23.84 39.67 19.35
N ASP D 216 -24.96 40.32 18.97
CA ASP D 216 -25.09 41.77 18.69
C ASP D 216 -24.09 42.27 17.64
N GLY D 217 -23.89 41.47 16.59
CA GLY D 217 -22.98 41.78 15.49
C GLY D 217 -21.57 41.25 15.65
N ALA D 218 -21.12 41.09 16.92
CA ALA D 218 -19.78 40.60 17.26
C ALA D 218 -19.73 39.07 17.28
N VAL D 219 -18.65 38.50 16.72
CA VAL D 219 -18.44 37.04 16.64
C VAL D 219 -17.90 36.51 17.97
N ARG D 220 -18.50 35.43 18.48
CA ARG D 220 -18.11 34.77 19.72
C ARG D 220 -17.71 33.30 19.41
N GLY D 221 -16.42 33.09 19.21
CA GLY D 221 -15.86 31.78 18.89
C GLY D 221 -15.09 31.13 20.03
N GLN D 222 -15.60 31.28 21.26
CA GLN D 222 -14.99 30.71 22.47
C GLN D 222 -16.04 29.96 23.31
N ASP D 223 -17.22 30.58 23.52
CA ASP D 223 -18.33 29.99 24.27
C ASP D 223 -19.00 28.87 23.44
N ALA D 224 -18.80 28.92 22.11
CA ALA D 224 -19.33 27.96 21.15
C ALA D 224 -18.47 26.71 21.08
N HIS D 225 -19.11 25.53 21.11
CA HIS D 225 -18.46 24.21 21.03
C HIS D 225 -18.77 23.59 19.67
N SER D 226 -17.72 23.38 18.85
CA SER D 226 -17.85 22.81 17.51
C SER D 226 -17.30 21.38 17.46
N GLY D 227 -18.00 20.53 16.72
CA GLY D 227 -17.66 19.13 16.52
C GLY D 227 -16.97 18.86 15.20
N GLY D 228 -16.46 19.92 14.57
CA GLY D 228 -15.76 19.88 13.29
C GLY D 228 -16.66 19.55 12.11
N ILE D 229 -16.04 19.19 10.98
CA ILE D 229 -16.76 18.82 9.76
C ILE D 229 -16.76 17.29 9.62
N VAL D 230 -17.95 16.69 9.68
CA VAL D 230 -18.19 15.25 9.60
C VAL D 230 -18.77 14.83 8.23
N PRO D 231 -18.28 13.74 7.59
CA PRO D 231 -18.80 13.38 6.26
C PRO D 231 -20.09 12.57 6.25
N ASN D 232 -20.79 12.57 5.10
CA ASN D 232 -22.03 11.83 4.86
C ASN D 232 -21.81 10.66 3.88
N GLY D 233 -22.75 9.71 3.88
CA GLY D 233 -22.72 8.51 3.04
C GLY D 233 -22.72 8.74 1.54
N ASP D 234 -23.54 9.69 1.07
CA ASP D 234 -23.67 10.03 -0.35
C ASP D 234 -22.43 10.70 -0.96
N GLY D 235 -21.71 11.47 -0.14
CA GLY D 235 -20.50 12.17 -0.56
C GLY D 235 -20.42 13.63 -0.10
N THR D 236 -21.48 14.13 0.55
CA THR D 236 -21.56 15.50 1.05
C THR D 236 -21.01 15.59 2.50
N TYR D 237 -21.03 16.80 3.09
CA TYR D 237 -20.52 17.03 4.45
C TYR D 237 -21.54 17.68 5.40
N HIS D 238 -21.32 17.50 6.71
CA HIS D 238 -22.15 17.96 7.82
C HIS D 238 -21.27 18.63 8.90
N THR D 239 -21.84 19.54 9.71
CA THR D 239 -21.14 20.21 10.80
C THR D 239 -22.08 20.55 11.98
N TRP D 240 -21.55 20.50 13.21
CA TRP D 240 -22.29 20.79 14.45
C TRP D 240 -21.63 21.95 15.21
N VAL D 241 -22.38 23.04 15.42
CA VAL D 241 -21.93 24.22 16.15
C VAL D 241 -23.03 24.60 17.17
N THR D 242 -22.70 24.53 18.48
CA THR D 242 -23.67 24.84 19.54
C THR D 242 -23.08 25.82 20.57
N ILE D 243 -23.93 26.74 21.08
CA ILE D 243 -23.53 27.75 22.07
C ILE D 243 -24.46 27.73 23.30
N ASP D 244 -23.87 27.93 24.50
CA ASP D 244 -24.60 27.99 25.77
C ASP D 244 -24.86 29.44 26.15
N ALA D 245 -26.14 29.81 26.32
CA ALA D 245 -26.55 31.17 26.65
C ALA D 245 -27.68 31.22 27.69
N GLN D 246 -27.87 32.41 28.31
CA GLN D 246 -28.92 32.65 29.32
C GLN D 246 -30.30 32.71 28.65
N PRO D 247 -31.37 32.17 29.28
CA PRO D 247 -32.70 32.22 28.64
C PRO D 247 -33.31 33.62 28.61
N GLY D 248 -33.87 33.97 27.45
CA GLY D 248 -34.48 35.27 27.21
C GLY D 248 -33.75 36.12 26.18
N ASP D 249 -32.43 35.86 26.00
CA ASP D 249 -31.57 36.57 25.04
C ASP D 249 -31.53 35.87 23.67
N GLY D 250 -32.70 35.45 23.19
CA GLY D 250 -32.87 34.76 21.93
C GLY D 250 -32.71 35.63 20.69
N ASP D 251 -33.11 36.91 20.78
CA ASP D 251 -33.02 37.84 19.65
C ASP D 251 -31.59 38.32 19.35
N LYS D 252 -30.73 38.39 20.37
CA LYS D 252 -29.34 38.85 20.25
C LYS D 252 -28.43 37.90 19.45
N TYR D 253 -28.69 36.59 19.53
CA TYR D 253 -27.90 35.56 18.84
C TYR D 253 -28.34 35.30 17.41
N GLN D 254 -27.36 35.24 16.48
CA GLN D 254 -27.54 34.97 15.05
C GLN D 254 -26.42 34.06 14.54
N CYS D 255 -26.78 33.01 13.79
CA CYS D 255 -25.81 32.06 13.24
C CYS D 255 -25.43 32.41 11.81
N ARG D 256 -24.14 32.69 11.56
CA ARG D 256 -23.61 33.03 10.24
C ARG D 256 -22.91 31.82 9.63
N VAL D 257 -23.30 31.48 8.39
CA VAL D 257 -22.74 30.35 7.64
C VAL D 257 -22.02 30.86 6.39
N GLU D 258 -20.71 30.60 6.28
CA GLU D 258 -19.87 31.01 5.16
C GLU D 258 -19.44 29.77 4.37
N HIS D 259 -19.84 29.70 3.09
CA HIS D 259 -19.54 28.58 2.20
C HIS D 259 -19.34 29.03 0.75
N ALA D 260 -18.61 28.22 -0.05
CA ALA D 260 -18.31 28.47 -1.47
C ALA D 260 -19.57 28.52 -2.35
N SER D 261 -20.59 27.71 -1.99
CA SER D 261 -21.87 27.63 -2.72
C SER D 261 -22.69 28.93 -2.60
N LEU D 262 -22.61 29.60 -1.44
CA LEU D 262 -23.32 30.84 -1.17
C LEU D 262 -22.50 32.07 -1.59
N PRO D 263 -23.08 33.01 -2.39
CA PRO D 263 -22.31 34.21 -2.77
C PRO D 263 -22.11 35.20 -1.62
N GLN D 264 -23.07 35.23 -0.68
CA GLN D 264 -23.05 36.08 0.51
C GLN D 264 -23.28 35.22 1.77
N PRO D 265 -22.63 35.53 2.94
CA PRO D 265 -22.86 34.69 4.14
C PRO D 265 -24.31 34.72 4.63
N GLY D 266 -24.86 33.52 4.86
CA GLY D 266 -26.22 33.34 5.32
C GLY D 266 -26.39 33.45 6.82
N LEU D 267 -27.23 34.41 7.25
CA LEU D 267 -27.53 34.66 8.66
C LEU D 267 -28.86 34.02 9.04
N TYR D 268 -28.88 33.26 10.16
CA TYR D 268 -30.06 32.52 10.63
C TYR D 268 -30.34 32.77 12.11
N SER D 269 -31.61 33.04 12.44
CA SER D 269 -32.08 33.30 13.80
C SER D 269 -33.05 32.20 14.26
N TRP D 270 -33.16 31.97 15.59
CA TRP D 270 -34.04 30.94 16.16
C TRP D 270 -35.45 31.46 16.43
N GLU D 271 -36.46 30.69 15.97
CA GLU D 271 -37.88 31.00 16.15
C GLU D 271 -38.57 29.78 16.81
N PRO D 272 -39.22 29.93 17.99
CA PRO D 272 -39.84 28.75 18.63
C PRO D 272 -41.16 28.34 17.97
N LEU E 2 -7.49 8.09 23.61
CA LEU E 2 -7.80 7.38 22.38
C LEU E 2 -9.28 6.91 22.33
N THR E 3 -10.15 7.56 23.13
CA THR E 3 -11.58 7.27 23.19
C THR E 3 -12.32 7.80 21.95
N PRO E 4 -13.23 7.01 21.34
CA PRO E 4 -13.93 7.49 20.13
C PRO E 4 -14.92 8.64 20.38
N LYS E 5 -14.79 9.72 19.58
CA LYS E 5 -15.68 10.88 19.65
C LYS E 5 -16.83 10.63 18.67
N VAL E 6 -17.98 10.21 19.20
CA VAL E 6 -19.17 9.84 18.42
C VAL E 6 -20.15 11.01 18.28
N GLN E 7 -20.63 11.24 17.05
CA GLN E 7 -21.60 12.28 16.70
C GLN E 7 -22.73 11.67 15.86
N VAL E 8 -23.96 11.68 16.39
CA VAL E 8 -25.14 11.14 15.69
C VAL E 8 -25.96 12.31 15.09
N TYR E 9 -26.26 12.21 13.78
CA TYR E 9 -26.95 13.25 13.01
C TYR E 9 -27.71 12.68 11.80
N SER E 10 -28.54 13.52 11.14
CA SER E 10 -29.31 13.16 9.95
C SER E 10 -28.75 13.85 8.70
N ARG E 11 -28.92 13.20 7.53
CA ARG E 11 -28.46 13.69 6.23
C ARG E 11 -29.19 14.98 5.80
N PHE E 12 -30.52 15.02 6.00
CA PHE E 12 -31.38 16.16 5.68
C PHE E 12 -32.10 16.66 6.94
N PRO E 13 -32.63 17.92 6.99
CA PRO E 13 -33.36 18.36 8.21
C PRO E 13 -34.58 17.46 8.46
N ALA E 14 -34.59 16.78 9.61
CA ALA E 14 -35.61 15.80 10.00
C ALA E 14 -37.05 16.35 10.04
N SER E 15 -37.95 15.63 9.35
CA SER E 15 -39.38 15.94 9.25
C SER E 15 -40.20 14.65 9.33
N ALA E 16 -41.47 14.75 9.75
CA ALA E 16 -42.35 13.59 9.91
C ALA E 16 -42.82 13.06 8.55
N GLY E 17 -42.61 11.77 8.32
CA GLY E 17 -43.00 11.08 7.09
C GLY E 17 -42.21 11.45 5.86
N THR E 18 -40.91 11.75 6.02
CA THR E 18 -40.00 12.12 4.93
C THR E 18 -38.81 11.15 4.88
N LYS E 19 -38.32 10.85 3.66
CA LYS E 19 -37.18 9.96 3.44
C LYS E 19 -35.88 10.66 3.86
N ASN E 20 -35.19 10.10 4.86
CA ASN E 20 -33.94 10.65 5.41
C ASN E 20 -32.93 9.54 5.71
N VAL E 21 -31.65 9.91 5.95
CA VAL E 21 -30.57 8.96 6.25
C VAL E 21 -29.96 9.28 7.62
N LEU E 22 -29.95 8.29 8.53
CA LEU E 22 -29.39 8.45 9.88
C LEU E 22 -27.91 8.09 9.86
N ASN E 23 -27.05 9.07 10.17
CA ASN E 23 -25.59 8.90 10.16
C ASN E 23 -25.01 8.87 11.57
N CYS E 24 -24.03 7.97 11.79
CA CYS E 24 -23.32 7.82 13.07
C CYS E 24 -21.83 7.79 12.77
N PHE E 25 -21.11 8.87 13.13
CA PHE E 25 -19.68 9.01 12.88
C PHE E 25 -18.86 9.03 14.16
N ALA E 26 -17.84 8.15 14.23
CA ALA E 26 -16.91 8.04 15.34
C ALA E 26 -15.50 8.40 14.84
N ALA E 27 -14.80 9.29 15.57
CA ALA E 27 -13.46 9.75 15.20
C ALA E 27 -12.49 9.81 16.39
N GLY E 28 -11.21 9.58 16.10
CA GLY E 28 -10.14 9.62 17.08
C GLY E 28 -10.10 8.40 17.99
N PHE E 29 -9.99 7.20 17.40
CA PHE E 29 -9.96 5.95 18.18
C PHE E 29 -8.86 4.97 17.74
N HIS E 30 -8.35 4.20 18.72
CA HIS E 30 -7.31 3.18 18.55
C HIS E 30 -7.46 2.15 19.70
N PRO E 31 -7.50 0.81 19.45
CA PRO E 31 -7.37 0.07 18.18
C PRO E 31 -8.49 0.33 17.16
N PRO E 32 -8.29 0.02 15.85
CA PRO E 32 -9.34 0.28 14.85
C PRO E 32 -10.62 -0.55 14.98
N LYS E 33 -10.59 -1.66 15.77
CA LYS E 33 -11.74 -2.53 15.99
C LYS E 33 -12.81 -1.77 16.79
N ILE E 34 -13.98 -1.56 16.15
CA ILE E 34 -15.11 -0.84 16.73
C ILE E 34 -16.45 -1.45 16.28
N SER E 35 -17.44 -1.49 17.19
CA SER E 35 -18.77 -2.04 16.91
C SER E 35 -19.82 -0.93 17.03
N ILE E 36 -20.13 -0.28 15.88
CA ILE E 36 -21.10 0.80 15.79
C ILE E 36 -22.39 0.26 15.15
N THR E 37 -23.53 0.41 15.86
CA THR E 37 -24.83 -0.07 15.40
C THR E 37 -25.91 1.00 15.58
N LEU E 38 -26.68 1.28 14.51
CA LEU E 38 -27.78 2.24 14.52
C LEU E 38 -29.00 1.53 15.11
N MET E 39 -29.61 2.12 16.16
CA MET E 39 -30.75 1.51 16.84
C MET E 39 -32.01 2.35 16.85
N LYS E 40 -33.16 1.69 16.73
CA LYS E 40 -34.50 2.26 16.75
C LYS E 40 -35.25 1.59 17.91
N ASP E 41 -35.40 2.30 19.05
CA ASP E 41 -36.06 1.84 20.29
C ASP E 41 -35.37 0.60 20.91
N GLY E 42 -34.04 0.56 20.81
CA GLY E 42 -33.21 -0.52 21.35
C GLY E 42 -32.93 -1.68 20.41
N VAL E 43 -33.65 -1.74 19.28
CA VAL E 43 -33.52 -2.81 18.26
C VAL E 43 -32.73 -2.26 17.05
N PRO E 44 -31.72 -3.01 16.52
CA PRO E 44 -30.93 -2.49 15.37
C PRO E 44 -31.77 -2.17 14.13
N MET E 45 -31.38 -1.11 13.41
CA MET E 45 -32.06 -0.60 12.20
C MET E 45 -31.86 -1.46 10.96
N GLU E 46 -32.85 -1.40 10.04
CA GLU E 46 -32.91 -2.13 8.78
C GLU E 46 -32.03 -1.48 7.71
N GLY E 47 -31.26 -2.31 7.00
CA GLY E 47 -30.40 -1.91 5.90
C GLY E 47 -29.31 -0.93 6.24
N ALA E 48 -28.45 -1.30 7.22
CA ALA E 48 -27.34 -0.46 7.67
C ALA E 48 -26.09 -0.65 6.81
N GLN E 49 -25.58 0.45 6.23
CA GLN E 49 -24.39 0.46 5.38
C GLN E 49 -23.19 1.00 6.15
N TYR E 50 -22.04 0.30 6.07
CA TYR E 50 -20.81 0.65 6.78
C TYR E 50 -19.75 1.25 5.84
N SER E 51 -19.53 2.58 5.92
CA SER E 51 -18.54 3.27 5.07
C SER E 51 -17.12 2.78 5.34
N ASP E 52 -16.28 2.77 4.28
CA ASP E 52 -14.89 2.33 4.33
C ASP E 52 -14.09 3.06 5.40
N MET E 53 -13.31 2.30 6.20
CA MET E 53 -12.50 2.83 7.30
C MET E 53 -11.30 3.63 6.78
N SER E 54 -11.03 4.77 7.43
CA SER E 54 -9.93 5.69 7.11
C SER E 54 -9.32 6.25 8.40
N PHE E 55 -8.18 6.95 8.29
CA PHE E 55 -7.50 7.58 9.43
C PHE E 55 -6.91 8.95 9.08
N ASN E 56 -6.90 9.85 10.09
CA ASN E 56 -6.38 11.22 9.97
C ASN E 56 -4.84 11.25 10.04
N ASP E 57 -4.23 12.46 9.88
CA ASP E 57 -2.78 12.70 9.92
C ASP E 57 -2.11 12.24 11.21
N ASP E 58 -2.83 12.30 12.35
CA ASP E 58 -2.34 11.89 13.68
C ASP E 58 -2.55 10.38 13.96
N TRP E 59 -2.73 9.58 12.88
CA TRP E 59 -2.92 8.11 12.87
C TRP E 59 -4.20 7.63 13.59
N THR E 60 -5.13 8.54 13.91
CA THR E 60 -6.38 8.22 14.59
C THR E 60 -7.47 7.80 13.59
N PHE E 61 -8.04 6.61 13.79
CA PHE E 61 -9.07 6.01 12.93
C PHE E 61 -10.42 6.72 12.97
N GLN E 62 -11.20 6.60 11.86
CA GLN E 62 -12.52 7.19 11.64
C GLN E 62 -13.43 6.22 10.88
N ARG E 63 -14.73 6.16 11.23
CA ARG E 63 -15.72 5.31 10.55
C ARG E 63 -17.14 5.89 10.58
N LEU E 64 -17.90 5.71 9.48
CA LEU E 64 -19.27 6.20 9.31
C LEU E 64 -20.26 5.04 9.07
N VAL E 65 -21.42 5.10 9.74
CA VAL E 65 -22.50 4.11 9.60
C VAL E 65 -23.78 4.87 9.21
N HIS E 66 -24.33 4.57 8.01
CA HIS E 66 -25.53 5.22 7.50
C HIS E 66 -26.58 4.23 7.00
N ALA E 67 -27.87 4.58 7.16
CA ALA E 67 -29.02 3.77 6.75
C ALA E 67 -30.24 4.63 6.41
N ASP E 68 -30.97 4.26 5.34
CA ASP E 68 -32.18 4.94 4.87
C ASP E 68 -33.34 4.65 5.84
N PHE E 69 -34.03 5.72 6.31
CA PHE E 69 -35.13 5.60 7.28
C PHE E 69 -36.20 6.70 7.14
N THR E 70 -37.27 6.60 7.96
CA THR E 70 -38.37 7.56 8.03
C THR E 70 -38.62 7.88 9.51
N PRO E 71 -38.43 9.14 9.97
CA PRO E 71 -38.65 9.44 11.40
C PRO E 71 -40.12 9.49 11.80
N SER E 72 -40.47 8.70 12.83
CA SER E 72 -41.83 8.62 13.38
C SER E 72 -41.88 9.24 14.77
N SER E 73 -42.98 9.95 15.08
CA SER E 73 -43.19 10.61 16.37
C SER E 73 -43.38 9.58 17.48
N GLY E 74 -42.55 9.70 18.52
CA GLY E 74 -42.55 8.79 19.66
C GLY E 74 -41.39 7.83 19.68
N SER E 75 -41.03 7.29 18.48
CA SER E 75 -39.93 6.34 18.30
C SER E 75 -38.58 7.03 18.54
N THR E 76 -37.77 6.46 19.44
CA THR E 76 -36.45 6.99 19.82
C THR E 76 -35.34 6.35 18.97
N TYR E 77 -34.46 7.21 18.41
CA TYR E 77 -33.32 6.79 17.59
C TYR E 77 -32.02 7.04 18.35
N ALA E 78 -31.20 5.99 18.52
CA ALA E 78 -29.93 6.05 19.23
C ALA E 78 -28.83 5.28 18.52
N CYS E 79 -27.56 5.50 18.92
CA CYS E 79 -26.40 4.82 18.33
C CYS E 79 -25.56 4.12 19.40
N LYS E 80 -25.43 2.79 19.29
CA LYS E 80 -24.66 1.95 20.22
C LYS E 80 -23.23 1.77 19.68
N VAL E 81 -22.23 2.21 20.48
CA VAL E 81 -20.81 2.13 20.12
C VAL E 81 -20.04 1.30 21.17
N GLU E 82 -19.32 0.26 20.70
CA GLU E 82 -18.50 -0.62 21.54
C GLU E 82 -17.03 -0.53 21.16
N HIS E 83 -16.17 -0.22 22.14
CA HIS E 83 -14.72 -0.08 21.94
C HIS E 83 -13.94 -0.56 23.17
N GLU E 84 -12.67 -0.97 22.94
CA GLU E 84 -11.74 -1.48 23.96
C GLU E 84 -11.41 -0.46 25.06
N THR E 85 -11.38 0.84 24.71
CA THR E 85 -11.06 1.94 25.63
C THR E 85 -12.26 2.41 26.48
N LEU E 86 -13.48 2.32 25.92
CA LEU E 86 -14.72 2.74 26.57
C LEU E 86 -15.12 1.93 27.81
N LYS E 87 -14.71 0.63 27.85
CA LYS E 87 -15.01 -0.35 28.92
C LYS E 87 -16.47 -0.79 28.93
N GLU E 88 -17.41 0.17 28.83
CA GLU E 88 -18.86 -0.05 28.80
C GLU E 88 -19.47 0.48 27.49
N PRO E 89 -20.52 -0.17 26.93
CA PRO E 89 -21.10 0.32 25.66
C PRO E 89 -21.81 1.65 25.79
N GLN E 90 -21.29 2.68 25.09
CA GLN E 90 -21.83 4.04 25.11
C GLN E 90 -22.97 4.20 24.11
N VAL E 91 -24.10 4.76 24.58
CA VAL E 91 -25.30 5.00 23.77
C VAL E 91 -25.44 6.51 23.50
N TYR E 92 -25.50 6.90 22.22
CA TYR E 92 -25.63 8.29 21.79
C TYR E 92 -27.02 8.56 21.17
N LYS E 93 -27.86 9.28 21.92
CA LYS E 93 -29.24 9.63 21.54
C LYS E 93 -29.25 10.70 20.45
N TRP E 94 -30.11 10.49 19.42
CA TRP E 94 -30.25 11.42 18.29
C TRP E 94 -31.37 12.43 18.54
N ASP E 95 -31.04 13.73 18.41
CA ASP E 95 -31.99 14.81 18.59
C ASP E 95 -32.73 15.07 17.27
N PRO E 96 -34.06 14.85 17.22
CA PRO E 96 -34.78 15.05 15.94
C PRO E 96 -34.90 16.51 15.49
N GLU E 97 -34.89 17.47 16.44
CA GLU E 97 -34.99 18.91 16.25
C GLU E 97 -36.35 19.36 15.64
N PHE E 98 -37.39 18.51 15.77
CA PHE E 98 -38.75 18.79 15.30
C PHE E 98 -39.80 18.25 16.31
N VAL F 1 -2.89 5.65 -8.91
CA VAL F 1 -2.21 4.36 -9.03
C VAL F 1 -1.40 4.08 -7.75
N ILE F 2 -1.65 2.92 -7.13
CA ILE F 2 -0.98 2.47 -5.91
C ILE F 2 0.48 2.06 -6.17
N PHE F 3 1.35 2.28 -5.18
CA PHE F 3 2.78 1.94 -5.24
C PHE F 3 3.01 0.53 -4.66
N PRO F 4 3.82 -0.33 -5.34
CA PRO F 4 4.05 -1.68 -4.80
C PRO F 4 4.86 -1.70 -3.51
N ALA F 5 4.38 -2.45 -2.50
CA ALA F 5 5.00 -2.58 -1.19
C ALA F 5 6.17 -3.56 -1.17
N LYS F 6 7.10 -3.37 -0.21
CA LYS F 6 8.28 -4.22 -0.01
C LYS F 6 8.31 -4.75 1.43
N SER F 7 8.99 -5.89 1.64
CA SER F 7 9.13 -6.55 2.95
C SER F 7 9.94 -5.68 3.92
N LEU F 8 9.50 -5.62 5.19
CA LEU F 8 10.15 -4.83 6.24
C LEU F 8 11.45 -5.45 6.71
N GLU G 1 -21.24 -34.89 -17.54
CA GLU G 1 -22.60 -35.38 -17.79
C GLU G 1 -23.63 -34.42 -17.19
N LEU G 2 -23.66 -34.29 -15.85
CA LEU G 2 -24.58 -33.40 -15.12
C LEU G 2 -23.86 -32.13 -14.69
N HIS G 3 -24.48 -30.96 -14.97
CA HIS G 3 -23.95 -29.65 -14.63
C HIS G 3 -25.07 -28.81 -14.01
N THR G 4 -24.84 -28.27 -12.79
CA THR G 4 -25.83 -27.48 -12.06
C THR G 4 -25.41 -26.03 -11.83
N LEU G 5 -26.39 -25.12 -11.94
CA LEU G 5 -26.24 -23.68 -11.69
C LEU G 5 -27.22 -23.29 -10.58
N ARG G 6 -26.75 -22.51 -9.59
CA ARG G 6 -27.56 -22.06 -8.46
C ARG G 6 -27.12 -20.68 -7.99
N TYR G 7 -28.09 -19.78 -7.78
CA TYR G 7 -27.86 -18.43 -7.29
C TYR G 7 -28.50 -18.19 -5.93
N ILE G 8 -27.69 -18.31 -4.87
CA ILE G 8 -28.09 -18.10 -3.48
C ILE G 8 -28.09 -16.60 -3.18
N ARG G 9 -29.22 -16.07 -2.68
CA ARG G 9 -29.37 -14.65 -2.38
C ARG G 9 -29.99 -14.46 -0.99
N THR G 10 -29.44 -13.51 -0.21
CA THR G 10 -29.89 -13.20 1.15
C THR G 10 -30.05 -11.70 1.38
N ALA G 11 -31.19 -11.30 1.96
CA ALA G 11 -31.52 -9.93 2.33
C ALA G 11 -31.78 -9.94 3.85
N MET G 12 -30.93 -9.23 4.60
CA MET G 12 -30.99 -9.20 6.07
C MET G 12 -31.29 -7.82 6.67
N THR G 13 -31.94 -7.82 7.85
CA THR G 13 -32.25 -6.62 8.63
C THR G 13 -31.16 -6.42 9.68
N ASP G 14 -30.70 -7.53 10.29
CA ASP G 14 -29.63 -7.55 11.30
C ASP G 14 -28.43 -8.38 10.78
N PRO G 15 -27.50 -7.75 10.01
CA PRO G 15 -26.37 -8.51 9.45
C PRO G 15 -25.37 -9.18 10.44
N GLY G 16 -24.91 -8.57 11.54
CA GLY G 16 -25.25 -7.25 12.09
C GLY G 16 -24.13 -6.22 12.04
N PRO G 17 -23.13 -6.28 12.96
CA PRO G 17 -22.08 -5.25 12.96
C PRO G 17 -20.94 -5.50 11.95
N GLY G 18 -20.69 -4.49 11.11
CA GLY G 18 -19.65 -4.50 10.09
C GLY G 18 -19.80 -5.58 9.02
N LEU G 19 -21.06 -5.98 8.73
CA LEU G 19 -21.38 -7.03 7.76
C LEU G 19 -22.38 -6.54 6.70
N PRO G 20 -22.30 -7.03 5.44
CA PRO G 20 -23.27 -6.57 4.43
C PRO G 20 -24.66 -7.18 4.61
N TRP G 21 -25.72 -6.37 4.39
CA TRP G 21 -27.11 -6.80 4.54
C TRP G 21 -27.61 -7.61 3.33
N TYR G 22 -27.10 -7.29 2.12
CA TYR G 22 -27.46 -7.93 0.86
C TYR G 22 -26.27 -8.69 0.29
N VAL G 23 -26.43 -10.01 0.07
CA VAL G 23 -25.39 -10.89 -0.48
C VAL G 23 -25.94 -11.82 -1.55
N ASP G 24 -25.28 -11.86 -2.73
CA ASP G 24 -25.65 -12.71 -3.85
C ASP G 24 -24.44 -13.59 -4.20
N VAL G 25 -24.57 -14.90 -3.96
CA VAL G 25 -23.53 -15.92 -4.18
C VAL G 25 -23.95 -16.88 -5.30
N GLY G 26 -23.07 -17.08 -6.27
CA GLY G 26 -23.29 -17.96 -7.42
C GLY G 26 -22.54 -19.29 -7.32
N TYR G 27 -23.10 -20.33 -7.96
CA TYR G 27 -22.51 -21.68 -7.95
C TYR G 27 -22.58 -22.39 -9.30
N VAL G 28 -21.48 -23.07 -9.69
CA VAL G 28 -21.36 -23.88 -10.91
C VAL G 28 -20.83 -25.25 -10.46
N ASP G 29 -21.67 -26.31 -10.60
CA ASP G 29 -21.39 -27.70 -10.22
C ASP G 29 -21.03 -27.83 -8.72
N GLY G 30 -21.69 -27.03 -7.88
CA GLY G 30 -21.48 -26.99 -6.44
C GLY G 30 -20.25 -26.22 -6.01
N GLU G 31 -19.66 -25.41 -6.92
CA GLU G 31 -18.46 -24.62 -6.66
C GLU G 31 -18.71 -23.12 -6.86
N LEU G 32 -18.32 -22.31 -5.85
CA LEU G 32 -18.46 -20.85 -5.82
C LEU G 32 -17.63 -20.21 -6.94
N PHE G 33 -18.25 -19.33 -7.74
CA PHE G 33 -17.59 -18.67 -8.87
C PHE G 33 -17.80 -17.14 -8.89
N VAL G 34 -18.98 -16.66 -8.48
CA VAL G 34 -19.30 -15.23 -8.48
C VAL G 34 -19.90 -14.78 -7.13
N HIS G 35 -19.67 -13.50 -6.76
CA HIS G 35 -20.15 -12.91 -5.50
C HIS G 35 -20.48 -11.41 -5.63
N TYR G 36 -21.56 -10.98 -4.93
CA TYR G 36 -22.03 -9.59 -4.88
C TYR G 36 -22.22 -9.16 -3.43
N ASN G 37 -21.84 -7.91 -3.11
CA ASN G 37 -21.93 -7.32 -1.77
C ASN G 37 -22.69 -6.00 -1.79
N SER G 38 -23.37 -5.66 -0.67
CA SER G 38 -24.10 -4.40 -0.53
C SER G 38 -23.15 -3.23 -0.22
N THR G 39 -21.94 -3.54 0.27
CA THR G 39 -20.90 -2.56 0.60
C THR G 39 -20.03 -2.23 -0.62
N ALA G 40 -19.57 -3.26 -1.36
CA ALA G 40 -18.74 -3.10 -2.55
C ALA G 40 -19.55 -2.64 -3.77
N ARG G 41 -20.82 -3.11 -3.88
CA ARG G 41 -21.79 -2.82 -4.94
C ARG G 41 -21.28 -3.18 -6.35
N ARG G 42 -20.49 -4.27 -6.44
CA ARG G 42 -19.89 -4.79 -7.68
C ARG G 42 -19.82 -6.32 -7.68
N TYR G 43 -20.04 -6.96 -8.83
CA TYR G 43 -19.91 -8.42 -8.98
C TYR G 43 -18.43 -8.76 -9.17
N VAL G 44 -17.88 -9.59 -8.26
CA VAL G 44 -16.46 -9.95 -8.27
C VAL G 44 -16.22 -11.46 -8.52
N PRO G 45 -15.16 -11.84 -9.29
CA PRO G 45 -14.91 -13.27 -9.52
C PRO G 45 -14.32 -13.98 -8.29
N ARG G 46 -14.54 -15.30 -8.20
CA ARG G 46 -14.04 -16.14 -7.12
C ARG G 46 -13.15 -17.28 -7.62
N THR G 47 -13.33 -17.68 -8.89
CA THR G 47 -12.53 -18.73 -9.55
C THR G 47 -11.68 -18.15 -10.67
N GLU G 48 -10.54 -18.81 -10.94
CA GLU G 48 -9.56 -18.41 -11.95
C GLU G 48 -10.08 -18.46 -13.40
N TRP G 49 -11.09 -19.32 -13.68
CA TRP G 49 -11.66 -19.47 -15.03
C TRP G 49 -12.65 -18.36 -15.40
N ILE G 50 -13.52 -17.93 -14.46
CA ILE G 50 -14.51 -16.87 -14.69
C ILE G 50 -13.84 -15.48 -14.79
N ALA G 51 -12.70 -15.29 -14.10
CA ALA G 51 -11.95 -14.03 -14.11
C ALA G 51 -11.20 -13.83 -15.44
N ALA G 52 -10.99 -14.91 -16.20
CA ALA G 52 -10.26 -14.90 -17.46
C ALA G 52 -11.13 -15.03 -18.71
N LYS G 53 -11.88 -16.15 -18.80
CA LYS G 53 -12.72 -16.47 -19.97
C LYS G 53 -14.11 -15.83 -19.93
N ALA G 54 -14.17 -14.54 -19.56
CA ALA G 54 -15.40 -13.74 -19.52
C ALA G 54 -15.06 -12.28 -19.82
N ASP G 55 -15.77 -11.69 -20.80
CA ASP G 55 -15.57 -10.31 -21.24
C ASP G 55 -15.84 -9.28 -20.14
N GLN G 56 -15.23 -8.08 -20.28
CA GLN G 56 -15.35 -6.98 -19.33
C GLN G 56 -16.77 -6.39 -19.27
N GLN G 57 -17.54 -6.58 -20.36
CA GLN G 57 -18.93 -6.14 -20.52
C GLN G 57 -19.86 -6.96 -19.64
N TYR G 58 -19.51 -8.26 -19.43
CA TYR G 58 -20.24 -9.21 -18.60
C TYR G 58 -20.24 -8.76 -17.12
N TRP G 59 -19.09 -8.27 -16.64
CA TRP G 59 -18.93 -7.80 -15.26
C TRP G 59 -19.71 -6.52 -14.99
N ASP G 60 -19.70 -5.56 -15.94
CA ASP G 60 -20.45 -4.31 -15.83
C ASP G 60 -21.95 -4.54 -16.02
N GLY G 61 -22.29 -5.55 -16.84
CA GLY G 61 -23.66 -5.95 -17.12
C GLY G 61 -24.35 -6.58 -15.93
N GLN G 62 -23.64 -7.51 -15.25
CA GLN G 62 -24.13 -8.21 -14.05
C GLN G 62 -24.29 -7.26 -12.87
N THR G 63 -23.38 -6.26 -12.76
CA THR G 63 -23.39 -5.23 -11.71
C THR G 63 -24.62 -4.32 -11.89
N GLN G 64 -24.99 -3.99 -13.14
CA GLN G 64 -26.14 -3.16 -13.49
C GLN G 64 -27.45 -3.78 -12.96
N ILE G 65 -27.66 -5.07 -13.21
CA ILE G 65 -28.84 -5.79 -12.74
C ILE G 65 -28.69 -6.17 -11.26
N GLY G 66 -27.44 -6.26 -10.78
CA GLY G 66 -27.11 -6.57 -9.39
C GLY G 66 -27.47 -5.42 -8.47
N GLN G 67 -27.15 -4.18 -8.89
CA GLN G 67 -27.44 -2.93 -8.17
C GLN G 67 -28.95 -2.68 -8.18
N GLY G 68 -29.60 -3.03 -9.30
CA GLY G 68 -31.04 -2.90 -9.50
C GLY G 68 -31.83 -3.80 -8.58
N ASN G 69 -31.38 -5.08 -8.46
CA ASN G 69 -31.98 -6.09 -7.59
C ASN G 69 -31.83 -5.73 -6.11
N GLU G 70 -30.69 -5.11 -5.73
CA GLU G 70 -30.39 -4.65 -4.38
C GLU G 70 -31.40 -3.61 -3.90
N GLN G 71 -31.77 -2.66 -4.79
CA GLN G 71 -32.73 -1.59 -4.52
C GLN G 71 -34.16 -2.11 -4.46
N ILE G 72 -34.48 -3.14 -5.28
CA ILE G 72 -35.79 -3.79 -5.33
C ILE G 72 -35.99 -4.65 -4.06
N ASP G 73 -34.96 -5.42 -3.68
CA ASP G 73 -34.99 -6.28 -2.50
C ASP G 73 -34.89 -5.50 -1.17
N ARG G 74 -34.47 -4.22 -1.23
CA ARG G 74 -34.36 -3.32 -0.08
C ARG G 74 -35.77 -2.99 0.45
N GLU G 75 -36.69 -2.66 -0.47
CA GLU G 75 -38.10 -2.35 -0.19
C GLU G 75 -38.86 -3.62 0.20
N ASN G 76 -38.42 -4.79 -0.33
CA ASN G 76 -39.00 -6.12 -0.07
C ASN G 76 -38.99 -6.50 1.41
N LEU G 77 -38.01 -6.00 2.19
CA LEU G 77 -37.91 -6.21 3.64
C LEU G 77 -39.08 -5.52 4.33
N GLY G 78 -39.34 -4.27 3.94
CA GLY G 78 -40.42 -3.45 4.46
C GLY G 78 -41.80 -3.93 4.03
N ILE G 79 -41.91 -4.47 2.80
CA ILE G 79 -43.15 -5.01 2.23
C ILE G 79 -43.67 -6.18 3.10
N LEU G 80 -42.77 -7.10 3.46
CA LEU G 80 -43.06 -8.26 4.30
C LEU G 80 -43.38 -7.86 5.75
N GLN G 81 -42.57 -6.94 6.32
CA GLN G 81 -42.75 -6.43 7.69
C GLN G 81 -44.09 -5.73 7.89
N ARG G 82 -44.57 -4.99 6.88
CA ARG G 82 -45.85 -4.30 6.92
C ARG G 82 -47.02 -5.28 6.71
N ARG G 83 -46.78 -6.36 5.94
CA ARG G 83 -47.78 -7.40 5.65
C ARG G 83 -47.98 -8.34 6.85
N TYR G 84 -46.87 -8.71 7.52
CA TYR G 84 -46.86 -9.60 8.70
C TYR G 84 -47.21 -8.83 10.00
N ASN G 85 -47.37 -7.49 9.91
CA ASN G 85 -47.66 -6.57 11.01
C ASN G 85 -46.57 -6.59 12.09
N GLN G 86 -45.31 -6.45 11.64
CA GLN G 86 -44.12 -6.47 12.49
C GLN G 86 -43.46 -5.10 12.53
N THR G 87 -43.14 -4.61 13.74
CA THR G 87 -42.51 -3.30 13.96
C THR G 87 -41.01 -3.32 13.63
N GLY G 88 -40.36 -4.47 13.85
CA GLY G 88 -38.94 -4.67 13.58
C GLY G 88 -38.42 -6.02 14.05
N GLY G 89 -37.11 -6.07 14.29
CA GLY G 89 -36.42 -7.27 14.75
C GLY G 89 -35.57 -7.95 13.70
N SER G 90 -35.04 -9.14 14.03
CA SER G 90 -34.19 -9.92 13.13
C SER G 90 -35.05 -10.72 12.14
N HIS G 91 -35.10 -10.25 10.89
CA HIS G 91 -35.86 -10.85 9.79
C HIS G 91 -34.99 -10.98 8.54
N THR G 92 -35.06 -12.14 7.86
CA THR G 92 -34.26 -12.39 6.66
C THR G 92 -35.10 -12.98 5.51
N VAL G 93 -34.73 -12.63 4.26
CA VAL G 93 -35.38 -13.10 3.03
C VAL G 93 -34.34 -13.91 2.24
N GLN G 94 -34.72 -15.13 1.83
CA GLN G 94 -33.83 -16.05 1.10
C GLN G 94 -34.36 -16.34 -0.31
N TRP G 95 -33.44 -16.42 -1.29
CA TRP G 95 -33.77 -16.70 -2.69
C TRP G 95 -32.88 -17.83 -3.21
N MET G 96 -33.49 -18.84 -3.87
CA MET G 96 -32.79 -19.99 -4.44
C MET G 96 -33.34 -20.29 -5.84
N TYR G 97 -32.55 -19.98 -6.87
CA TYR G 97 -32.94 -20.19 -8.28
C TYR G 97 -31.78 -20.65 -9.14
N GLY G 98 -32.10 -21.44 -10.16
CA GLY G 98 -31.15 -21.97 -11.12
C GLY G 98 -31.71 -23.13 -11.93
N CYS G 99 -30.92 -23.61 -12.90
CA CYS G 99 -31.31 -24.73 -13.76
C CYS G 99 -30.27 -25.84 -13.80
N ASP G 100 -30.73 -27.10 -13.82
CA ASP G 100 -29.88 -28.29 -13.86
C ASP G 100 -29.89 -28.90 -15.25
N ILE G 101 -28.71 -29.10 -15.85
CA ILE G 101 -28.57 -29.69 -17.19
C ILE G 101 -27.88 -31.06 -17.14
N LEU G 102 -28.28 -31.95 -18.05
CA LEU G 102 -27.73 -33.30 -18.20
C LEU G 102 -27.51 -33.55 -19.69
N GLU G 103 -26.22 -33.77 -20.08
CA GLU G 103 -25.76 -34.01 -21.46
C GLU G 103 -26.24 -32.95 -22.47
N GLY G 104 -26.18 -31.69 -22.07
CA GLY G 104 -26.59 -30.55 -22.89
C GLY G 104 -28.08 -30.44 -23.11
N GLY G 105 -28.84 -30.72 -22.05
CA GLY G 105 -30.30 -30.66 -22.04
C GLY G 105 -30.81 -30.41 -20.63
N PRO G 106 -31.74 -29.46 -20.40
CA PRO G 106 -32.20 -29.21 -19.03
C PRO G 106 -33.18 -30.24 -18.49
N ILE G 107 -33.06 -30.56 -17.20
CA ILE G 107 -33.90 -31.54 -16.50
C ILE G 107 -34.67 -30.92 -15.34
N ARG G 108 -34.15 -29.81 -14.76
CA ARG G 108 -34.76 -29.12 -13.63
C ARG G 108 -34.68 -27.59 -13.80
N GLY G 109 -35.77 -26.92 -13.46
CA GLY G 109 -35.92 -25.46 -13.52
C GLY G 109 -36.68 -24.97 -12.30
N TYR G 110 -35.94 -24.51 -11.29
CA TYR G 110 -36.50 -24.07 -10.01
C TYR G 110 -36.31 -22.59 -9.68
N TYR G 111 -37.26 -22.04 -8.90
CA TYR G 111 -37.29 -20.66 -8.39
C TYR G 111 -38.02 -20.70 -7.06
N GLN G 112 -37.26 -20.68 -5.94
CA GLN G 112 -37.79 -20.77 -4.59
C GLN G 112 -37.46 -19.53 -3.75
N MET G 113 -38.37 -19.20 -2.80
CA MET G 113 -38.24 -18.06 -1.90
C MET G 113 -38.70 -18.42 -0.49
N ALA G 114 -38.03 -17.85 0.53
CA ALA G 114 -38.36 -18.09 1.94
C ALA G 114 -38.18 -16.86 2.83
N TYR G 115 -39.04 -16.74 3.85
CA TYR G 115 -39.01 -15.65 4.82
C TYR G 115 -38.98 -16.24 6.23
N ASP G 116 -37.94 -15.86 7.02
CA ASP G 116 -37.67 -16.33 8.39
C ASP G 116 -37.45 -17.85 8.48
N GLY G 117 -36.78 -18.40 7.47
CA GLY G 117 -36.45 -19.82 7.37
C GLY G 117 -37.61 -20.73 7.01
N ARG G 118 -38.74 -20.15 6.57
CA ARG G 118 -39.96 -20.89 6.19
C ARG G 118 -40.34 -20.56 4.75
N ASP G 119 -40.67 -21.60 3.95
CA ASP G 119 -41.06 -21.51 2.54
C ASP G 119 -42.21 -20.51 2.31
N PHE G 120 -41.98 -19.53 1.42
CA PHE G 120 -42.94 -18.48 1.10
C PHE G 120 -43.58 -18.69 -0.28
N THR G 121 -42.77 -18.66 -1.36
CA THR G 121 -43.22 -18.84 -2.74
C THR G 121 -42.29 -19.75 -3.55
N ALA G 122 -42.88 -20.61 -4.40
CA ALA G 122 -42.17 -21.54 -5.26
C ALA G 122 -42.82 -21.58 -6.65
N PHE G 123 -42.02 -21.36 -7.70
CA PHE G 123 -42.50 -21.33 -9.08
C PHE G 123 -42.61 -22.73 -9.69
N ASP G 124 -43.73 -22.99 -10.38
CA ASP G 124 -44.01 -24.25 -11.08
C ASP G 124 -43.89 -23.98 -12.58
N LYS G 125 -42.88 -24.60 -13.22
CA LYS G 125 -42.59 -24.43 -14.65
C LYS G 125 -43.68 -24.98 -15.58
N GLY G 126 -44.33 -26.05 -15.16
CA GLY G 126 -45.39 -26.72 -15.91
C GLY G 126 -46.68 -25.93 -16.03
N THR G 127 -47.21 -25.48 -14.88
CA THR G 127 -48.47 -24.71 -14.80
C THR G 127 -48.28 -23.19 -14.99
N MET G 128 -47.01 -22.72 -14.96
CA MET G 128 -46.60 -21.30 -15.09
C MET G 128 -47.23 -20.40 -14.00
N THR G 129 -47.41 -20.97 -12.79
CA THR G 129 -48.01 -20.28 -11.63
C THR G 129 -47.10 -20.38 -10.40
N PHE G 130 -47.20 -19.37 -9.49
CA PHE G 130 -46.42 -19.31 -8.26
C PHE G 130 -47.23 -19.90 -7.10
N THR G 131 -46.70 -20.96 -6.47
CA THR G 131 -47.34 -21.66 -5.36
C THR G 131 -47.16 -20.89 -4.04
N ALA G 132 -48.26 -20.70 -3.30
CA ALA G 132 -48.28 -20.00 -2.01
C ALA G 132 -48.36 -21.01 -0.86
N ALA G 133 -47.40 -20.94 0.08
CA ALA G 133 -47.34 -21.83 1.25
C ALA G 133 -47.91 -21.17 2.50
N VAL G 134 -47.58 -19.87 2.71
CA VAL G 134 -48.02 -19.06 3.84
C VAL G 134 -49.19 -18.17 3.36
N PRO G 135 -50.30 -18.00 4.14
CA PRO G 135 -51.41 -17.14 3.67
C PRO G 135 -51.05 -15.68 3.35
N GLU G 136 -49.80 -15.26 3.64
CA GLU G 136 -49.28 -13.92 3.37
C GLU G 136 -48.61 -13.84 1.98
N ALA G 137 -48.59 -14.97 1.23
CA ALA G 137 -47.99 -15.06 -0.10
C ALA G 137 -48.98 -14.85 -1.25
N VAL G 138 -50.30 -14.73 -0.93
CA VAL G 138 -51.36 -14.51 -1.93
C VAL G 138 -51.20 -13.13 -2.67
N PRO G 139 -50.80 -11.99 -2.03
CA PRO G 139 -50.64 -10.74 -2.81
C PRO G 139 -49.51 -10.80 -3.83
N THR G 140 -48.43 -11.56 -3.51
CA THR G 140 -47.28 -11.77 -4.38
C THR G 140 -47.68 -12.66 -5.57
N LYS G 141 -48.53 -13.67 -5.31
CA LYS G 141 -49.07 -14.62 -6.27
C LYS G 141 -49.91 -13.90 -7.34
N ARG G 142 -50.77 -12.95 -6.92
CA ARG G 142 -51.64 -12.18 -7.80
C ARG G 142 -50.90 -11.07 -8.57
N LYS G 143 -49.74 -10.62 -8.04
CA LYS G 143 -48.91 -9.57 -8.64
C LYS G 143 -48.02 -10.10 -9.78
N TRP G 144 -47.39 -11.27 -9.58
CA TRP G 144 -46.46 -11.88 -10.52
C TRP G 144 -47.12 -12.69 -11.64
N GLU G 145 -48.29 -13.31 -11.37
CA GLU G 145 -49.00 -14.11 -12.37
C GLU G 145 -49.72 -13.29 -13.44
N GLU G 146 -50.14 -12.05 -13.11
CA GLU G 146 -50.87 -11.17 -14.02
C GLU G 146 -50.00 -10.56 -15.12
N GLY G 147 -48.78 -10.16 -14.77
CA GLY G 147 -47.84 -9.54 -15.72
C GLY G 147 -47.09 -10.54 -16.57
N ASP G 148 -46.03 -10.06 -17.24
CA ASP G 148 -45.17 -10.88 -18.09
C ASP G 148 -43.97 -11.47 -17.33
N TYR G 149 -44.02 -11.43 -15.98
CA TYR G 149 -42.96 -11.94 -15.10
C TYR G 149 -42.88 -13.47 -15.12
N ALA G 150 -44.03 -14.15 -15.16
CA ALA G 150 -44.13 -15.62 -15.20
C ALA G 150 -43.58 -16.17 -16.52
N GLU G 151 -43.83 -15.45 -17.63
CA GLU G 151 -43.38 -15.77 -18.98
C GLU G 151 -41.86 -15.55 -19.11
N GLY G 152 -41.37 -14.47 -18.50
CA GLY G 152 -39.96 -14.09 -18.48
C GLY G 152 -39.08 -15.03 -17.70
N LEU G 153 -39.60 -15.53 -16.56
CA LEU G 153 -38.90 -16.48 -15.69
C LEU G 153 -38.80 -17.86 -16.35
N LYS G 154 -39.86 -18.28 -17.07
CA LYS G 154 -39.91 -19.55 -17.81
C LYS G 154 -38.91 -19.51 -18.97
N GLN G 155 -38.81 -18.34 -19.64
CA GLN G 155 -37.88 -18.10 -20.76
C GLN G 155 -36.43 -18.11 -20.26
N TYR G 156 -36.20 -17.62 -19.02
CA TYR G 156 -34.89 -17.57 -18.39
C TYR G 156 -34.38 -18.97 -18.05
N LEU G 157 -35.15 -19.73 -17.23
CA LEU G 157 -34.84 -21.09 -16.78
C LEU G 157 -34.68 -22.13 -17.90
N GLU G 158 -35.26 -21.86 -19.09
CA GLU G 158 -35.21 -22.77 -20.24
C GLU G 158 -34.21 -22.33 -21.33
N GLU G 159 -33.87 -21.04 -21.41
CA GLU G 159 -32.95 -20.52 -22.43
C GLU G 159 -31.71 -19.82 -21.86
N THR G 160 -31.89 -18.64 -21.23
CA THR G 160 -30.82 -17.78 -20.66
C THR G 160 -29.93 -18.54 -19.65
N CYS G 161 -30.55 -19.24 -18.69
CA CYS G 161 -29.89 -20.02 -17.65
C CYS G 161 -29.15 -21.22 -18.25
N VAL G 162 -29.76 -21.90 -19.23
CA VAL G 162 -29.23 -23.08 -19.91
C VAL G 162 -28.03 -22.73 -20.81
N GLU G 163 -28.18 -21.70 -21.68
CA GLU G 163 -27.14 -21.24 -22.61
C GLU G 163 -25.86 -20.75 -21.91
N TRP G 164 -26.02 -19.99 -20.81
CA TRP G 164 -24.89 -19.45 -20.05
C TRP G 164 -24.15 -20.51 -19.24
N LEU G 165 -24.88 -21.52 -18.70
CA LEU G 165 -24.28 -22.63 -17.93
C LEU G 165 -23.37 -23.48 -18.82
N ARG G 166 -23.74 -23.66 -20.11
CA ARG G 166 -22.95 -24.38 -21.12
C ARG G 166 -21.62 -23.68 -21.36
N ARG G 167 -21.62 -22.34 -21.31
CA ARG G 167 -20.42 -21.50 -21.47
C ARG G 167 -19.52 -21.60 -20.25
N TYR G 168 -20.11 -21.50 -19.02
CA TYR G 168 -19.39 -21.58 -17.73
C TYR G 168 -18.63 -22.90 -17.57
N VAL G 169 -19.23 -24.01 -18.04
CA VAL G 169 -18.63 -25.35 -18.01
C VAL G 169 -17.45 -25.40 -18.99
N GLU G 170 -17.64 -24.84 -20.20
CA GLU G 170 -16.62 -24.76 -21.25
C GLU G 170 -15.44 -23.89 -20.81
N TYR G 171 -15.69 -22.84 -20.00
CA TYR G 171 -14.65 -21.95 -19.48
C TYR G 171 -13.79 -22.65 -18.42
N GLY G 172 -14.44 -23.41 -17.53
CA GLY G 172 -13.78 -24.13 -16.45
C GLY G 172 -13.88 -25.64 -16.53
N LYS G 173 -13.56 -26.21 -17.71
CA LYS G 173 -13.58 -27.66 -17.97
C LYS G 173 -12.44 -28.37 -17.23
N ALA G 174 -11.30 -27.67 -17.04
CA ALA G 174 -10.12 -28.19 -16.35
C ALA G 174 -10.25 -28.11 -14.84
N GLU G 175 -10.78 -26.99 -14.30
CA GLU G 175 -10.94 -26.77 -12.87
C GLU G 175 -12.07 -27.59 -12.24
N LEU G 176 -13.13 -27.91 -13.01
CA LEU G 176 -14.27 -28.69 -12.51
C LEU G 176 -14.07 -30.20 -12.73
N GLY G 177 -13.39 -30.57 -13.82
CA GLY G 177 -13.11 -31.95 -14.18
C GLY G 177 -11.89 -32.58 -13.51
N ARG G 178 -11.17 -31.78 -12.68
CA ARG G 178 -9.98 -32.25 -11.97
C ARG G 178 -10.31 -33.21 -10.81
N ARG G 179 -9.32 -33.99 -10.37
CA ARG G 179 -9.45 -34.95 -9.26
C ARG G 179 -8.23 -34.84 -8.34
N GLU G 180 -8.49 -34.66 -7.01
CA GLU G 180 -7.44 -34.53 -5.99
C GLU G 180 -7.56 -35.62 -4.93
N ARG G 181 -6.41 -36.23 -4.55
CA ARG G 181 -6.36 -37.27 -3.52
C ARG G 181 -6.54 -36.70 -2.10
N PRO G 182 -7.42 -37.33 -1.27
CA PRO G 182 -7.73 -36.75 0.05
C PRO G 182 -6.63 -36.70 1.11
N GLU G 183 -5.66 -37.65 1.12
CA GLU G 183 -4.60 -37.79 2.13
C GLU G 183 -5.24 -38.15 3.47
N VAL G 184 -5.44 -39.46 3.69
CA VAL G 184 -6.12 -40.03 4.85
C VAL G 184 -5.14 -40.33 6.00
N ARG G 185 -5.51 -39.91 7.23
CA ARG G 185 -4.76 -40.14 8.47
C ARG G 185 -5.70 -40.66 9.54
N VAL G 186 -5.31 -41.78 10.20
CA VAL G 186 -6.10 -42.46 11.22
C VAL G 186 -5.53 -42.21 12.63
N TRP G 187 -6.42 -41.84 13.59
CA TRP G 187 -6.08 -41.58 14.99
C TRP G 187 -7.00 -42.35 15.95
N GLY G 188 -6.57 -42.48 17.20
CA GLY G 188 -7.31 -43.18 18.24
C GLY G 188 -6.97 -42.73 19.65
N LYS G 189 -7.99 -42.59 20.51
CA LYS G 189 -7.84 -42.17 21.92
C LYS G 189 -8.93 -42.76 22.83
N GLU G 190 -8.62 -42.90 24.13
CA GLU G 190 -9.55 -43.42 25.15
C GLU G 190 -9.83 -42.38 26.24
N ALA G 191 -11.12 -42.19 26.58
CA ALA G 191 -11.55 -41.23 27.59
C ALA G 191 -12.01 -41.90 28.89
N ASP G 192 -13.04 -42.77 28.80
CA ASP G 192 -13.60 -43.51 29.94
C ASP G 192 -13.76 -45.01 29.61
N GLY G 193 -12.64 -45.63 29.26
CA GLY G 193 -12.58 -47.05 28.90
C GLY G 193 -13.14 -47.40 27.53
N ILE G 194 -13.37 -46.38 26.69
CA ILE G 194 -13.90 -46.53 25.33
C ILE G 194 -12.91 -45.89 24.35
N LEU G 195 -12.32 -46.70 23.46
CA LEU G 195 -11.36 -46.24 22.46
C LEU G 195 -12.08 -45.75 21.20
N THR G 196 -12.07 -44.42 20.98
CA THR G 196 -12.71 -43.80 19.82
C THR G 196 -11.69 -43.63 18.68
N LEU G 197 -11.94 -44.28 17.55
CA LEU G 197 -11.08 -44.23 16.36
C LEU G 197 -11.63 -43.22 15.35
N SER G 198 -10.76 -42.32 14.87
CA SER G 198 -11.12 -41.27 13.91
C SER G 198 -10.43 -41.44 12.57
N CYS G 199 -11.19 -41.25 11.48
CA CYS G 199 -10.73 -41.32 10.09
C CYS G 199 -10.97 -39.96 9.44
N ARG G 200 -9.88 -39.30 8.98
CA ARG G 200 -9.99 -37.97 8.38
C ARG G 200 -9.36 -37.85 7.00
N ALA G 201 -10.16 -37.35 6.04
CA ALA G 201 -9.75 -37.07 4.67
C ALA G 201 -9.65 -35.54 4.60
N HIS G 202 -8.44 -35.03 4.30
CA HIS G 202 -8.14 -33.61 4.33
C HIS G 202 -8.51 -32.79 3.07
N GLY G 203 -7.95 -33.13 1.91
CA GLY G 203 -8.22 -32.38 0.69
C GLY G 203 -8.53 -33.18 -0.56
N PHE G 204 -9.84 -33.37 -0.83
CA PHE G 204 -10.33 -34.11 -1.99
C PHE G 204 -11.29 -33.31 -2.86
N TYR G 205 -11.29 -33.61 -4.17
CA TYR G 205 -12.17 -32.98 -5.16
C TYR G 205 -12.59 -34.03 -6.21
N PRO G 206 -13.90 -34.17 -6.54
CA PRO G 206 -15.07 -33.40 -6.08
C PRO G 206 -15.56 -33.70 -4.67
N ARG G 207 -16.62 -33.00 -4.23
CA ARG G 207 -17.27 -33.09 -2.92
C ARG G 207 -17.72 -34.52 -2.51
N PRO G 208 -18.43 -35.33 -3.36
CA PRO G 208 -18.87 -36.67 -2.89
C PRO G 208 -17.74 -37.64 -2.54
N ILE G 209 -17.88 -38.32 -1.38
CA ILE G 209 -16.92 -39.30 -0.84
C ILE G 209 -17.65 -40.35 0.03
N VAL G 210 -17.11 -41.58 0.09
CA VAL G 210 -17.67 -42.67 0.91
C VAL G 210 -16.59 -43.12 1.91
N VAL G 211 -16.67 -42.60 3.14
CA VAL G 211 -15.73 -42.93 4.23
C VAL G 211 -16.52 -43.68 5.31
N SER G 212 -16.26 -45.00 5.44
CA SER G 212 -16.95 -45.86 6.40
C SER G 212 -16.00 -46.83 7.08
N TRP G 213 -16.25 -47.12 8.37
CA TRP G 213 -15.46 -48.04 9.18
C TRP G 213 -15.91 -49.49 8.95
N LEU G 214 -14.92 -50.39 8.82
CA LEU G 214 -15.16 -51.82 8.57
C LEU G 214 -14.57 -52.69 9.67
N LYS G 215 -15.40 -53.58 10.25
CA LYS G 215 -15.00 -54.51 11.31
C LYS G 215 -15.06 -55.94 10.77
N ASP G 216 -13.87 -56.59 10.65
CA ASP G 216 -13.66 -57.95 10.13
C ASP G 216 -14.25 -58.17 8.72
N GLY G 217 -14.09 -57.16 7.85
CA GLY G 217 -14.59 -57.18 6.49
C GLY G 217 -15.97 -56.61 6.29
N ALA G 218 -16.82 -56.67 7.35
CA ALA G 218 -18.19 -56.17 7.33
C ALA G 218 -18.26 -54.68 7.66
N VAL G 219 -19.09 -53.94 6.91
CA VAL G 219 -19.29 -52.50 7.07
C VAL G 219 -20.16 -52.19 8.29
N ARG G 220 -19.69 -51.30 9.17
CA ARG G 220 -20.41 -50.88 10.37
C ARG G 220 -20.80 -49.40 10.25
N GLY G 221 -22.09 -49.15 10.11
CA GLY G 221 -22.64 -47.81 9.95
C GLY G 221 -23.44 -47.30 11.15
N GLN G 222 -24.01 -48.21 11.94
CA GLN G 222 -24.81 -47.89 13.13
C GLN G 222 -23.96 -47.28 14.25
N ASP G 223 -22.80 -47.88 14.55
CA ASP G 223 -21.87 -47.41 15.57
C ASP G 223 -21.10 -46.18 15.12
N ALA G 224 -20.84 -46.06 13.80
CA ALA G 224 -20.11 -44.96 13.19
C ALA G 224 -20.88 -43.64 13.18
N HIS G 225 -20.16 -42.54 13.48
CA HIS G 225 -20.68 -41.18 13.50
C HIS G 225 -19.96 -40.34 12.46
N SER G 226 -20.72 -39.55 11.66
CA SER G 226 -20.17 -38.71 10.59
C SER G 226 -20.69 -37.27 10.66
N GLY G 227 -19.81 -36.33 10.33
CA GLY G 227 -20.12 -34.91 10.31
C GLY G 227 -20.31 -34.35 8.92
N GLY G 228 -20.56 -35.24 7.96
CA GLY G 228 -20.77 -34.91 6.55
C GLY G 228 -19.54 -34.41 5.84
N ILE G 229 -19.74 -33.78 4.67
CA ILE G 229 -18.65 -33.21 3.86
C ILE G 229 -18.62 -31.70 4.05
N VAL G 230 -17.51 -31.20 4.61
CA VAL G 230 -17.26 -29.78 4.92
C VAL G 230 -16.26 -29.15 3.92
N PRO G 231 -16.51 -27.92 3.42
CA PRO G 231 -15.58 -27.33 2.43
C PRO G 231 -14.36 -26.61 3.01
N ASN G 232 -13.32 -26.43 2.18
CA ASN G 232 -12.08 -25.73 2.53
C ASN G 232 -11.96 -24.38 1.80
N GLY G 233 -11.09 -23.51 2.29
CA GLY G 233 -10.86 -22.17 1.76
C GLY G 233 -10.35 -22.10 0.33
N ASP G 234 -9.42 -22.99 -0.03
CA ASP G 234 -8.81 -23.05 -1.37
C ASP G 234 -9.76 -23.51 -2.47
N GLY G 235 -10.71 -24.39 -2.11
CA GLY G 235 -11.70 -24.93 -3.04
C GLY G 235 -11.91 -26.42 -2.94
N THR G 236 -11.13 -27.11 -2.09
CA THR G 236 -11.21 -28.56 -1.89
C THR G 236 -12.20 -28.90 -0.76
N TYR G 237 -12.37 -30.20 -0.44
CA TYR G 237 -13.31 -30.66 0.59
C TYR G 237 -12.67 -31.55 1.66
N HIS G 238 -13.29 -31.59 2.85
CA HIS G 238 -12.87 -32.35 4.03
C HIS G 238 -14.05 -33.17 4.57
N THR G 239 -13.76 -34.31 5.21
CA THR G 239 -14.76 -35.17 5.85
C THR G 239 -14.22 -35.73 7.18
N TRP G 240 -15.15 -35.95 8.13
CA TRP G 240 -14.85 -36.42 9.48
C TRP G 240 -15.78 -37.61 9.81
N VAL G 241 -15.18 -38.79 10.06
CA VAL G 241 -15.87 -40.06 10.38
C VAL G 241 -15.19 -40.71 11.61
N THR G 242 -15.97 -40.92 12.68
CA THR G 242 -15.51 -41.52 13.94
C THR G 242 -16.31 -42.77 14.32
N ILE G 243 -15.76 -43.63 15.19
CA ILE G 243 -16.40 -44.86 15.68
C ILE G 243 -15.98 -45.17 17.12
N ASP G 244 -16.94 -45.63 17.95
CA ASP G 244 -16.69 -46.00 19.35
C ASP G 244 -16.56 -47.53 19.46
N ALA G 245 -15.39 -47.98 19.95
CA ALA G 245 -15.08 -49.41 20.12
C ALA G 245 -14.34 -49.70 21.43
N GLN G 246 -14.32 -50.98 21.84
CA GLN G 246 -13.63 -51.45 23.05
C GLN G 246 -12.11 -51.46 22.84
N PRO G 247 -11.29 -51.07 23.86
CA PRO G 247 -9.82 -51.05 23.65
C PRO G 247 -9.21 -52.44 23.54
N GLY G 248 -8.31 -52.59 22.56
CA GLY G 248 -7.63 -53.84 22.26
C GLY G 248 -8.00 -54.42 20.91
N ASP G 249 -9.16 -54.02 20.36
CA ASP G 249 -9.69 -54.46 19.07
C ASP G 249 -9.35 -53.50 17.91
N GLY G 250 -8.15 -52.90 17.98
CA GLY G 250 -7.66 -51.96 16.98
C GLY G 250 -7.29 -52.59 15.65
N ASP G 251 -6.89 -53.88 15.67
CA ASP G 251 -6.49 -54.65 14.49
C ASP G 251 -7.70 -55.02 13.62
N LYS G 252 -8.86 -55.28 14.26
CA LYS G 252 -10.11 -55.66 13.59
C LYS G 252 -10.74 -54.55 12.75
N TYR G 253 -10.52 -53.28 13.14
CA TYR G 253 -11.06 -52.10 12.45
C TYR G 253 -10.18 -51.58 11.32
N GLN G 254 -10.81 -51.27 10.18
CA GLN G 254 -10.16 -50.74 8.97
C GLN G 254 -11.05 -49.68 8.33
N CYS G 255 -10.47 -48.51 7.98
CA CYS G 255 -11.20 -47.42 7.35
C CYS G 255 -11.07 -47.46 5.83
N ARG G 256 -12.22 -47.60 5.13
CA ARG G 256 -12.27 -47.64 3.67
C ARG G 256 -12.73 -46.29 3.12
N VAL G 257 -11.95 -45.74 2.16
CA VAL G 257 -12.23 -44.45 1.53
C VAL G 257 -12.48 -44.68 0.02
N GLU G 258 -13.68 -44.30 -0.44
CA GLU G 258 -14.10 -44.43 -1.85
C GLU G 258 -14.25 -43.04 -2.46
N HIS G 259 -13.43 -42.75 -3.49
CA HIS G 259 -13.42 -41.45 -4.18
C HIS G 259 -13.12 -41.60 -5.67
N ALA G 260 -13.54 -40.60 -6.48
CA ALA G 260 -13.34 -40.55 -7.94
C ALA G 260 -11.87 -40.50 -8.35
N SER G 261 -11.02 -39.85 -7.52
CA SER G 261 -9.58 -39.72 -7.74
C SER G 261 -8.84 -41.07 -7.63
N LEU G 262 -9.30 -41.94 -6.72
CA LEU G 262 -8.72 -43.26 -6.49
C LEU G 262 -9.34 -44.33 -7.42
N PRO G 263 -8.54 -45.13 -8.15
CA PRO G 263 -9.14 -46.16 -9.01
C PRO G 263 -9.71 -47.35 -8.23
N GLN G 264 -9.15 -47.64 -7.05
CA GLN G 264 -9.57 -48.71 -6.14
C GLN G 264 -9.76 -48.13 -4.72
N PRO G 265 -10.75 -48.61 -3.92
CA PRO G 265 -10.93 -48.04 -2.57
C PRO G 265 -9.74 -48.26 -1.64
N GLY G 266 -9.27 -47.17 -1.03
CA GLY G 266 -8.13 -47.15 -0.13
C GLY G 266 -8.44 -47.58 1.28
N LEU G 267 -7.79 -48.67 1.74
CA LEU G 267 -7.95 -49.21 3.09
C LEU G 267 -6.88 -48.62 4.00
N TYR G 268 -7.27 -48.17 5.20
CA TYR G 268 -6.37 -47.55 6.17
C TYR G 268 -6.54 -48.10 7.58
N SER G 269 -5.41 -48.46 8.22
CA SER G 269 -5.35 -48.99 9.58
C SER G 269 -4.60 -48.04 10.52
N TRP G 270 -4.87 -48.13 11.84
CA TRP G 270 -4.24 -47.29 12.85
C TRP G 270 -2.85 -47.80 13.24
N LEU H 2 -32.24 -25.11 15.78
CA LEU H 2 -31.54 -24.20 14.87
C LEU H 2 -30.15 -23.79 15.41
N THR H 3 -29.58 -24.61 16.30
CA THR H 3 -28.26 -24.40 16.89
C THR H 3 -27.13 -24.71 15.88
N PRO H 4 -26.09 -23.85 15.76
CA PRO H 4 -25.03 -24.12 14.78
C PRO H 4 -24.14 -25.33 15.11
N LYS H 5 -23.97 -26.23 14.13
CA LYS H 5 -23.12 -27.42 14.24
C LYS H 5 -21.73 -27.04 13.77
N VAL H 6 -20.83 -26.77 14.72
CA VAL H 6 -19.45 -26.31 14.45
C VAL H 6 -18.45 -27.47 14.43
N GLN H 7 -17.59 -27.49 13.39
CA GLN H 7 -16.53 -28.48 13.19
C GLN H 7 -15.21 -27.77 12.89
N VAL H 8 -14.23 -27.92 13.79
CA VAL H 8 -12.90 -27.31 13.64
C VAL H 8 -11.90 -28.38 13.11
N TYR H 9 -11.18 -28.04 12.02
CA TYR H 9 -10.24 -28.94 11.33
C TYR H 9 -9.15 -28.18 10.57
N SER H 10 -8.14 -28.92 10.06
CA SER H 10 -7.02 -28.37 9.30
C SER H 10 -7.12 -28.78 7.82
N ARG H 11 -6.59 -27.93 6.92
CA ARG H 11 -6.57 -28.15 5.47
C ARG H 11 -5.72 -29.36 5.08
N PHE H 12 -4.53 -29.50 5.69
CA PHE H 12 -3.59 -30.60 5.44
C PHE H 12 -3.32 -31.38 6.75
N PRO H 13 -2.84 -32.66 6.71
CA PRO H 13 -2.55 -33.36 7.98
C PRO H 13 -1.52 -32.60 8.81
N ALA H 14 -1.91 -32.19 10.02
CA ALA H 14 -1.10 -31.39 10.94
C ALA H 14 0.25 -32.00 11.32
N SER H 15 1.32 -31.22 11.15
CA SER H 15 2.71 -31.58 11.44
C SER H 15 3.45 -30.38 12.03
N ALA H 16 4.51 -30.63 12.79
CA ALA H 16 5.31 -29.58 13.42
C ALA H 16 6.19 -28.85 12.39
N GLY H 17 6.07 -27.53 12.37
CA GLY H 17 6.83 -26.64 11.49
C GLY H 17 6.46 -26.73 10.01
N THR H 18 5.17 -26.94 9.72
CA THR H 18 4.63 -27.03 8.36
C THR H 18 3.55 -25.98 8.13
N LYS H 19 3.47 -25.42 6.91
CA LYS H 19 2.49 -24.41 6.53
C LYS H 19 1.12 -25.09 6.35
N ASN H 20 0.12 -24.68 7.17
CA ASN H 20 -1.22 -25.25 7.15
C ASN H 20 -2.30 -24.16 7.29
N VAL H 21 -3.57 -24.51 7.00
CA VAL H 21 -4.71 -23.59 7.10
C VAL H 21 -5.73 -24.15 8.10
N LEU H 22 -6.07 -23.35 9.14
CA LEU H 22 -7.04 -23.74 10.16
C LEU H 22 -8.44 -23.32 9.73
N ASN H 23 -9.33 -24.31 9.54
CA ASN H 23 -10.70 -24.08 9.09
C ASN H 23 -11.72 -24.30 10.21
N CYS H 24 -12.73 -23.42 10.27
CA CYS H 24 -13.82 -23.48 11.25
C CYS H 24 -15.14 -23.33 10.50
N PHE H 25 -15.90 -24.43 10.39
CA PHE H 25 -17.16 -24.46 9.66
C PHE H 25 -18.37 -24.69 10.56
N ALA H 26 -19.37 -23.80 10.47
CA ALA H 26 -20.63 -23.86 11.21
C ALA H 26 -21.77 -24.06 10.22
N ALA H 27 -22.65 -25.05 10.50
CA ALA H 27 -23.79 -25.37 9.62
C ALA H 27 -25.09 -25.61 10.39
N GLY H 28 -26.20 -25.30 9.75
CA GLY H 28 -27.54 -25.46 10.30
C GLY H 28 -27.91 -24.46 11.37
N PHE H 29 -27.85 -23.15 11.02
CA PHE H 29 -28.17 -22.08 11.96
C PHE H 29 -29.09 -21.00 11.39
N HIS H 30 -29.91 -20.40 12.28
CA HIS H 30 -30.87 -19.33 11.98
C HIS H 30 -31.14 -18.55 13.29
N PRO H 31 -31.05 -17.20 13.34
CA PRO H 31 -30.77 -16.22 12.26
C PRO H 31 -29.37 -16.32 11.63
N PRO H 32 -29.14 -15.76 10.41
CA PRO H 32 -27.81 -15.87 9.78
C PRO H 32 -26.67 -15.12 10.48
N LYS H 33 -26.99 -14.20 11.42
CA LYS H 33 -26.00 -13.43 12.18
C LYS H 33 -25.23 -14.36 13.12
N ILE H 34 -23.91 -14.49 12.87
CA ILE H 34 -23.01 -15.35 13.63
C ILE H 34 -21.61 -14.71 13.77
N SER H 35 -20.97 -14.89 14.94
CA SER H 35 -19.65 -14.35 15.23
C SER H 35 -18.65 -15.50 15.46
N ILE H 36 -17.98 -15.93 14.37
CA ILE H 36 -16.99 -17.02 14.40
C ILE H 36 -15.59 -16.42 14.33
N THR H 37 -14.74 -16.74 15.33
CA THR H 37 -13.37 -16.24 15.41
C THR H 37 -12.39 -17.37 15.73
N LEU H 38 -11.30 -17.46 14.94
CA LEU H 38 -10.23 -18.46 15.13
C LEU H 38 -9.29 -17.93 16.21
N MET H 39 -9.05 -18.74 17.26
CA MET H 39 -8.20 -18.31 18.38
C MET H 39 -7.00 -19.22 18.63
N LYS H 40 -5.87 -18.58 19.01
CA LYS H 40 -4.60 -19.22 19.36
C LYS H 40 -4.29 -18.82 20.81
N ASP H 41 -4.50 -19.76 21.75
CA ASP H 41 -4.30 -19.60 23.20
C ASP H 41 -5.19 -18.48 23.81
N GLY H 42 -6.41 -18.38 23.30
CA GLY H 42 -7.41 -17.40 23.74
C GLY H 42 -7.40 -16.06 23.03
N VAL H 43 -6.34 -15.79 22.23
CA VAL H 43 -6.17 -14.53 21.48
C VAL H 43 -6.50 -14.78 19.98
N PRO H 44 -7.31 -13.91 19.32
CA PRO H 44 -7.65 -14.13 17.89
C PRO H 44 -6.45 -14.22 16.95
N MET H 45 -6.55 -15.11 15.94
CA MET H 45 -5.52 -15.40 14.95
C MET H 45 -5.34 -14.29 13.91
N GLU H 46 -4.12 -14.22 13.34
CA GLU H 46 -3.68 -13.25 12.33
C GLU H 46 -4.10 -13.66 10.91
N GLY H 47 -4.62 -12.69 10.17
CA GLY H 47 -5.05 -12.85 8.77
C GLY H 47 -6.17 -13.83 8.55
N ALA H 48 -7.30 -13.62 9.24
CA ALA H 48 -8.47 -14.49 9.15
C ALA H 48 -9.38 -14.09 7.97
N GLN H 49 -9.64 -15.05 7.06
CA GLN H 49 -10.50 -14.85 5.88
C GLN H 49 -11.87 -15.48 6.12
N TYR H 50 -12.94 -14.73 5.78
CA TYR H 50 -14.32 -15.16 6.01
C TYR H 50 -15.08 -15.65 4.77
N SER H 51 -14.58 -15.45 3.52
CA SER H 51 -15.21 -15.92 2.26
C SER H 51 -16.68 -15.44 2.09
N ASP H 52 -17.64 -16.33 1.67
CA ASP H 52 -19.03 -15.94 1.43
C ASP H 52 -20.08 -16.85 2.08
N MET H 53 -21.11 -16.25 2.68
CA MET H 53 -22.22 -16.94 3.34
C MET H 53 -23.18 -17.59 2.34
N SER H 54 -23.59 -18.83 2.64
CA SER H 54 -24.50 -19.63 1.80
C SER H 54 -25.49 -20.42 2.68
N PHE H 55 -26.51 -21.05 2.05
CA PHE H 55 -27.51 -21.87 2.75
C PHE H 55 -27.89 -23.14 1.97
N ASN H 56 -28.22 -24.21 2.70
CA ASN H 56 -28.62 -25.50 2.13
C ASN H 56 -30.07 -25.50 1.64
N ASP H 57 -30.56 -26.65 1.12
CA ASP H 57 -31.92 -26.85 0.61
C ASP H 57 -33.01 -26.62 1.67
N ASP H 58 -32.71 -26.92 2.94
CA ASP H 58 -33.64 -26.76 4.07
C ASP H 58 -33.59 -25.34 4.70
N TRP H 59 -33.08 -24.35 3.93
CA TRP H 59 -32.95 -22.92 4.25
C TRP H 59 -32.02 -22.63 5.46
N THR H 60 -31.21 -23.62 5.89
CA THR H 60 -30.28 -23.47 7.01
C THR H 60 -28.93 -22.91 6.53
N PHE H 61 -28.50 -21.80 7.14
CA PHE H 61 -27.26 -21.09 6.81
C PHE H 61 -25.99 -21.85 7.16
N GLN H 62 -24.89 -21.53 6.43
CA GLN H 62 -23.57 -22.11 6.60
C GLN H 62 -22.45 -21.10 6.30
N ARG H 63 -21.36 -21.12 7.10
CA ARG H 63 -20.22 -20.21 6.93
C ARG H 63 -18.88 -20.85 7.31
N LEU H 64 -17.81 -20.50 6.57
CA LEU H 64 -16.46 -21.01 6.77
C LEU H 64 -15.48 -19.88 7.09
N VAL H 65 -14.59 -20.11 8.08
CA VAL H 65 -13.55 -19.15 8.49
C VAL H 65 -12.19 -19.88 8.40
N HIS H 66 -11.29 -19.37 7.53
CA HIS H 66 -9.97 -19.97 7.32
C HIS H 66 -8.84 -18.94 7.39
N ALA H 67 -7.67 -19.37 7.89
CA ALA H 67 -6.47 -18.54 8.05
C ALA H 67 -5.19 -19.37 7.97
N ASP H 68 -4.15 -18.82 7.29
CA ASP H 68 -2.83 -19.46 7.14
C ASP H 68 -2.05 -19.40 8.45
N PHE H 69 -1.47 -20.55 8.85
CA PHE H 69 -0.69 -20.66 10.10
C PHE H 69 0.35 -21.80 10.05
N THR H 70 1.13 -21.95 11.15
CA THR H 70 2.13 -22.99 11.33
C THR H 70 1.94 -23.56 12.75
N PRO H 71 1.40 -24.80 12.91
CA PRO H 71 1.16 -25.34 14.26
C PRO H 71 2.43 -25.58 15.09
N SER H 72 2.42 -25.04 16.32
CA SER H 72 3.53 -25.16 17.27
C SER H 72 3.13 -26.05 18.46
N SER H 73 4.09 -26.86 18.94
CA SER H 73 3.89 -27.77 20.07
C SER H 73 3.68 -27.00 21.37
N GLY H 74 2.56 -27.26 22.04
CA GLY H 74 2.19 -26.61 23.29
C GLY H 74 1.08 -25.60 23.13
N SER H 75 1.12 -24.80 22.04
CA SER H 75 0.12 -23.78 21.71
C SER H 75 -1.22 -24.44 21.36
N THR H 76 -2.29 -24.05 22.06
CA THR H 76 -3.63 -24.59 21.85
C THR H 76 -4.42 -23.73 20.87
N TYR H 77 -5.07 -24.40 19.90
CA TYR H 77 -5.90 -23.75 18.88
C TYR H 77 -7.37 -24.09 19.12
N ALA H 78 -8.22 -23.05 19.21
CA ALA H 78 -9.66 -23.19 19.46
C ALA H 78 -10.48 -22.24 18.58
N CYS H 79 -11.81 -22.48 18.49
CA CYS H 79 -12.72 -21.66 17.70
C CYS H 79 -13.88 -21.15 18.54
N LYS H 80 -14.01 -19.81 18.65
CA LYS H 80 -15.06 -19.14 19.42
C LYS H 80 -16.24 -18.80 18.51
N VAL H 81 -17.43 -19.33 18.83
CA VAL H 81 -18.66 -19.13 18.06
C VAL H 81 -19.75 -18.49 18.92
N GLU H 82 -20.31 -17.36 18.46
CA GLU H 82 -21.37 -16.62 19.15
C GLU H 82 -22.64 -16.58 18.29
N HIS H 83 -23.77 -17.04 18.85
CA HIS H 83 -25.06 -17.08 18.18
C HIS H 83 -26.23 -16.79 19.14
N GLU H 84 -27.36 -16.31 18.61
CA GLU H 84 -28.59 -15.97 19.34
C GLU H 84 -29.22 -17.17 20.05
N THR H 85 -29.11 -18.38 19.47
CA THR H 85 -29.68 -19.62 20.01
C THR H 85 -28.80 -20.27 21.10
N LEU H 86 -27.46 -20.13 20.99
CA LEU H 86 -26.50 -20.73 21.93
C LEU H 86 -26.52 -20.13 23.34
N LYS H 87 -26.84 -18.82 23.46
CA LYS H 87 -26.88 -18.02 24.71
C LYS H 87 -25.47 -17.74 25.27
N GLU H 88 -24.67 -18.80 25.51
CA GLU H 88 -23.30 -18.72 26.03
C GLU H 88 -22.31 -18.96 24.86
N PRO H 89 -21.20 -18.18 24.73
CA PRO H 89 -20.26 -18.43 23.62
C PRO H 89 -19.58 -19.79 23.72
N GLN H 90 -19.82 -20.64 22.71
CA GLN H 90 -19.29 -22.00 22.63
C GLN H 90 -17.87 -22.02 22.05
N VAL H 91 -16.95 -22.70 22.73
CA VAL H 91 -15.54 -22.83 22.34
C VAL H 91 -15.28 -24.26 21.85
N TYR H 92 -14.79 -24.40 20.61
CA TYR H 92 -14.49 -25.69 19.99
C TYR H 92 -12.98 -25.89 19.81
N LYS H 93 -12.40 -26.78 20.65
CA LYS H 93 -10.98 -27.11 20.68
C LYS H 93 -10.58 -27.94 19.46
N TRP H 94 -9.42 -27.61 18.85
CA TRP H 94 -8.85 -28.30 17.70
C TRP H 94 -7.76 -29.27 18.16
N ASP H 95 -7.88 -30.55 17.77
CA ASP H 95 -6.93 -31.60 18.15
C ASP H 95 -6.11 -32.08 16.94
N PRO H 96 -4.75 -31.97 16.99
CA PRO H 96 -3.95 -32.42 15.84
C PRO H 96 -3.79 -33.94 15.75
N GLU H 97 -3.89 -34.65 16.89
CA GLU H 97 -3.78 -36.10 16.98
C GLU H 97 -5.18 -36.73 17.06
N VAL I 1 -25.62 -16.02 -15.32
CA VAL I 1 -26.28 -14.71 -15.38
C VAL I 1 -27.48 -14.68 -14.42
N ILE I 2 -27.51 -13.68 -13.53
CA ILE I 2 -28.57 -13.48 -12.53
C ILE I 2 -29.87 -12.98 -13.18
N PHE I 3 -31.01 -13.38 -12.61
CA PHE I 3 -32.34 -13.00 -13.09
C PHE I 3 -32.82 -11.73 -12.35
N PRO I 4 -33.39 -10.72 -13.08
CA PRO I 4 -33.84 -9.49 -12.39
C PRO I 4 -35.05 -9.71 -11.48
N ALA I 5 -34.97 -9.19 -10.25
CA ALA I 5 -36.01 -9.31 -9.22
C ALA I 5 -37.16 -8.32 -9.43
N LYS I 6 -38.35 -8.66 -8.90
CA LYS I 6 -39.56 -7.84 -8.96
C LYS I 6 -40.11 -7.61 -7.55
N SER I 7 -40.87 -6.51 -7.35
CA SER I 7 -41.49 -6.14 -6.08
C SER I 7 -42.54 -7.17 -5.65
N LEU I 8 -42.57 -7.49 -4.34
CA LEU I 8 -43.49 -8.47 -3.76
C LEU I 8 -44.91 -7.92 -3.63
N GLU J 1 19.97 -30.71 12.58
CA GLU J 1 21.07 -31.66 12.69
C GLU J 1 22.30 -31.13 11.95
N LEU J 2 22.22 -30.99 10.61
CA LEU J 2 23.30 -30.49 9.77
C LEU J 2 23.04 -29.03 9.37
N HIS J 3 24.06 -28.18 9.55
CA HIS J 3 24.00 -26.75 9.23
C HIS J 3 25.26 -26.34 8.48
N THR J 4 25.09 -25.74 7.28
CA THR J 4 26.20 -25.37 6.43
C THR J 4 26.31 -23.85 6.20
N LEU J 5 27.55 -23.34 6.18
CA LEU J 5 27.89 -21.95 5.90
C LEU J 5 28.81 -21.92 4.67
N ARG J 6 28.55 -21.01 3.73
CA ARG J 6 29.32 -20.87 2.50
C ARG J 6 29.36 -19.41 2.04
N TYR J 7 30.55 -18.92 1.69
CA TYR J 7 30.76 -17.56 1.20
C TYR J 7 31.29 -17.56 -0.23
N ILE J 8 30.36 -17.36 -1.18
CA ILE J 8 30.63 -17.30 -2.62
C ILE J 8 31.14 -15.89 -2.96
N ARG J 9 32.31 -15.80 -3.61
CA ARG J 9 32.93 -14.53 -3.97
C ARG J 9 33.40 -14.54 -5.43
N THR J 10 33.13 -13.45 -6.16
CA THR J 10 33.49 -13.32 -7.57
C THR J 10 34.15 -11.97 -7.87
N ALA J 11 35.29 -12.01 -8.59
CA ALA J 11 36.04 -10.84 -9.05
C ALA J 11 36.10 -10.92 -10.57
N MET J 12 35.47 -9.94 -11.25
CA MET J 12 35.37 -9.92 -12.72
C MET J 12 36.07 -8.74 -13.39
N THR J 13 36.54 -8.96 -14.63
CA THR J 13 37.17 -7.94 -15.48
C THR J 13 36.11 -7.35 -16.39
N ASP J 14 35.21 -8.21 -16.92
CA ASP J 14 34.10 -7.84 -17.81
C ASP J 14 32.76 -8.19 -17.14
N PRO J 15 32.20 -7.29 -16.29
CA PRO J 15 30.94 -7.60 -15.58
C PRO J 15 29.67 -7.86 -16.43
N GLY J 16 29.33 -7.11 -17.50
CA GLY J 16 30.05 -6.00 -18.12
C GLY J 16 29.38 -4.64 -17.99
N PRO J 17 28.32 -4.34 -18.79
CA PRO J 17 27.70 -3.01 -18.69
C PRO J 17 26.68 -2.85 -17.57
N GLY J 18 26.90 -1.83 -16.74
CA GLY J 18 26.05 -1.48 -15.60
C GLY J 18 25.92 -2.55 -14.54
N LEU J 19 26.98 -3.36 -14.36
CA LEU J 19 27.02 -4.46 -13.40
C LEU J 19 28.25 -4.37 -12.48
N PRO J 20 28.16 -4.81 -11.19
CA PRO J 20 29.33 -4.74 -10.31
C PRO J 20 30.39 -5.80 -10.62
N TRP J 21 31.67 -5.41 -10.55
CA TRP J 21 32.80 -6.32 -10.83
C TRP J 21 33.12 -7.25 -9.66
N TYR J 22 32.89 -6.78 -8.42
CA TYR J 22 33.16 -7.54 -7.19
C TYR J 22 31.85 -7.82 -6.45
N VAL J 23 31.56 -9.11 -6.21
CA VAL J 23 30.35 -9.56 -5.52
C VAL J 23 30.65 -10.65 -4.48
N ASP J 24 30.18 -10.44 -3.23
CA ASP J 24 30.35 -11.39 -2.13
C ASP J 24 28.97 -11.78 -1.60
N VAL J 25 28.58 -13.05 -1.83
CA VAL J 25 27.28 -13.61 -1.47
C VAL J 25 27.46 -14.69 -0.38
N GLY J 26 26.69 -14.57 0.70
CA GLY J 26 26.71 -15.48 1.84
C GLY J 26 25.54 -16.46 1.86
N TYR J 27 25.75 -17.64 2.45
CA TYR J 27 24.73 -18.69 2.54
C TYR J 27 24.69 -19.41 3.89
N VAL J 28 23.47 -19.65 4.42
CA VAL J 28 23.20 -20.38 5.66
C VAL J 28 22.18 -21.47 5.31
N ASP J 29 22.59 -22.75 5.39
CA ASP J 29 21.81 -23.95 5.08
C ASP J 29 21.25 -23.91 3.63
N GLY J 30 22.05 -23.39 2.71
CA GLY J 30 21.70 -23.26 1.30
C GLY J 30 20.80 -22.09 0.98
N GLU J 31 20.63 -21.15 1.93
CA GLU J 31 19.78 -19.97 1.77
C GLU J 31 20.56 -18.66 1.92
N LEU J 32 20.38 -17.75 0.94
CA LEU J 32 21.02 -16.44 0.87
C LEU J 32 20.60 -15.56 2.07
N PHE J 33 21.60 -14.97 2.77
CA PHE J 33 21.36 -14.13 3.94
C PHE J 33 22.09 -12.78 3.90
N VAL J 34 23.33 -12.72 3.37
CA VAL J 34 24.11 -11.47 3.26
C VAL J 34 24.61 -11.23 1.83
N HIS J 35 24.86 -9.94 1.49
CA HIS J 35 25.35 -9.53 0.17
C HIS J 35 26.25 -8.28 0.26
N TYR J 36 27.37 -8.32 -0.49
CA TYR J 36 28.31 -7.21 -0.60
C TYR J 36 28.48 -6.84 -2.08
N ASN J 37 28.50 -5.53 -2.38
CA ASN J 37 28.64 -5.02 -3.75
C ASN J 37 29.83 -4.08 -3.91
N SER J 38 30.35 -3.98 -5.15
CA SER J 38 31.46 -3.08 -5.47
C SER J 38 30.96 -1.65 -5.72
N THR J 39 29.66 -1.51 -6.08
CA THR J 39 29.00 -0.23 -6.32
C THR J 39 28.46 0.38 -5.02
N ALA J 40 27.76 -0.44 -4.20
CA ALA J 40 27.19 -0.02 -2.92
C ALA J 40 28.25 0.12 -1.82
N ARG J 41 29.28 -0.77 -1.85
CA ARG J 41 30.42 -0.83 -0.91
C ARG J 41 29.99 -1.02 0.56
N ARG J 42 28.93 -1.82 0.79
CA ARG J 42 28.40 -2.12 2.12
C ARG J 42 27.70 -3.48 2.20
N TYR J 43 27.82 -4.16 3.36
CA TYR J 43 27.17 -5.45 3.59
C TYR J 43 25.70 -5.21 3.94
N VAL J 44 24.80 -5.78 3.13
CA VAL J 44 23.35 -5.60 3.30
C VAL J 44 22.62 -6.91 3.60
N PRO J 45 21.57 -6.90 4.46
CA PRO J 45 20.85 -8.15 4.75
C PRO J 45 19.91 -8.58 3.62
N ARG J 46 19.63 -9.89 3.54
CA ARG J 46 18.75 -10.48 2.54
C ARG J 46 17.57 -11.22 3.18
N THR J 47 17.72 -11.63 4.45
CA THR J 47 16.68 -12.30 5.23
C THR J 47 16.30 -11.45 6.46
N GLU J 48 15.10 -11.71 7.01
CA GLU J 48 14.56 -10.98 8.16
C GLU J 48 15.35 -11.22 9.46
N TRP J 49 15.68 -12.50 9.76
CA TRP J 49 16.41 -12.90 10.97
C TRP J 49 17.80 -12.27 11.13
N ILE J 50 18.51 -12.03 10.01
CA ILE J 50 19.84 -11.43 10.05
C ILE J 50 19.75 -9.89 10.18
N ALA J 51 18.67 -9.28 9.65
CA ALA J 51 18.46 -7.83 9.68
C ALA J 51 18.13 -7.28 11.07
N ALA J 52 17.32 -8.02 11.86
CA ALA J 52 16.86 -7.59 13.18
C ALA J 52 17.72 -8.06 14.37
N LYS J 53 18.04 -9.36 14.44
CA LYS J 53 18.78 -9.94 15.55
C LYS J 53 20.28 -9.58 15.58
N ALA J 54 20.87 -9.18 14.45
CA ALA J 54 22.28 -8.78 14.40
C ALA J 54 22.45 -7.28 14.65
N ASP J 55 23.44 -6.94 15.51
CA ASP J 55 23.78 -5.57 15.92
C ASP J 55 24.32 -4.74 14.75
N GLN J 56 24.30 -3.40 14.88
CA GLN J 56 24.81 -2.46 13.87
C GLN J 56 26.34 -2.52 13.78
N GLN J 57 27.00 -2.92 14.89
CA GLN J 57 28.46 -3.09 15.01
C GLN J 57 28.93 -4.19 14.06
N TYR J 58 28.11 -5.25 13.91
CA TYR J 58 28.33 -6.40 13.02
C TYR J 58 28.32 -5.96 11.55
N TRP J 59 27.38 -5.08 11.17
CA TRP J 59 27.26 -4.55 9.80
C TRP J 59 28.42 -3.64 9.43
N ASP J 60 28.85 -2.76 10.35
CA ASP J 60 29.98 -1.85 10.15
C ASP J 60 31.30 -2.62 10.15
N GLY J 61 31.36 -3.69 10.95
CA GLY J 61 32.52 -4.57 11.06
C GLY J 61 32.77 -5.39 9.82
N GLN J 62 31.71 -5.99 9.26
CA GLN J 62 31.76 -6.81 8.04
C GLN J 62 32.10 -5.96 6.82
N THR J 63 31.60 -4.70 6.78
CA THR J 63 31.86 -3.73 5.71
C THR J 63 33.34 -3.32 5.70
N GLN J 64 33.95 -3.17 6.90
CA GLN J 64 35.37 -2.81 7.07
C GLN J 64 36.27 -3.86 6.40
N ILE J 65 35.99 -5.16 6.64
CA ILE J 65 36.72 -6.29 6.07
C ILE J 65 36.35 -6.43 4.58
N GLY J 66 35.08 -6.21 4.26
CA GLY J 66 34.52 -6.27 2.91
C GLY J 66 35.15 -5.29 1.94
N GLN J 67 35.37 -4.03 2.40
CA GLN J 67 36.01 -2.97 1.63
C GLN J 67 37.51 -3.28 1.45
N GLY J 68 38.12 -3.82 2.50
CA GLY J 68 39.52 -4.22 2.51
C GLY J 68 39.81 -5.35 1.54
N ASN J 69 38.93 -6.37 1.52
CA ASN J 69 39.01 -7.53 0.63
C ASN J 69 38.83 -7.13 -0.84
N GLU J 70 37.94 -6.14 -1.09
CA GLU J 70 37.66 -5.59 -2.42
C GLU J 70 38.93 -4.98 -3.05
N GLN J 71 39.71 -4.22 -2.25
CA GLN J 71 40.95 -3.57 -2.68
C GLN J 71 42.08 -4.59 -2.88
N ILE J 72 42.10 -5.66 -2.06
CA ILE J 72 43.09 -6.75 -2.15
C ILE J 72 42.81 -7.61 -3.39
N ASP J 73 41.52 -7.95 -3.62
CA ASP J 73 41.10 -8.75 -4.78
C ASP J 73 41.13 -7.97 -6.11
N ARG J 74 41.22 -6.62 -6.04
CA ARG J 74 41.30 -5.74 -7.21
C ARG J 74 42.64 -5.94 -7.92
N GLU J 75 43.76 -5.97 -7.15
CA GLU J 75 45.10 -6.20 -7.69
C GLU J 75 45.28 -7.68 -8.08
N ASN J 76 44.53 -8.60 -7.41
CA ASN J 76 44.56 -10.05 -7.65
C ASN J 76 44.18 -10.42 -9.09
N LEU J 77 43.24 -9.67 -9.69
CA LEU J 77 42.78 -9.87 -11.08
C LEU J 77 43.93 -9.62 -12.05
N GLY J 78 44.76 -8.62 -11.73
CA GLY J 78 45.94 -8.27 -12.51
C GLY J 78 47.08 -9.24 -12.30
N ILE J 79 47.38 -9.60 -11.01
CA ILE J 79 48.42 -10.54 -10.58
C ILE J 79 48.39 -11.81 -11.44
N LEU J 80 47.19 -12.38 -11.66
CA LEU J 80 46.97 -13.57 -12.49
C LEU J 80 47.21 -13.28 -13.97
N GLN J 81 46.71 -12.14 -14.48
CA GLN J 81 46.87 -11.71 -15.88
C GLN J 81 48.34 -11.50 -16.26
N ARG J 82 49.16 -10.99 -15.31
CA ARG J 82 50.59 -10.76 -15.50
C ARG J 82 51.35 -12.10 -15.47
N ARG J 83 50.92 -13.03 -14.60
CA ARG J 83 51.52 -14.35 -14.42
C ARG J 83 51.22 -15.29 -15.60
N TYR J 84 49.97 -15.26 -16.11
CA TYR J 84 49.51 -16.06 -17.25
C TYR J 84 49.93 -15.44 -18.60
N ASN J 85 50.52 -14.23 -18.58
CA ASN J 85 50.97 -13.43 -19.73
C ASN J 85 49.81 -13.10 -20.68
N GLN J 86 48.74 -12.49 -20.11
CA GLN J 86 47.52 -12.10 -20.82
C GLN J 86 47.40 -10.58 -20.91
N THR J 87 47.13 -10.06 -22.12
CA THR J 87 47.00 -8.62 -22.40
C THR J 87 45.68 -8.05 -21.86
N GLY J 88 44.64 -8.88 -21.79
CA GLY J 88 43.32 -8.53 -21.29
C GLY J 88 42.24 -9.52 -21.66
N GLY J 89 41.01 -9.03 -21.79
CA GLY J 89 39.84 -9.82 -22.16
C GLY J 89 38.89 -10.09 -21.01
N SER J 90 38.17 -11.22 -21.08
CA SER J 90 37.20 -11.64 -20.07
C SER J 90 37.80 -12.72 -19.17
N HIS J 91 38.19 -12.32 -17.94
CA HIS J 91 38.80 -13.20 -16.93
C HIS J 91 38.11 -13.01 -15.58
N THR J 92 37.83 -14.12 -14.88
CA THR J 92 37.15 -14.09 -13.59
C THR J 92 37.86 -14.96 -12.52
N VAL J 93 37.79 -14.50 -11.26
CA VAL J 93 38.37 -15.18 -10.09
C VAL J 93 37.22 -15.58 -9.17
N GLN J 94 37.17 -16.86 -8.75
CA GLN J 94 36.13 -17.40 -7.89
C GLN J 94 36.67 -17.89 -6.55
N TRP J 95 35.93 -17.63 -5.47
CA TRP J 95 36.29 -18.03 -4.11
C TRP J 95 35.12 -18.77 -3.44
N MET J 96 35.42 -19.94 -2.83
CA MET J 96 34.42 -20.77 -2.14
C MET J 96 35.00 -21.27 -0.81
N TYR J 97 34.51 -20.69 0.31
CA TYR J 97 34.94 -21.05 1.66
C TYR J 97 33.80 -21.08 2.66
N GLY J 98 33.89 -21.99 3.62
CA GLY J 98 32.87 -22.13 4.67
C GLY J 98 32.98 -23.40 5.50
N CYS J 99 31.95 -23.66 6.32
CA CYS J 99 31.89 -24.81 7.23
C CYS J 99 30.61 -25.63 7.10
N ASP J 100 30.62 -26.81 7.73
CA ASP J 100 29.51 -27.76 7.83
C ASP J 100 29.55 -28.32 9.25
N ILE J 101 28.51 -28.03 10.05
CA ILE J 101 28.43 -28.50 11.44
C ILE J 101 27.32 -29.54 11.60
N LEU J 102 27.67 -30.68 12.22
CA LEU J 102 26.75 -31.78 12.49
C LEU J 102 26.56 -31.86 14.00
N GLU J 103 25.32 -31.59 14.48
CA GLU J 103 24.92 -31.59 15.90
C GLU J 103 25.85 -30.76 16.81
N GLY J 104 26.25 -29.59 16.30
CA GLY J 104 27.13 -28.67 17.01
C GLY J 104 28.56 -28.68 16.52
N GLY J 105 29.18 -29.86 16.55
CA GLY J 105 30.57 -30.07 16.15
C GLY J 105 30.83 -29.97 14.66
N PRO J 106 31.99 -29.41 14.23
CA PRO J 106 32.26 -29.31 12.78
C PRO J 106 32.75 -30.62 12.17
N ILE J 107 32.35 -30.87 10.90
CA ILE J 107 32.72 -32.08 10.15
C ILE J 107 33.52 -31.73 8.88
N ARG J 108 33.36 -30.49 8.36
CA ARG J 108 34.05 -30.02 7.14
C ARG J 108 34.60 -28.61 7.31
N GLY J 109 35.76 -28.37 6.71
CA GLY J 109 36.46 -27.08 6.71
C GLY J 109 37.18 -26.88 5.40
N TYR J 110 36.55 -26.18 4.45
CA TYR J 110 37.08 -25.96 3.10
C TYR J 110 37.38 -24.51 2.75
N TYR J 111 38.37 -24.33 1.85
CA TYR J 111 38.82 -23.05 1.29
C TYR J 111 39.33 -23.34 -0.13
N GLN J 112 38.49 -23.04 -1.14
CA GLN J 112 38.79 -23.30 -2.55
C GLN J 112 38.83 -22.03 -3.39
N MET J 113 39.67 -22.02 -4.44
CA MET J 113 39.84 -20.90 -5.36
C MET J 113 39.97 -21.39 -6.81
N ALA J 114 39.43 -20.62 -7.76
CA ALA J 114 39.47 -20.94 -9.19
C ALA J 114 39.63 -19.72 -10.09
N TYR J 115 40.34 -19.90 -11.21
CA TYR J 115 40.58 -18.87 -12.22
C TYR J 115 40.17 -19.40 -13.60
N ASP J 116 39.25 -18.67 -14.26
CA ASP J 116 38.65 -18.98 -15.58
C ASP J 116 37.88 -20.33 -15.58
N GLY J 117 37.19 -20.60 -14.47
CA GLY J 117 36.39 -21.80 -14.28
C GLY J 117 37.18 -23.08 -14.04
N ARG J 118 38.49 -22.95 -13.75
CA ARG J 118 39.39 -24.09 -13.50
C ARG J 118 40.05 -23.94 -12.12
N ASP J 119 40.09 -25.03 -11.34
CA ASP J 119 40.65 -25.10 -9.99
C ASP J 119 42.10 -24.59 -9.93
N PHE J 120 42.35 -23.61 -9.05
CA PHE J 120 43.67 -22.98 -8.89
C PHE J 120 44.35 -23.42 -7.58
N THR J 121 43.74 -23.09 -6.42
CA THR J 121 44.26 -23.44 -5.10
C THR J 121 43.19 -23.96 -4.15
N ALA J 122 43.53 -24.98 -3.34
CA ALA J 122 42.64 -25.59 -2.36
C ALA J 122 43.40 -25.88 -1.07
N PHE J 123 42.86 -25.39 0.07
CA PHE J 123 43.49 -25.56 1.38
C PHE J 123 43.16 -26.91 2.03
N ASP J 124 44.20 -27.55 2.59
CA ASP J 124 44.09 -28.83 3.29
C ASP J 124 44.26 -28.54 4.79
N LYS J 125 43.19 -28.78 5.56
CA LYS J 125 43.14 -28.52 7.01
C LYS J 125 44.08 -29.42 7.83
N GLY J 126 44.25 -30.67 7.38
CA GLY J 126 45.09 -31.67 8.03
C GLY J 126 46.57 -31.39 7.96
N THR J 127 47.09 -31.15 6.75
CA THR J 127 48.51 -30.88 6.49
C THR J 127 48.90 -29.40 6.65
N MET J 128 47.89 -28.50 6.74
CA MET J 128 48.03 -27.04 6.87
C MET J 128 48.79 -26.41 5.69
N THR J 129 48.62 -26.99 4.47
CA THR J 129 49.27 -26.57 3.23
C THR J 129 48.25 -26.32 2.12
N PHE J 130 48.59 -25.41 1.18
CA PHE J 130 47.74 -25.07 0.03
C PHE J 130 48.14 -25.90 -1.19
N THR J 131 47.19 -26.69 -1.72
CA THR J 131 47.40 -27.57 -2.87
C THR J 131 47.35 -26.78 -4.18
N ALA J 132 48.34 -27.00 -5.06
CA ALA J 132 48.44 -26.34 -6.37
C ALA J 132 48.01 -27.31 -7.49
N ALA J 133 47.03 -26.89 -8.30
CA ALA J 133 46.50 -27.69 -9.41
C ALA J 133 47.11 -27.27 -10.75
N VAL J 134 47.24 -25.95 -10.98
CA VAL J 134 47.79 -25.34 -12.19
C VAL J 134 49.26 -24.94 -11.89
N PRO J 135 50.25 -25.17 -12.80
CA PRO J 135 51.65 -24.78 -12.51
C PRO J 135 51.89 -23.29 -12.21
N GLU J 136 50.84 -22.45 -12.37
CA GLU J 136 50.87 -21.01 -12.09
C GLU J 136 50.45 -20.71 -10.63
N ALA J 137 50.14 -21.75 -9.84
CA ALA J 137 49.72 -21.63 -8.45
C ALA J 137 50.85 -21.79 -7.42
N VAL J 138 52.07 -22.15 -7.90
CA VAL J 138 53.26 -22.33 -7.05
C VAL J 138 53.71 -21.00 -6.37
N PRO J 139 53.65 -19.78 -6.98
CA PRO J 139 54.05 -18.56 -6.24
C PRO J 139 53.08 -18.23 -5.09
N THR J 140 51.79 -18.59 -5.28
CA THR J 140 50.70 -18.38 -4.31
C THR J 140 50.89 -19.23 -3.06
N LYS J 141 51.16 -20.55 -3.23
CA LYS J 141 51.36 -21.48 -2.11
C LYS J 141 52.67 -21.20 -1.35
N ARG J 142 53.69 -20.66 -2.03
CA ARG J 142 54.98 -20.30 -1.42
C ARG J 142 54.86 -19.00 -0.61
N LYS J 143 53.86 -18.17 -0.94
CA LYS J 143 53.56 -16.90 -0.28
C LYS J 143 52.70 -17.09 0.99
N TRP J 144 51.66 -17.94 0.91
CA TRP J 144 50.72 -18.19 1.99
C TRP J 144 51.20 -19.17 3.07
N GLU J 145 52.12 -20.11 2.72
CA GLU J 145 52.69 -21.07 3.67
C GLU J 145 53.86 -20.46 4.44
N GLU J 146 54.39 -19.32 3.93
CA GLU J 146 55.49 -18.56 4.50
C GLU J 146 55.10 -17.81 5.78
N GLY J 147 53.97 -17.10 5.73
CA GLY J 147 53.46 -16.31 6.84
C GLY J 147 52.50 -17.03 7.77
N ASP J 148 51.73 -16.24 8.55
CA ASP J 148 50.74 -16.73 9.52
C ASP J 148 49.33 -16.87 8.94
N TYR J 149 49.22 -16.87 7.60
CA TYR J 149 47.95 -17.00 6.87
C TYR J 149 47.34 -18.41 6.99
N ALA J 150 48.19 -19.45 6.96
CA ALA J 150 47.77 -20.85 7.06
C ALA J 150 47.23 -21.19 8.46
N GLU J 151 47.85 -20.65 9.53
CA GLU J 151 47.38 -20.87 10.91
C GLU J 151 46.14 -20.04 11.24
N GLY J 152 46.03 -18.86 10.62
CA GLY J 152 44.87 -17.97 10.78
C GLY J 152 43.61 -18.53 10.14
N LEU J 153 43.76 -19.17 8.96
CA LEU J 153 42.67 -19.80 8.20
C LEU J 153 42.17 -21.06 8.92
N LYS J 154 43.10 -21.83 9.53
CA LYS J 154 42.78 -23.05 10.31
C LYS J 154 42.02 -22.66 11.57
N GLN J 155 42.40 -21.53 12.21
CA GLN J 155 41.77 -20.99 13.41
C GLN J 155 40.36 -20.47 13.09
N TYR J 156 40.17 -19.93 11.86
CA TYR J 156 38.89 -19.40 11.38
C TYR J 156 37.88 -20.53 11.16
N LEU J 157 38.24 -21.50 10.29
CA LEU J 157 37.40 -22.65 9.92
C LEU J 157 37.02 -23.58 11.08
N GLU J 158 37.80 -23.55 12.19
CA GLU J 158 37.56 -24.39 13.37
C GLU J 158 36.92 -23.65 14.54
N GLU J 159 37.08 -22.31 14.62
CA GLU J 159 36.53 -21.51 15.72
C GLU J 159 35.56 -20.40 15.28
N THR J 160 36.07 -19.35 14.58
CA THR J 160 35.31 -18.18 14.12
C THR J 160 34.10 -18.55 13.25
N CYS J 161 34.31 -19.41 12.25
CA CYS J 161 33.29 -19.90 11.31
C CYS J 161 32.25 -20.77 12.02
N VAL J 162 32.69 -21.63 12.95
CA VAL J 162 31.86 -22.55 13.73
C VAL J 162 30.98 -21.81 14.75
N GLU J 163 31.58 -20.90 15.55
CA GLU J 163 30.89 -20.11 16.59
C GLU J 163 29.80 -19.20 16.02
N TRP J 164 30.08 -18.53 14.89
CA TRP J 164 29.14 -17.62 14.23
C TRP J 164 27.97 -18.35 13.55
N LEU J 165 28.23 -19.53 12.96
CA LEU J 165 27.21 -20.36 12.30
C LEU J 165 26.16 -20.84 13.30
N ARG J 166 26.59 -21.15 14.55
CA ARG J 166 25.72 -21.56 15.65
C ARG J 166 24.74 -20.44 16.02
N ARG J 167 25.22 -19.17 15.94
CA ARG J 167 24.42 -17.97 16.20
C ARG J 167 23.41 -17.73 15.08
N TYR J 168 23.85 -17.83 13.81
CA TYR J 168 23.01 -17.63 12.62
C TYR J 168 21.81 -18.59 12.57
N VAL J 169 22.03 -19.85 13.00
CA VAL J 169 21.00 -20.90 13.07
C VAL J 169 19.99 -20.53 14.18
N GLU J 170 20.50 -20.09 15.35
CA GLU J 170 19.71 -19.67 16.50
C GLU J 170 18.86 -18.43 16.17
N TYR J 171 19.38 -17.53 15.31
CA TYR J 171 18.68 -16.32 14.87
C TYR J 171 17.52 -16.64 13.94
N GLY J 172 17.74 -17.56 12.99
CA GLY J 172 16.74 -17.97 12.01
C GLY J 172 16.32 -19.42 12.10
N LYS J 173 15.94 -19.86 13.32
CA LYS J 173 15.49 -21.23 13.56
C LYS J 173 14.10 -21.50 12.97
N ALA J 174 13.25 -20.46 12.90
CA ALA J 174 11.89 -20.54 12.38
C ALA J 174 11.86 -20.46 10.85
N GLU J 175 12.69 -19.58 10.26
CA GLU J 175 12.79 -19.35 8.81
C GLU J 175 13.44 -20.52 8.06
N LEU J 176 14.40 -21.23 8.69
CA LEU J 176 15.12 -22.36 8.10
C LEU J 176 14.44 -23.70 8.37
N GLY J 177 13.80 -23.82 9.53
CA GLY J 177 13.11 -25.03 9.96
C GLY J 177 11.68 -25.17 9.45
N ARG J 178 11.19 -24.18 8.67
CA ARG J 178 9.84 -24.20 8.11
C ARG J 178 9.71 -25.20 6.95
N ARG J 179 8.46 -25.59 6.63
CA ARG J 179 8.14 -26.53 5.55
C ARG J 179 6.95 -26.03 4.75
N GLU J 180 7.09 -25.95 3.41
CA GLU J 180 6.05 -25.47 2.50
C GLU J 180 5.68 -26.54 1.46
N ARG J 181 4.37 -26.73 1.22
CA ARG J 181 3.85 -27.69 0.26
C ARG J 181 4.05 -27.23 -1.20
N PRO J 182 4.59 -28.11 -2.08
CA PRO J 182 4.91 -27.69 -3.46
C PRO J 182 3.79 -27.28 -4.41
N GLU J 183 2.57 -27.85 -4.28
CA GLU J 183 1.41 -27.64 -5.17
C GLU J 183 1.75 -28.22 -6.56
N VAL J 184 1.47 -29.52 -6.74
CA VAL J 184 1.79 -30.27 -7.96
C VAL J 184 0.66 -30.24 -9.01
N ARG J 185 1.04 -29.99 -10.28
CA ARG J 185 0.14 -29.96 -11.44
C ARG J 185 0.72 -30.84 -12.56
N VAL J 186 -0.11 -31.73 -13.13
CA VAL J 186 0.29 -32.67 -14.19
C VAL J 186 -0.33 -32.26 -15.54
N TRP J 187 0.51 -32.20 -16.60
CA TRP J 187 0.11 -31.84 -17.96
C TRP J 187 0.62 -32.86 -18.99
N GLY J 188 -0.08 -32.97 -20.12
CA GLY J 188 0.25 -33.89 -21.20
C GLY J 188 0.11 -33.31 -22.59
N LYS J 189 1.00 -33.71 -23.50
CA LYS J 189 1.04 -33.27 -24.91
C LYS J 189 1.35 -34.43 -25.86
N GLU J 190 0.82 -34.38 -27.09
CA GLU J 190 1.03 -35.40 -28.11
C GLU J 190 1.64 -34.78 -29.38
N ALA J 191 2.82 -35.28 -29.78
CA ALA J 191 3.57 -34.84 -30.96
C ALA J 191 4.49 -35.94 -31.49
N ASP J 192 4.49 -36.15 -32.83
CA ASP J 192 5.30 -37.12 -33.58
C ASP J 192 5.12 -38.58 -33.08
N GLY J 193 3.87 -38.93 -32.76
CA GLY J 193 3.50 -40.27 -32.28
C GLY J 193 3.96 -40.63 -30.89
N ILE J 194 4.43 -39.64 -30.10
CA ILE J 194 4.87 -39.86 -28.71
C ILE J 194 4.20 -38.87 -27.74
N LEU J 195 3.67 -39.41 -26.64
CA LEU J 195 2.98 -38.66 -25.59
C LEU J 195 3.99 -38.24 -24.52
N THR J 196 4.10 -36.92 -24.26
CA THR J 196 5.00 -36.34 -23.27
C THR J 196 4.22 -35.93 -22.02
N LEU J 197 4.52 -36.58 -20.88
CA LEU J 197 3.86 -36.31 -19.59
C LEU J 197 4.77 -35.48 -18.69
N SER J 198 4.28 -34.30 -18.25
CA SER J 198 5.02 -33.36 -17.42
C SER J 198 4.50 -33.31 -15.98
N CYS J 199 5.42 -33.25 -15.01
CA CYS J 199 5.12 -33.14 -13.58
C CYS J 199 5.86 -31.92 -13.02
N ARG J 200 5.12 -30.94 -12.45
CA ARG J 200 5.70 -29.71 -11.93
C ARG J 200 5.33 -29.37 -10.50
N ALA J 201 6.35 -29.13 -9.66
CA ALA J 201 6.21 -28.70 -8.27
C ALA J 201 6.60 -27.22 -8.26
N HIS J 202 5.68 -26.34 -7.82
CA HIS J 202 5.87 -24.89 -7.88
C HIS J 202 6.62 -24.24 -6.70
N GLY J 203 6.12 -24.37 -5.47
CA GLY J 203 6.74 -23.73 -4.32
C GLY J 203 6.92 -24.59 -3.09
N PHE J 204 8.10 -25.20 -2.94
CA PHE J 204 8.45 -26.06 -1.81
C PHE J 204 9.71 -25.62 -1.07
N TYR J 205 9.76 -25.90 0.24
CA TYR J 205 10.90 -25.60 1.13
C TYR J 205 11.07 -26.73 2.15
N PRO J 206 12.28 -27.31 2.36
CA PRO J 206 13.59 -26.96 1.75
C PRO J 206 13.78 -27.43 0.30
N ARG J 207 14.96 -27.11 -0.27
CA ARG J 207 15.40 -27.41 -1.63
C ARG J 207 15.30 -28.92 -2.03
N PRO J 208 15.78 -29.91 -1.23
CA PRO J 208 15.69 -31.32 -1.69
C PRO J 208 14.28 -31.86 -1.87
N ILE J 209 14.05 -32.54 -3.02
CA ILE J 209 12.78 -33.15 -3.42
C ILE J 209 13.02 -34.39 -4.31
N VAL J 210 12.09 -35.37 -4.27
CA VAL J 210 12.16 -36.59 -5.07
C VAL J 210 10.90 -36.67 -5.94
N VAL J 211 11.00 -36.22 -7.19
CA VAL J 211 9.91 -36.24 -8.16
C VAL J 211 10.28 -37.22 -9.28
N SER J 212 9.59 -38.37 -9.31
CA SER J 212 9.84 -39.43 -10.29
C SER J 212 8.56 -40.05 -10.83
N TRP J 213 8.57 -40.42 -12.12
CA TRP J 213 7.44 -41.05 -12.79
C TRP J 213 7.40 -42.55 -12.54
N LEU J 214 6.20 -43.08 -12.26
CA LEU J 214 5.98 -44.49 -11.96
C LEU J 214 5.01 -45.15 -12.94
N LYS J 215 5.44 -46.27 -13.54
CA LYS J 215 4.65 -47.04 -14.50
C LYS J 215 4.27 -48.40 -13.88
N ASP J 216 2.96 -48.60 -13.62
CA ASP J 216 2.35 -49.79 -13.01
C ASP J 216 2.99 -50.17 -11.66
N GLY J 217 3.27 -49.16 -10.85
CA GLY J 217 3.86 -49.31 -9.52
C GLY J 217 5.38 -49.24 -9.49
N ALA J 218 6.04 -49.61 -10.61
CA ALA J 218 7.50 -49.59 -10.75
C ALA J 218 8.02 -48.22 -11.16
N VAL J 219 9.12 -47.77 -10.54
CA VAL J 219 9.76 -46.47 -10.79
C VAL J 219 10.61 -46.56 -12.06
N ARG J 220 10.39 -45.63 -13.01
CA ARG J 220 11.12 -45.58 -14.27
C ARG J 220 12.25 -44.54 -14.21
N GLY J 221 13.47 -44.99 -14.52
CA GLY J 221 14.66 -44.16 -14.51
C GLY J 221 15.56 -44.34 -15.72
N GLN J 222 14.98 -44.12 -16.92
CA GLN J 222 15.68 -44.25 -18.21
C GLN J 222 15.14 -43.21 -19.21
N ASP J 223 13.81 -43.16 -19.37
CA ASP J 223 13.13 -42.24 -20.28
C ASP J 223 12.74 -40.91 -19.61
N ALA J 224 12.77 -40.85 -18.27
CA ALA J 224 12.42 -39.64 -17.52
C ALA J 224 13.55 -38.60 -17.53
N HIS J 225 13.21 -37.38 -17.97
CA HIS J 225 14.13 -36.24 -18.05
C HIS J 225 13.84 -35.26 -16.92
N SER J 226 14.89 -34.73 -16.28
CA SER J 226 14.77 -33.78 -15.18
C SER J 226 15.66 -32.55 -15.35
N GLY J 227 15.15 -31.39 -14.94
CA GLY J 227 15.88 -30.12 -15.02
C GLY J 227 16.43 -29.67 -13.68
N GLY J 228 16.49 -30.59 -12.71
CA GLY J 228 16.98 -30.34 -11.36
C GLY J 228 16.08 -29.45 -10.53
N ILE J 229 16.62 -28.92 -9.41
CA ILE J 229 15.88 -28.03 -8.52
C ILE J 229 16.34 -26.58 -8.76
N VAL J 230 15.39 -25.74 -9.22
CA VAL J 230 15.61 -24.33 -9.56
C VAL J 230 14.99 -23.40 -8.49
N PRO J 231 15.70 -22.31 -8.06
CA PRO J 231 15.13 -21.44 -7.01
C PRO J 231 14.16 -20.36 -7.49
N ASN J 232 13.34 -19.84 -6.56
CA ASN J 232 12.38 -18.77 -6.80
C ASN J 232 12.80 -17.46 -6.11
N GLY J 233 12.22 -16.34 -6.55
CA GLY J 233 12.51 -15.01 -6.04
C GLY J 233 12.21 -14.76 -4.58
N ASP J 234 11.08 -15.29 -4.08
CA ASP J 234 10.64 -15.13 -2.69
C ASP J 234 11.51 -15.89 -1.68
N GLY J 235 12.05 -17.04 -2.09
CA GLY J 235 12.92 -17.87 -1.25
C GLY J 235 12.60 -19.35 -1.31
N THR J 236 11.54 -19.73 -2.05
CA THR J 236 11.11 -21.12 -2.21
C THR J 236 11.81 -21.78 -3.42
N TYR J 237 11.50 -23.06 -3.70
CA TYR J 237 12.11 -23.82 -4.80
C TYR J 237 11.08 -24.44 -5.78
N HIS J 238 11.53 -24.71 -7.02
CA HIS J 238 10.75 -25.28 -8.15
C HIS J 238 11.53 -26.44 -8.78
N THR J 239 10.81 -27.40 -9.44
CA THR J 239 11.43 -28.54 -10.13
C THR J 239 10.63 -28.95 -11.39
N TRP J 240 11.34 -29.47 -12.41
CA TRP J 240 10.79 -29.89 -13.70
C TRP J 240 11.16 -31.35 -14.00
N VAL J 241 10.14 -32.23 -14.12
CA VAL J 241 10.33 -33.67 -14.42
C VAL J 241 9.34 -34.07 -15.53
N THR J 242 9.87 -34.52 -16.69
CA THR J 242 9.08 -34.96 -17.86
C THR J 242 9.42 -36.40 -18.27
N ILE J 243 8.53 -37.06 -19.05
CA ILE J 243 8.73 -38.44 -19.51
C ILE J 243 8.10 -38.66 -20.91
N ASP J 244 8.79 -39.44 -21.76
CA ASP J 244 8.33 -39.80 -23.11
C ASP J 244 7.71 -41.20 -23.08
N ALA J 245 6.43 -41.30 -23.49
CA ALA J 245 5.67 -42.56 -23.48
C ALA J 245 4.78 -42.74 -24.71
N GLN J 246 4.33 -43.99 -24.95
CA GLN J 246 3.45 -44.34 -26.07
C GLN J 246 2.02 -43.82 -25.81
N PRO J 247 1.30 -43.30 -26.85
CA PRO J 247 -0.07 -42.79 -26.60
C PRO J 247 -1.08 -43.90 -26.34
N GLY J 248 -1.92 -43.69 -25.33
CA GLY J 248 -2.94 -44.64 -24.93
C GLY J 248 -2.77 -45.19 -23.53
N ASP J 249 -1.51 -45.36 -23.07
CA ASP J 249 -1.19 -45.89 -21.74
C ASP J 249 -0.94 -44.77 -20.71
N GLY J 250 -1.81 -43.76 -20.72
CA GLY J 250 -1.77 -42.63 -19.81
C GLY J 250 -2.20 -42.96 -18.39
N ASP J 251 -3.10 -43.95 -18.26
CA ASP J 251 -3.65 -44.44 -16.98
C ASP J 251 -2.57 -45.15 -16.15
N LYS J 252 -1.62 -45.83 -16.83
CA LYS J 252 -0.52 -46.57 -16.23
C LYS J 252 0.50 -45.68 -15.51
N TYR J 253 0.69 -44.44 -15.99
CA TYR J 253 1.64 -43.47 -15.43
C TYR J 253 1.09 -42.67 -14.26
N GLN J 254 1.90 -42.56 -13.19
CA GLN J 254 1.60 -41.83 -11.96
C GLN J 254 2.85 -41.11 -11.45
N CYS J 255 2.72 -39.81 -11.11
CA CYS J 255 3.84 -39.01 -10.60
C CYS J 255 3.87 -38.99 -9.07
N ARG J 256 4.97 -39.49 -8.48
CA ARG J 256 5.16 -39.53 -7.04
C ARG J 256 6.10 -38.39 -6.60
N VAL J 257 5.65 -37.59 -5.61
CA VAL J 257 6.41 -36.47 -5.07
C VAL J 257 6.73 -36.75 -3.58
N GLU J 258 8.04 -36.79 -3.26
CA GLU J 258 8.54 -37.04 -1.91
C GLU J 258 9.20 -35.78 -1.38
N HIS J 259 8.65 -35.23 -0.28
CA HIS J 259 9.14 -34.00 0.35
C HIS J 259 8.98 -34.04 1.87
N ALA J 260 9.79 -33.23 2.59
CA ALA J 260 9.79 -33.12 4.06
C ALA J 260 8.47 -32.57 4.61
N SER J 261 7.80 -31.69 3.85
CA SER J 261 6.52 -31.08 4.22
C SER J 261 5.37 -32.09 4.24
N LEU J 262 5.41 -33.08 3.33
CA LEU J 262 4.40 -34.12 3.22
C LEU J 262 4.74 -35.33 4.11
N PRO J 263 3.79 -35.81 4.97
CA PRO J 263 4.10 -36.97 5.81
C PRO J 263 4.16 -38.29 5.02
N GLN J 264 3.39 -38.38 3.92
CA GLN J 264 3.33 -39.52 3.02
C GLN J 264 3.54 -39.05 1.56
N PRO J 265 4.23 -39.84 0.70
CA PRO J 265 4.45 -39.37 -0.69
C PRO J 265 3.16 -39.19 -1.50
N GLY J 266 3.02 -38.02 -2.10
CA GLY J 266 1.85 -37.64 -2.88
C GLY J 266 1.85 -38.17 -4.30
N LEU J 267 0.84 -38.99 -4.63
CA LEU J 267 0.65 -39.57 -5.97
C LEU J 267 -0.26 -38.67 -6.80
N TYR J 268 0.13 -38.39 -8.06
CA TYR J 268 -0.62 -37.52 -8.96
C TYR J 268 -0.79 -38.16 -10.33
N SER J 269 -2.05 -38.27 -10.79
CA SER J 269 -2.40 -38.90 -12.08
C SER J 269 -2.82 -37.88 -13.13
N TRP J 270 -2.62 -38.22 -14.41
CA TRP J 270 -2.98 -37.38 -15.56
C TRP J 270 -4.37 -37.71 -16.08
N GLU J 271 -5.36 -36.87 -15.72
CA GLU J 271 -6.74 -37.03 -16.15
C GLU J 271 -6.99 -36.07 -17.34
N PRO J 272 -7.19 -36.58 -18.58
CA PRO J 272 -7.41 -35.68 -19.73
C PRO J 272 -8.79 -35.02 -19.71
N ARG J 273 -8.96 -33.91 -20.47
CA ARG J 273 -10.22 -33.17 -20.50
C ARG J 273 -10.85 -33.08 -21.91
N SER J 274 -10.32 -32.18 -22.77
CA SER J 274 -10.80 -31.90 -24.13
C SER J 274 -10.90 -33.14 -25.02
N LEU K 2 31.02 -22.60 -20.38
CA LEU K 2 30.09 -23.51 -21.03
C LEU K 2 28.77 -22.83 -21.44
N THR K 3 27.93 -23.59 -22.18
CA THR K 3 26.62 -23.19 -22.71
C THR K 3 25.59 -23.04 -21.57
N PRO K 4 24.88 -21.89 -21.47
CA PRO K 4 23.87 -21.77 -20.40
C PRO K 4 22.61 -22.60 -20.62
N LYS K 5 22.22 -23.39 -19.61
CA LYS K 5 21.02 -24.23 -19.63
C LYS K 5 19.88 -23.40 -19.05
N VAL K 6 19.04 -22.85 -19.94
CA VAL K 6 17.94 -21.95 -19.59
C VAL K 6 16.61 -22.70 -19.45
N GLN K 7 15.89 -22.42 -18.34
CA GLN K 7 14.58 -23.00 -18.03
C GLN K 7 13.60 -21.89 -17.65
N VAL K 8 12.55 -21.70 -18.47
CA VAL K 8 11.52 -20.69 -18.24
C VAL K 8 10.28 -21.35 -17.62
N TYR K 9 9.80 -20.78 -16.49
CA TYR K 9 8.68 -21.31 -15.70
C TYR K 9 7.96 -20.22 -14.90
N SER K 10 6.81 -20.56 -14.29
CA SER K 10 6.01 -19.67 -13.47
C SER K 10 6.07 -20.06 -11.98
N ARG K 11 5.92 -19.06 -11.09
CA ARG K 11 5.95 -19.25 -9.63
C ARG K 11 4.76 -20.09 -9.13
N PHE K 12 3.56 -19.83 -9.66
CA PHE K 12 2.32 -20.54 -9.32
C PHE K 12 1.72 -21.23 -10.56
N PRO K 13 0.84 -22.28 -10.41
CA PRO K 13 0.26 -22.92 -11.60
C PRO K 13 -0.49 -21.92 -12.47
N ALA K 14 -0.05 -21.79 -13.73
CA ALA K 14 -0.56 -20.86 -14.73
C ALA K 14 -2.05 -20.99 -15.05
N SER K 15 -2.72 -19.83 -15.02
CA SER K 15 -4.14 -19.60 -15.33
C SER K 15 -4.29 -18.09 -15.55
N ALA K 16 -4.90 -17.70 -16.69
CA ALA K 16 -5.10 -16.30 -17.07
C ALA K 16 -5.97 -15.52 -16.07
N GLY K 17 -5.75 -14.19 -16.03
CA GLY K 17 -6.42 -13.26 -15.12
C GLY K 17 -6.05 -13.43 -13.66
N THR K 18 -4.89 -14.07 -13.36
CA THR K 18 -4.41 -14.32 -11.99
C THR K 18 -3.01 -13.73 -11.81
N LYS K 19 -2.70 -13.23 -10.59
CA LYS K 19 -1.39 -12.66 -10.27
C LYS K 19 -0.34 -13.79 -10.15
N ASN K 20 0.68 -13.75 -11.03
CA ASN K 20 1.76 -14.74 -11.08
C ASN K 20 3.13 -14.08 -11.33
N VAL K 21 4.23 -14.83 -11.10
CA VAL K 21 5.59 -14.35 -11.31
C VAL K 21 6.29 -15.23 -12.36
N LEU K 22 6.80 -14.61 -13.44
CA LEU K 22 7.49 -15.32 -14.52
C LEU K 22 8.98 -15.38 -14.20
N ASN K 23 9.51 -16.61 -14.03
CA ASN K 23 10.91 -16.85 -13.69
C ASN K 23 11.70 -17.41 -14.87
N CYS K 24 12.94 -16.92 -15.04
CA CYS K 24 13.86 -17.36 -16.08
C CYS K 24 15.22 -17.66 -15.43
N PHE K 25 15.56 -18.95 -15.34
CA PHE K 25 16.80 -19.39 -14.70
C PHE K 25 17.78 -20.03 -15.68
N ALA K 26 19.03 -19.53 -15.70
CA ALA K 26 20.11 -20.02 -16.53
C ALA K 26 21.21 -20.59 -15.63
N ALA K 27 21.68 -21.81 -15.93
CA ALA K 27 22.70 -22.50 -15.14
C ALA K 27 23.77 -23.17 -15.99
N GLY K 28 24.99 -23.25 -15.45
CA GLY K 28 26.13 -23.86 -16.10
C GLY K 28 26.73 -23.04 -17.22
N PHE K 29 27.15 -21.80 -16.92
CA PHE K 29 27.73 -20.90 -17.91
C PHE K 29 29.00 -20.20 -17.45
N HIS K 30 29.90 -19.91 -18.42
CA HIS K 30 31.17 -19.23 -18.25
C HIS K 30 31.58 -18.58 -19.59
N PRO K 31 31.96 -17.28 -19.67
CA PRO K 31 32.12 -16.26 -18.60
C PRO K 31 30.83 -15.89 -17.86
N PRO K 32 30.90 -15.28 -16.64
CA PRO K 32 29.67 -14.93 -15.91
C PRO K 32 28.79 -13.84 -16.55
N LYS K 33 29.32 -13.07 -17.52
CA LYS K 33 28.59 -12.02 -18.22
C LYS K 33 27.47 -12.63 -19.07
N ILE K 34 26.22 -12.31 -18.73
CA ILE K 34 25.02 -12.83 -19.41
C ILE K 34 23.91 -11.76 -19.46
N SER K 35 23.16 -11.72 -20.59
CA SER K 35 22.06 -10.77 -20.79
C SER K 35 20.73 -11.52 -20.91
N ILE K 36 20.04 -11.69 -19.77
CA ILE K 36 18.75 -12.38 -19.68
C ILE K 36 17.63 -11.34 -19.54
N THR K 37 16.65 -11.37 -20.46
CA THR K 37 15.52 -10.44 -20.46
C THR K 37 14.19 -11.17 -20.68
N LEU K 38 13.20 -10.89 -19.81
CA LEU K 38 11.86 -11.47 -19.89
C LEU K 38 11.06 -10.68 -20.94
N MET K 39 10.55 -11.38 -21.97
CA MET K 39 9.83 -10.78 -23.09
C MET K 39 8.33 -11.07 -23.09
N LYS K 40 7.55 -10.12 -23.63
CA LYS K 40 6.09 -10.18 -23.80
C LYS K 40 5.80 -9.72 -25.22
N ASP K 41 5.62 -10.69 -26.15
CA ASP K 41 5.37 -10.51 -27.59
C ASP K 41 6.53 -9.76 -28.30
N GLY K 42 7.75 -9.99 -27.84
CA GLY K 42 8.96 -9.39 -28.37
C GLY K 42 9.40 -8.11 -27.68
N VAL K 43 8.55 -7.58 -26.77
CA VAL K 43 8.81 -6.34 -26.01
C VAL K 43 9.18 -6.71 -24.55
N PRO K 44 10.29 -6.17 -23.97
CA PRO K 44 10.65 -6.52 -22.58
C PRO K 44 9.58 -6.22 -21.54
N MET K 45 9.46 -7.10 -20.52
CA MET K 45 8.49 -7.00 -19.43
C MET K 45 8.73 -5.84 -18.47
N GLU K 46 7.67 -5.40 -17.77
CA GLU K 46 7.70 -4.30 -16.80
C GLU K 46 8.05 -4.79 -15.39
N GLY K 47 8.95 -4.07 -14.72
CA GLY K 47 9.39 -4.35 -13.37
C GLY K 47 10.12 -5.66 -13.20
N ALA K 48 11.20 -5.85 -13.98
CA ALA K 48 12.01 -7.07 -13.94
C ALA K 48 13.08 -6.99 -12.85
N GLN K 49 13.09 -7.97 -11.93
CA GLN K 49 14.05 -8.05 -10.83
C GLN K 49 15.11 -9.11 -11.13
N TYR K 50 16.39 -8.76 -10.90
CA TYR K 50 17.54 -9.64 -11.18
C TYR K 50 18.16 -10.18 -9.90
N SER K 51 17.94 -11.48 -9.60
CA SER K 51 18.46 -12.14 -8.40
C SER K 51 19.99 -12.16 -8.40
N ASP K 52 20.59 -12.05 -7.19
CA ASP K 52 22.05 -12.04 -6.98
C ASP K 52 22.73 -13.25 -7.61
N MET K 53 23.85 -13.00 -8.31
CA MET K 53 24.62 -14.03 -9.03
C MET K 53 25.38 -14.95 -8.07
N SER K 54 25.34 -16.27 -8.37
CA SER K 54 26.00 -17.32 -7.59
C SER K 54 26.58 -18.40 -8.51
N PHE K 55 27.35 -19.35 -7.94
CA PHE K 55 27.94 -20.46 -8.70
C PHE K 55 27.94 -21.77 -7.92
N ASN K 56 27.80 -22.90 -8.64
CA ASN K 56 27.76 -24.26 -8.10
C ASN K 56 29.19 -24.77 -7.75
N ASP K 57 29.28 -25.99 -7.18
CA ASP K 57 30.52 -26.66 -6.77
C ASP K 57 31.53 -26.83 -7.91
N ASP K 58 31.04 -27.01 -9.15
CA ASP K 58 31.88 -27.18 -10.35
C ASP K 58 32.27 -25.83 -11.01
N TRP K 59 32.21 -24.72 -10.23
CA TRP K 59 32.55 -23.34 -10.58
C TRP K 59 31.69 -22.73 -11.72
N THR K 60 30.55 -23.38 -12.06
CA THR K 60 29.64 -22.93 -13.11
C THR K 60 28.61 -21.93 -12.54
N PHE K 61 28.53 -20.74 -13.15
CA PHE K 61 27.65 -19.65 -12.75
C PHE K 61 26.15 -19.92 -12.96
N GLN K 62 25.30 -19.25 -12.17
CA GLN K 62 23.84 -19.34 -12.21
C GLN K 62 23.17 -18.01 -11.85
N ARG K 63 22.07 -17.67 -12.56
CA ARG K 63 21.32 -16.42 -12.35
C ARG K 63 19.82 -16.57 -12.62
N LEU K 64 19.00 -15.86 -11.81
CA LEU K 64 17.52 -15.87 -11.90
C LEU K 64 16.96 -14.48 -12.18
N VAL K 65 15.98 -14.40 -13.09
CA VAL K 65 15.29 -13.16 -13.47
C VAL K 65 13.77 -13.39 -13.25
N HIS K 66 13.16 -12.60 -12.36
CA HIS K 66 11.75 -12.71 -12.02
C HIS K 66 11.02 -11.36 -12.05
N ALA K 67 9.73 -11.38 -12.46
CA ALA K 67 8.87 -10.19 -12.57
C ALA K 67 7.39 -10.54 -12.37
N ASP K 68 6.64 -9.68 -11.65
CA ASP K 68 5.21 -9.83 -11.38
C ASP K 68 4.41 -9.54 -12.66
N PHE K 69 3.49 -10.46 -13.05
CA PHE K 69 2.70 -10.34 -14.27
C PHE K 69 1.31 -11.01 -14.18
N THR K 70 0.51 -10.86 -15.26
CA THR K 70 -0.82 -11.46 -15.41
C THR K 70 -0.88 -12.14 -16.80
N PRO K 71 -0.99 -13.48 -16.88
CA PRO K 71 -1.01 -14.14 -18.20
C PRO K 71 -2.33 -13.99 -18.97
N SER K 72 -2.28 -14.25 -20.28
CA SER K 72 -3.42 -14.20 -21.21
C SER K 72 -3.22 -15.19 -22.35
N SER K 73 -4.32 -15.78 -22.85
CA SER K 73 -4.31 -16.76 -23.95
C SER K 73 -3.78 -16.22 -25.28
N GLY K 74 -4.06 -14.96 -25.56
CA GLY K 74 -3.64 -14.28 -26.79
C GLY K 74 -2.16 -13.97 -26.84
N SER K 75 -1.67 -13.23 -25.81
CA SER K 75 -0.27 -12.81 -25.70
C SER K 75 0.66 -13.98 -25.35
N THR K 76 1.85 -14.01 -26.00
CA THR K 76 2.87 -15.05 -25.80
C THR K 76 4.03 -14.52 -24.93
N TYR K 77 4.58 -15.41 -24.07
CA TYR K 77 5.69 -15.08 -23.18
C TYR K 77 6.94 -15.89 -23.50
N ALA K 78 8.08 -15.20 -23.64
CA ALA K 78 9.38 -15.81 -23.98
C ALA K 78 10.54 -15.17 -23.19
N CYS K 79 11.72 -15.83 -23.20
CA CYS K 79 12.91 -15.36 -22.51
C CYS K 79 14.12 -15.26 -23.45
N LYS K 80 14.67 -14.05 -23.62
CA LYS K 80 15.81 -13.77 -24.49
C LYS K 80 17.11 -13.84 -23.67
N VAL K 81 18.02 -14.75 -24.06
CA VAL K 81 19.31 -14.97 -23.38
C VAL K 81 20.48 -14.73 -24.35
N GLU K 82 21.42 -13.85 -23.96
CA GLU K 82 22.61 -13.51 -24.76
C GLU K 82 23.88 -13.90 -23.99
N HIS K 83 24.77 -14.67 -24.63
CA HIS K 83 26.03 -15.15 -24.05
C HIS K 83 27.16 -15.19 -25.11
N GLU K 84 28.43 -15.16 -24.64
CA GLU K 84 29.63 -15.20 -25.49
C GLU K 84 29.81 -16.52 -26.24
N THR K 85 29.50 -17.65 -25.56
CA THR K 85 29.60 -19.01 -26.11
C THR K 85 28.64 -19.20 -27.28
N LEU K 86 27.42 -18.64 -27.16
CA LEU K 86 26.37 -18.71 -28.19
C LEU K 86 26.61 -17.66 -29.27
N LYS K 87 26.52 -18.09 -30.55
CA LYS K 87 26.70 -17.20 -31.71
C LYS K 87 25.46 -16.35 -32.01
N GLU K 88 24.27 -16.85 -31.64
CA GLU K 88 22.98 -16.18 -31.86
C GLU K 88 22.17 -16.09 -30.56
N PRO K 89 21.43 -14.97 -30.31
CA PRO K 89 20.60 -14.87 -29.09
C PRO K 89 19.50 -15.93 -29.07
N GLN K 90 19.53 -16.81 -28.05
CA GLN K 90 18.57 -17.91 -27.88
C GLN K 90 17.29 -17.45 -27.20
N VAL K 91 16.13 -17.79 -27.79
CA VAL K 91 14.80 -17.44 -27.29
C VAL K 91 14.12 -18.69 -26.74
N TYR K 92 13.72 -18.65 -25.45
CA TYR K 92 13.06 -19.76 -24.76
C TYR K 92 11.59 -19.46 -24.47
N LYS K 93 10.69 -20.11 -25.24
CA LYS K 93 9.24 -19.96 -25.13
C LYS K 93 8.69 -20.61 -23.86
N TRP K 94 7.77 -19.90 -23.16
CA TRP K 94 7.12 -20.36 -21.95
C TRP K 94 5.74 -20.93 -22.26
N ASP K 95 5.46 -22.16 -21.77
CA ASP K 95 4.18 -22.83 -21.97
C ASP K 95 3.34 -22.79 -20.68
N PRO K 96 2.09 -22.28 -20.73
CA PRO K 96 1.28 -22.18 -19.51
C PRO K 96 0.66 -23.50 -19.03
N GLU K 97 0.17 -24.33 -19.99
CA GLU K 97 -0.47 -25.62 -19.73
C GLU K 97 0.49 -26.80 -19.95
N PHE K 98 1.78 -26.63 -19.58
CA PHE K 98 2.82 -27.65 -19.68
C PHE K 98 3.97 -27.37 -18.70
N VAL L 1 30.54 -14.61 9.44
CA VAL L 1 31.63 -13.63 9.38
C VAL L 1 32.64 -14.02 8.30
N ILE L 2 32.91 -13.10 7.36
CA ILE L 2 33.86 -13.29 6.26
C ILE L 2 35.31 -13.27 6.73
N PHE L 3 36.17 -14.05 6.05
CA PHE L 3 37.60 -14.15 6.35
C PHE L 3 38.39 -13.14 5.50
N PRO L 4 39.36 -12.39 6.09
CA PRO L 4 40.13 -11.42 5.30
C PRO L 4 41.05 -12.06 4.26
N ALA L 5 41.00 -11.56 3.01
CA ALA L 5 41.78 -12.05 1.89
C ALA L 5 43.23 -11.53 1.89
N LYS L 6 44.13 -12.28 1.24
CA LYS L 6 45.56 -11.94 1.11
C LYS L 6 45.96 -11.92 -0.37
N SER L 7 47.02 -11.16 -0.71
CA SER L 7 47.56 -11.02 -2.07
C SER L 7 48.11 -12.35 -2.58
N LEU L 8 47.84 -12.65 -3.87
CA LEU L 8 48.28 -13.88 -4.53
C LEU L 8 49.77 -13.86 -4.88
#